data_3JQM
#
_entry.id   3JQM
#
_cell.length_a   69.929
_cell.length_b   111.567
_cell.length_c   311.423
_cell.angle_alpha   90.00
_cell.angle_beta   90.00
_cell.angle_gamma   90.00
#
_symmetry.space_group_name_H-M   'C 2 2 21'
#
loop_
_entity.id
_entity.type
_entity.pdbx_description
1 polymer 'Molybdenum cofactor biosynthesis protein C'
2 non-polymer "GUANOSINE-5'-TRIPHOSPHATE"
3 non-polymer 'CITRATE ANION'
4 non-polymer GLYCEROL
5 non-polymer 1,2-ETHANEDIOL
6 non-polymer DI(HYDROXYETHYL)ETHER
7 water water
#
_entity_poly.entity_id   1
_entity_poly.type   'polypeptide(L)'
_entity_poly.pdbx_seq_one_letter_code
;MDLTHFQDGRPRMVDVTEKPETFRTATAEAFVELTEEALSALEKGGVGKGDPLVVAQLAGILAAKKTADLIPLCHPLPLT
GVEVRVELLKAEKRVRIEATVKTKAETGVEMEAMTACAVAALTVYDMLKAASKGLVISQVRLLHKAGGKSGEWRREQ
;
_entity_poly.pdbx_strand_id   A,B,C,D,E,F,G,H,I
#
loop_
_chem_comp.id
_chem_comp.type
_chem_comp.name
_chem_comp.formula
EDO non-polymer 1,2-ETHANEDIOL 'C2 H6 O2'
FLC non-polymer 'CITRATE ANION' 'C6 H5 O7 -3'
GOL non-polymer GLYCEROL 'C3 H8 O3'
GTP non-polymer GUANOSINE-5'-TRIPHOSPHATE 'C10 H16 N5 O14 P3'
PEG non-polymer DI(HYDROXYETHYL)ETHER 'C4 H10 O3'
#
# COMPACT_ATOMS: atom_id res chain seq x y z
N GLY A 9 39.13 52.78 5.31
CA GLY A 9 38.60 51.97 4.17
C GLY A 9 38.49 50.48 4.49
N ARG A 10 39.20 50.04 5.52
CA ARG A 10 39.18 48.63 5.92
C ARG A 10 37.85 48.33 6.60
N PRO A 11 37.44 47.05 6.62
CA PRO A 11 36.19 46.64 7.25
C PRO A 11 36.22 46.56 8.77
N ARG A 12 35.07 46.79 9.40
CA ARG A 12 35.00 46.72 10.86
C ARG A 12 33.58 46.80 11.42
N MET A 13 33.44 46.39 12.67
CA MET A 13 32.15 46.46 13.33
C MET A 13 32.09 47.81 14.03
N VAL A 14 31.26 48.69 13.48
CA VAL A 14 31.07 50.04 13.98
C VAL A 14 30.83 50.15 15.50
N ASP A 15 31.59 51.03 16.14
CA ASP A 15 31.50 51.27 17.56
C ASP A 15 30.17 51.96 17.92
N VAL A 16 29.32 51.27 18.67
CA VAL A 16 28.02 51.79 19.10
C VAL A 16 27.91 51.70 20.62
N THR A 17 29.05 51.74 21.29
CA THR A 17 29.11 51.63 22.75
C THR A 17 28.36 52.72 23.51
N GLU A 18 28.51 53.96 23.06
CA GLU A 18 27.87 55.11 23.72
C GLU A 18 26.44 55.39 23.31
N LYS A 19 25.85 54.49 22.52
CA LYS A 19 24.48 54.65 22.10
C LYS A 19 23.57 53.95 23.12
N PRO A 20 22.34 54.45 23.30
CA PRO A 20 21.45 53.80 24.27
C PRO A 20 20.70 52.59 23.73
N GLU A 21 20.47 51.62 24.61
CA GLU A 21 19.75 50.41 24.25
C GLU A 21 18.25 50.74 24.25
N THR A 22 17.64 50.70 23.08
CA THR A 22 16.23 51.00 22.93
C THR A 22 15.50 49.89 22.20
N PHE A 23 14.21 50.10 21.98
CA PHE A 23 13.37 49.12 21.28
C PHE A 23 13.62 49.29 19.80
N ARG A 24 14.17 48.26 19.18
CA ARG A 24 14.47 48.29 17.76
C ARG A 24 13.50 47.36 17.06
N THR A 25 13.18 47.66 15.81
CA THR A 25 12.28 46.79 15.07
C THR A 25 12.49 46.93 13.56
N ALA A 26 12.40 45.81 12.85
CA ALA A 26 12.56 45.81 11.40
C ALA A 26 11.65 44.78 10.76
N THR A 27 11.17 45.10 9.55
CA THR A 27 10.30 44.21 8.82
C THR A 27 10.71 44.22 7.36
N ALA A 28 10.95 43.04 6.81
CA ALA A 28 11.35 42.91 5.42
C ALA A 28 10.54 41.77 4.81
N GLU A 29 10.55 41.67 3.48
CA GLU A 29 9.84 40.59 2.80
C GLU A 29 10.68 39.96 1.68
N ALA A 30 10.22 38.82 1.18
CA ALA A 30 10.91 38.10 0.13
C ALA A 30 9.88 37.38 -0.71
N PHE A 31 10.16 37.29 -2.02
CA PHE A 31 9.27 36.62 -2.95
C PHE A 31 9.95 35.48 -3.68
N VAL A 32 9.17 34.46 -4.01
CA VAL A 32 9.65 33.29 -4.74
C VAL A 32 8.70 33.00 -5.89
N GLU A 33 9.16 33.29 -7.11
CA GLU A 33 8.38 33.07 -8.32
C GLU A 33 8.24 31.58 -8.57
N LEU A 34 7.01 31.12 -8.79
CA LEU A 34 6.76 29.71 -9.01
C LEU A 34 6.47 29.36 -10.46
N THR A 35 7.09 28.30 -10.96
CA THR A 35 6.85 27.85 -12.32
C THR A 35 5.59 27.00 -12.15
N GLU A 36 4.92 26.70 -13.25
CA GLU A 36 3.70 25.90 -13.16
C GLU A 36 3.95 24.55 -12.48
N GLU A 37 5.04 23.87 -12.85
CA GLU A 37 5.37 22.58 -12.27
C GLU A 37 5.56 22.67 -10.76
N ALA A 38 6.32 23.68 -10.33
CA ALA A 38 6.59 23.88 -8.92
C ALA A 38 5.33 24.27 -8.16
N LEU A 39 4.50 25.11 -8.76
CA LEU A 39 3.26 25.52 -8.10
C LEU A 39 2.39 24.29 -7.85
N SER A 40 2.31 23.42 -8.85
CA SER A 40 1.52 22.20 -8.74
C SER A 40 2.03 21.34 -7.60
N ALA A 41 3.37 21.22 -7.52
CA ALA A 41 4.01 20.46 -6.46
C ALA A 41 3.68 21.08 -5.11
N LEU A 42 3.72 22.41 -5.05
CA LEU A 42 3.41 23.09 -3.80
C LEU A 42 2.00 22.76 -3.33
N GLU A 43 1.04 22.81 -4.24
CA GLU A 43 -0.35 22.52 -3.88
C GLU A 43 -0.58 21.08 -3.45
N LYS A 44 0.27 20.16 -3.92
CA LYS A 44 0.12 18.76 -3.55
C LYS A 44 0.81 18.53 -2.20
N GLY A 45 1.56 19.51 -1.73
CA GLY A 45 2.24 19.37 -0.45
C GLY A 45 3.74 19.24 -0.58
N GLY A 46 4.27 19.53 -1.77
CA GLY A 46 5.71 19.44 -1.98
C GLY A 46 6.13 18.22 -2.77
N VAL A 47 7.44 18.12 -3.03
CA VAL A 47 8.01 17.01 -3.78
C VAL A 47 8.20 15.75 -2.93
N GLY A 48 7.59 15.72 -1.75
CA GLY A 48 7.71 14.56 -0.89
C GLY A 48 8.82 14.76 0.13
N LYS A 49 9.34 15.98 0.17
CA LYS A 49 10.42 16.33 1.08
C LYS A 49 9.80 16.87 2.38
N GLY A 50 8.58 17.38 2.24
CA GLY A 50 7.85 17.96 3.36
C GLY A 50 7.10 19.21 2.90
N ASP A 51 6.38 19.85 3.80
CA ASP A 51 5.62 21.05 3.44
C ASP A 51 6.52 22.27 3.27
N PRO A 52 6.80 22.67 2.02
CA PRO A 52 7.66 23.83 1.70
C PRO A 52 7.53 25.05 2.60
N LEU A 53 6.32 25.58 2.71
CA LEU A 53 6.09 26.77 3.52
C LEU A 53 6.29 26.56 5.02
N VAL A 54 5.82 25.42 5.54
CA VAL A 54 5.96 25.15 6.97
C VAL A 54 7.45 25.14 7.33
N VAL A 55 8.22 24.33 6.61
CA VAL A 55 9.65 24.23 6.84
C VAL A 55 10.35 25.56 6.62
N ALA A 56 9.96 26.30 5.59
CA ALA A 56 10.58 27.59 5.29
C ALA A 56 10.37 28.61 6.42
N GLN A 57 9.14 28.68 6.93
CA GLN A 57 8.81 29.61 8.00
C GLN A 57 9.69 29.38 9.23
N LEU A 58 10.06 28.13 9.48
CA LEU A 58 10.91 27.79 10.61
C LEU A 58 12.35 28.17 10.33
N ALA A 59 12.78 27.92 9.09
CA ALA A 59 14.14 28.24 8.65
C ALA A 59 14.41 29.73 8.78
N GLY A 60 13.36 30.55 8.61
CA GLY A 60 13.51 31.99 8.73
C GLY A 60 13.77 32.44 10.15
N ILE A 61 13.07 31.81 11.09
CA ILE A 61 13.21 32.13 12.49
C ILE A 61 14.60 31.73 12.92
N LEU A 62 14.99 30.49 12.62
CA LEU A 62 16.32 30.05 12.97
C LEU A 62 17.33 30.98 12.30
N ALA A 63 17.12 31.23 11.01
CA ALA A 63 18.00 32.10 10.25
C ALA A 63 18.27 33.40 11.00
N ALA A 64 17.21 34.14 11.28
CA ALA A 64 17.35 35.41 11.98
C ALA A 64 18.27 35.33 13.20
N LYS A 65 18.25 34.20 13.90
CA LYS A 65 19.09 34.03 15.07
C LYS A 65 20.56 33.78 14.72
N LYS A 66 20.83 33.37 13.48
CA LYS A 66 22.20 33.10 13.04
C LYS A 66 22.74 34.24 12.21
N THR A 67 21.97 35.31 12.09
CA THR A 67 22.38 36.47 11.31
C THR A 67 23.83 36.93 11.50
N ALA A 68 24.21 37.28 12.75
CA ALA A 68 25.55 37.77 13.04
C ALA A 68 26.63 36.80 12.59
N ASP A 69 26.22 35.57 12.36
CA ASP A 69 27.16 34.54 11.94
C ASP A 69 27.36 34.51 10.43
N LEU A 70 26.44 35.12 9.70
CA LEU A 70 26.51 35.13 8.25
C LEU A 70 26.93 36.47 7.65
N ILE A 71 26.60 37.57 8.32
CA ILE A 71 26.94 38.91 7.86
C ILE A 71 28.15 39.29 8.72
N PRO A 72 29.33 39.39 8.09
CA PRO A 72 30.60 39.73 8.73
C PRO A 72 30.71 40.87 9.74
N LEU A 73 30.27 42.07 9.35
CA LEU A 73 30.37 43.27 10.19
C LEU A 73 29.08 43.57 10.96
N CYS A 74 28.23 42.57 11.08
CA CYS A 74 26.97 42.71 11.79
C CYS A 74 27.20 42.64 13.32
N HIS A 75 26.38 43.33 14.10
CA HIS A 75 26.51 43.28 15.56
C HIS A 75 25.69 42.13 16.15
N PRO A 76 26.28 41.35 17.06
CA PRO A 76 25.55 40.23 17.68
C PRO A 76 24.44 40.83 18.54
N LEU A 77 23.28 40.18 18.58
CA LEU A 77 22.18 40.74 19.35
C LEU A 77 21.18 39.81 20.00
N PRO A 78 20.81 40.11 21.24
CA PRO A 78 19.83 39.27 21.90
C PRO A 78 18.53 39.72 21.24
N LEU A 79 17.76 38.78 20.71
CA LEU A 79 16.52 39.13 20.02
C LEU A 79 15.32 38.92 20.94
N THR A 80 14.53 39.97 21.14
CA THR A 80 13.36 39.87 22.01
C THR A 80 12.21 39.17 21.29
N GLY A 81 12.23 39.24 19.95
CA GLY A 81 11.18 38.62 19.17
C GLY A 81 11.49 38.40 17.69
N VAL A 82 10.86 37.37 17.13
CA VAL A 82 11.01 37.02 15.73
C VAL A 82 9.68 36.50 15.19
N GLU A 83 9.14 37.19 14.17
CA GLU A 83 7.89 36.79 13.54
C GLU A 83 8.14 36.52 12.06
N VAL A 84 7.65 35.38 11.59
CA VAL A 84 7.82 35.00 10.19
C VAL A 84 6.51 34.43 9.65
N ARG A 85 6.12 34.91 8.48
CA ARG A 85 4.91 34.45 7.83
C ARG A 85 5.28 34.10 6.39
N VAL A 86 4.87 32.92 5.95
CA VAL A 86 5.15 32.45 4.60
C VAL A 86 3.83 32.07 3.93
N GLU A 87 3.43 32.83 2.92
CA GLU A 87 2.16 32.55 2.24
C GLU A 87 2.23 32.30 0.74
N LEU A 88 1.23 31.57 0.24
CA LEU A 88 1.13 31.27 -1.19
C LEU A 88 0.16 32.25 -1.83
N LEU A 89 0.58 32.80 -2.97
CA LEU A 89 -0.27 33.72 -3.71
C LEU A 89 -0.48 33.08 -5.08
N LYS A 90 -1.48 32.19 -5.14
CA LYS A 90 -1.82 31.46 -6.36
C LYS A 90 -1.82 32.27 -7.64
N ALA A 91 -2.65 33.30 -7.68
CA ALA A 91 -2.77 34.14 -8.84
C ALA A 91 -1.44 34.63 -9.39
N GLU A 92 -0.57 35.15 -8.51
CA GLU A 92 0.71 35.63 -8.96
C GLU A 92 1.73 34.51 -9.01
N LYS A 93 1.31 33.30 -8.62
CA LYS A 93 2.19 32.14 -8.60
C LYS A 93 3.47 32.57 -7.88
N ARG A 94 3.30 33.01 -6.64
CA ARG A 94 4.41 33.46 -5.84
C ARG A 94 4.23 33.10 -4.40
N VAL A 95 5.35 32.93 -3.72
CA VAL A 95 5.34 32.64 -2.30
C VAL A 95 5.83 33.97 -1.75
N ARG A 96 5.24 34.43 -0.67
CA ARG A 96 5.66 35.68 -0.07
C ARG A 96 6.18 35.37 1.33
N ILE A 97 7.22 36.09 1.74
CA ILE A 97 7.76 35.88 3.08
C ILE A 97 7.91 37.24 3.74
N GLU A 98 7.34 37.35 4.94
CA GLU A 98 7.42 38.58 5.71
C GLU A 98 8.01 38.23 7.06
N ALA A 99 8.94 39.05 7.52
CA ALA A 99 9.56 38.78 8.80
C ALA A 99 9.75 40.07 9.57
N THR A 100 9.44 40.02 10.86
CA THR A 100 9.58 41.16 11.74
C THR A 100 10.41 40.67 12.90
N VAL A 101 11.54 41.33 13.14
CA VAL A 101 12.42 40.96 14.22
C VAL A 101 12.45 42.10 15.22
N LYS A 102 12.51 41.77 16.51
CA LYS A 102 12.52 42.81 17.54
C LYS A 102 13.65 42.61 18.53
N THR A 103 14.19 43.73 19.00
CA THR A 103 15.27 43.70 19.98
C THR A 103 15.34 45.00 20.79
N LYS A 104 16.20 44.97 21.80
CA LYS A 104 16.46 46.10 22.69
C LYS A 104 17.98 46.18 22.65
N ALA A 105 18.52 47.16 21.91
CA ALA A 105 19.97 47.29 21.78
C ALA A 105 20.42 48.62 21.15
N GLU A 106 21.72 48.73 20.90
CA GLU A 106 22.25 49.97 20.32
C GLU A 106 22.21 50.04 18.81
N THR A 107 21.87 48.90 18.21
CA THR A 107 21.84 48.83 16.78
C THR A 107 20.55 48.21 16.21
N GLY A 108 20.27 48.49 14.95
CA GLY A 108 19.06 47.99 14.32
C GLY A 108 19.09 46.50 13.98
N VAL A 109 17.92 45.98 13.59
CA VAL A 109 17.77 44.57 13.28
C VAL A 109 17.33 44.30 11.83
N GLU A 110 17.68 45.24 10.97
CA GLU A 110 17.36 45.11 9.56
C GLU A 110 18.00 43.88 8.95
N MET A 111 19.21 43.51 9.39
CA MET A 111 19.88 42.35 8.86
C MET A 111 19.20 41.06 9.28
N GLU A 112 18.82 40.98 10.55
CA GLU A 112 18.13 39.80 11.05
C GLU A 112 16.84 39.58 10.26
N ALA A 113 16.10 40.65 10.01
CA ALA A 113 14.84 40.55 9.27
C ALA A 113 15.13 40.26 7.81
N MET A 114 16.12 40.96 7.26
CA MET A 114 16.49 40.74 5.86
C MET A 114 16.98 39.30 5.63
N THR A 115 17.83 38.80 6.53
CA THR A 115 18.35 37.43 6.40
C THR A 115 17.25 36.40 6.66
N ALA A 116 16.32 36.73 7.54
CA ALA A 116 15.21 35.82 7.85
C ALA A 116 14.45 35.46 6.57
N CYS A 117 14.15 36.47 5.77
CA CYS A 117 13.43 36.23 4.53
C CYS A 117 14.25 35.51 3.48
N ALA A 118 15.48 35.97 3.24
CA ALA A 118 16.34 35.35 2.25
C ALA A 118 16.50 33.85 2.47
N VAL A 119 16.78 33.46 3.71
CA VAL A 119 16.95 32.06 4.06
C VAL A 119 15.65 31.27 3.98
N ALA A 120 14.54 31.90 4.37
CA ALA A 120 13.23 31.26 4.28
C ALA A 120 12.97 30.97 2.81
N ALA A 121 13.32 31.94 1.97
CA ALA A 121 13.15 31.79 0.51
C ALA A 121 14.02 30.65 0.04
N LEU A 122 15.31 30.69 0.41
CA LEU A 122 16.24 29.65 0.03
C LEU A 122 15.68 28.27 0.37
N THR A 123 14.92 28.20 1.46
CA THR A 123 14.31 26.94 1.90
C THR A 123 13.12 26.55 1.02
N VAL A 124 12.34 27.54 0.60
CA VAL A 124 11.22 27.25 -0.28
C VAL A 124 11.86 26.59 -1.48
N TYR A 125 12.88 27.25 -2.02
CA TYR A 125 13.60 26.75 -3.18
C TYR A 125 14.12 25.34 -2.98
N ASP A 126 14.71 25.07 -1.83
CA ASP A 126 15.23 23.73 -1.57
C ASP A 126 14.08 22.71 -1.58
N MET A 127 12.97 23.05 -0.92
CA MET A 127 11.82 22.16 -0.85
C MET A 127 11.10 21.93 -2.18
N LEU A 128 11.41 22.71 -3.20
CA LEU A 128 10.71 22.56 -4.47
C LEU A 128 11.60 22.42 -5.70
N LYS A 129 12.90 22.60 -5.55
CA LYS A 129 13.80 22.52 -6.70
C LYS A 129 13.73 21.18 -7.43
N ALA A 130 13.27 20.13 -6.74
CA ALA A 130 13.13 18.82 -7.34
C ALA A 130 12.16 18.90 -8.51
N ALA A 131 11.20 19.81 -8.41
CA ALA A 131 10.19 20.01 -9.46
C ALA A 131 10.65 21.01 -10.52
N SER A 132 11.20 22.14 -10.10
CA SER A 132 11.69 23.17 -11.02
C SER A 132 12.96 23.80 -10.48
N LYS A 133 14.09 23.53 -11.12
CA LYS A 133 15.34 24.14 -10.66
C LYS A 133 15.38 25.62 -11.00
N GLY A 134 14.52 26.05 -11.93
CA GLY A 134 14.49 27.43 -12.36
C GLY A 134 13.77 28.44 -11.48
N LEU A 135 13.13 27.97 -10.41
CA LEU A 135 12.42 28.85 -9.51
C LEU A 135 13.29 30.02 -9.09
N VAL A 136 12.71 31.19 -8.95
CA VAL A 136 13.51 32.34 -8.58
C VAL A 136 13.09 33.06 -7.30
N ILE A 137 14.10 33.57 -6.59
CA ILE A 137 13.89 34.36 -5.37
C ILE A 137 14.01 35.75 -5.97
N SER A 138 12.87 36.42 -6.15
CA SER A 138 12.84 37.73 -6.80
C SER A 138 12.99 39.05 -6.05
N GLN A 139 12.49 39.15 -4.83
CA GLN A 139 12.58 40.42 -4.15
C GLN A 139 12.75 40.29 -2.67
N VAL A 140 13.92 40.68 -2.19
CA VAL A 140 14.19 40.67 -0.76
C VAL A 140 14.48 42.14 -0.48
N ARG A 141 13.56 42.77 0.24
CA ARG A 141 13.68 44.20 0.56
C ARG A 141 13.16 44.55 1.95
N LEU A 142 13.61 45.68 2.46
CA LEU A 142 13.16 46.14 3.76
C LEU A 142 11.86 46.91 3.58
N LEU A 143 10.87 46.64 4.44
CA LEU A 143 9.58 47.32 4.36
C LEU A 143 9.44 48.40 5.42
N HIS A 144 9.97 48.13 6.61
CA HIS A 144 9.90 49.08 7.71
C HIS A 144 10.97 48.81 8.77
N LYS A 145 11.29 49.86 9.52
CA LYS A 145 12.28 49.80 10.57
C LYS A 145 12.01 50.95 11.53
N ALA A 146 12.35 50.77 12.80
CA ALA A 146 12.12 51.80 13.81
C ALA A 146 13.06 51.67 15.02
N GLY A 147 13.26 52.78 15.72
CA GLY A 147 14.13 52.75 16.88
C GLY A 147 15.36 53.63 16.73
N GLY A 148 15.71 54.32 17.81
CA GLY A 148 16.88 55.16 17.80
C GLY A 148 16.86 56.47 17.02
N LYS A 149 18.04 56.80 16.48
CA LYS A 149 18.28 58.02 15.72
C LYS A 149 17.43 58.42 14.53
N SER A 150 17.37 57.55 13.53
CA SER A 150 16.61 57.81 12.30
C SER A 150 15.13 57.59 12.54
N GLY A 151 14.79 56.83 13.59
CA GLY A 151 13.38 56.58 13.86
C GLY A 151 12.67 55.85 12.74
N GLU A 152 11.35 55.80 12.84
CA GLU A 152 10.51 55.10 11.88
C GLU A 152 10.90 55.35 10.42
N TRP A 153 11.12 54.25 9.69
CA TRP A 153 11.46 54.30 8.27
C TRP A 153 10.46 53.41 7.55
N ARG A 154 10.01 53.84 6.38
CA ARG A 154 9.03 53.06 5.65
C ARG A 154 9.30 53.01 4.14
N ARG A 155 9.03 51.85 3.55
CA ARG A 155 9.25 51.70 2.12
C ARG A 155 8.24 52.54 1.34
N ARG B 10 43.54 9.88 28.61
CA ARG B 10 43.43 11.25 28.00
C ARG B 10 42.33 11.29 26.95
N PRO B 11 41.58 12.39 26.88
CA PRO B 11 40.51 12.50 25.90
C PRO B 11 41.07 12.59 24.47
N ARG B 12 40.31 12.10 23.49
CA ARG B 12 40.74 12.17 22.09
C ARG B 12 39.74 11.57 21.11
N MET B 13 39.72 12.07 19.88
CA MET B 13 38.83 11.55 18.86
C MET B 13 39.50 10.31 18.29
N VAL B 14 38.86 9.16 18.48
CA VAL B 14 39.36 7.86 18.05
C VAL B 14 39.72 7.71 16.58
N ASP B 15 41.01 7.50 16.32
CA ASP B 15 41.56 7.34 14.98
C ASP B 15 40.94 6.17 14.23
N VAL B 16 40.38 6.46 13.06
CA VAL B 16 39.73 5.43 12.24
C VAL B 16 40.16 5.51 10.78
N THR B 17 41.22 6.27 10.52
CA THR B 17 41.74 6.44 9.17
C THR B 17 41.96 5.06 8.52
N GLU B 18 42.37 4.12 9.35
CA GLU B 18 42.66 2.74 8.92
C GLU B 18 41.45 2.01 8.33
N LYS B 19 40.26 2.21 8.91
CA LYS B 19 39.04 1.53 8.44
C LYS B 19 38.42 2.12 7.18
N PRO B 20 37.66 1.29 6.42
CA PRO B 20 36.95 1.61 5.17
C PRO B 20 35.56 2.22 5.35
N GLU B 21 35.07 2.84 4.28
CA GLU B 21 33.76 3.47 4.27
C GLU B 21 32.66 2.46 4.03
N THR B 22 31.94 2.07 5.09
CA THR B 22 30.84 1.13 4.94
C THR B 22 29.56 1.84 5.36
N PHE B 23 28.44 1.38 4.83
CA PHE B 23 27.14 1.94 5.15
C PHE B 23 26.90 1.80 6.65
N ARG B 24 26.27 2.80 7.26
CA ARG B 24 26.00 2.76 8.70
C ARG B 24 24.62 3.31 8.96
N THR B 25 23.89 2.68 9.87
CA THR B 25 22.56 3.14 10.19
C THR B 25 22.28 3.02 11.68
N ALA B 26 21.53 3.98 12.21
CA ALA B 26 21.20 3.95 13.63
C ALA B 26 19.78 4.47 13.88
N THR B 27 19.08 3.86 14.85
CA THR B 27 17.72 4.27 15.18
C THR B 27 17.51 4.34 16.68
N ALA B 28 17.04 5.49 17.16
CA ALA B 28 16.80 5.68 18.58
C ALA B 28 15.40 6.23 18.78
N GLU B 29 15.05 6.52 20.03
CA GLU B 29 13.75 7.09 20.36
C GLU B 29 13.76 7.74 21.75
N ALA B 30 12.79 8.63 21.96
CA ALA B 30 12.64 9.31 23.24
C ALA B 30 11.16 9.49 23.57
N PHE B 31 10.88 9.75 24.85
CA PHE B 31 9.50 9.98 25.28
C PHE B 31 9.43 11.23 26.16
N VAL B 32 8.32 11.93 26.07
CA VAL B 32 8.10 13.11 26.89
C VAL B 32 6.80 12.76 27.59
N GLU B 33 6.83 12.70 28.91
CA GLU B 33 5.64 12.36 29.69
C GLU B 33 4.83 13.63 29.90
N LEU B 34 3.60 13.62 29.39
CA LEU B 34 2.71 14.76 29.48
C LEU B 34 1.81 14.80 30.72
N THR B 35 1.47 16.03 31.10
CA THR B 35 0.56 16.28 32.21
C THR B 35 -0.71 16.67 31.46
N GLU B 36 -1.88 16.46 32.05
CA GLU B 36 -3.13 16.83 31.37
C GLU B 36 -3.06 18.26 30.84
N GLU B 37 -2.41 19.13 31.62
CA GLU B 37 -2.27 20.53 31.25
C GLU B 37 -1.42 20.69 29.99
N ALA B 38 -0.49 19.75 29.79
CA ALA B 38 0.36 19.78 28.61
C ALA B 38 -0.44 19.24 27.43
N LEU B 39 -1.04 18.06 27.61
CA LEU B 39 -1.82 17.40 26.56
C LEU B 39 -3.01 18.24 26.07
N SER B 40 -3.58 19.05 26.95
CA SER B 40 -4.72 19.88 26.57
C SER B 40 -4.23 21.02 25.67
N ALA B 41 -3.10 21.62 26.03
CA ALA B 41 -2.56 22.71 25.23
C ALA B 41 -2.18 22.12 23.87
N LEU B 42 -1.35 21.10 23.88
CA LEU B 42 -0.90 20.42 22.67
C LEU B 42 -2.05 20.10 21.73
N GLU B 43 -3.14 19.56 22.26
CA GLU B 43 -4.29 19.21 21.44
C GLU B 43 -5.03 20.42 20.88
N LYS B 44 -5.01 21.54 21.59
CA LYS B 44 -5.67 22.74 21.11
C LYS B 44 -4.79 23.47 20.10
N GLY B 45 -3.62 22.90 19.80
CA GLY B 45 -2.70 23.51 18.84
C GLY B 45 -1.40 24.05 19.40
N GLY B 46 -1.21 23.89 20.71
CA GLY B 46 -0.01 24.38 21.36
C GLY B 46 -0.35 25.35 22.46
N VAL B 47 0.66 25.91 23.11
CA VAL B 47 0.44 26.86 24.19
C VAL B 47 0.44 28.27 23.61
N GLY B 48 0.39 28.34 22.28
CA GLY B 48 0.38 29.63 21.60
C GLY B 48 1.66 29.96 20.84
N LYS B 49 2.55 28.98 20.69
CA LYS B 49 3.81 29.21 19.99
C LYS B 49 3.91 28.42 18.67
N GLY B 50 2.90 27.60 18.39
CA GLY B 50 2.89 26.80 17.17
C GLY B 50 2.81 25.32 17.50
N ASP B 51 2.49 24.49 16.51
CA ASP B 51 2.41 23.04 16.70
C ASP B 51 3.70 22.59 17.36
N PRO B 52 3.62 22.04 18.58
CA PRO B 52 4.80 21.57 19.30
C PRO B 52 5.54 20.42 18.61
N LEU B 53 4.77 19.53 17.99
CA LEU B 53 5.34 18.37 17.32
C LEU B 53 6.00 18.70 16.00
N VAL B 54 5.39 19.58 15.22
CA VAL B 54 5.95 19.96 13.93
C VAL B 54 7.32 20.59 14.15
N VAL B 55 7.42 21.41 15.19
CA VAL B 55 8.66 22.09 15.49
C VAL B 55 9.71 21.12 16.05
N ALA B 56 9.28 20.18 16.88
CA ALA B 56 10.18 19.20 17.49
C ALA B 56 10.86 18.33 16.42
N GLN B 57 10.06 17.84 15.48
CA GLN B 57 10.54 16.99 14.39
C GLN B 57 11.61 17.67 13.54
N LEU B 58 11.40 18.93 13.18
CA LEU B 58 12.39 19.63 12.38
C LEU B 58 13.63 19.90 13.21
N ALA B 59 13.43 20.20 14.50
CA ALA B 59 14.55 20.47 15.38
C ALA B 59 15.37 19.20 15.51
N GLY B 60 14.69 18.05 15.43
CA GLY B 60 15.38 16.78 15.52
C GLY B 60 16.25 16.52 14.32
N ILE B 61 15.74 16.80 13.13
CA ILE B 61 16.52 16.60 11.92
C ILE B 61 17.74 17.53 11.98
N LEU B 62 17.53 18.75 12.44
CA LEU B 62 18.62 19.71 12.57
C LEU B 62 19.65 19.30 13.62
N ALA B 63 19.18 18.71 14.70
CA ALA B 63 20.07 18.29 15.77
C ALA B 63 21.00 17.18 15.24
N ALA B 64 20.45 16.32 14.39
CA ALA B 64 21.26 15.25 13.82
C ALA B 64 22.42 15.88 13.04
N LYS B 65 22.13 16.95 12.31
CA LYS B 65 23.16 17.61 11.55
C LYS B 65 24.18 18.35 12.41
N LYS B 66 23.82 18.73 13.63
CA LYS B 66 24.73 19.46 14.53
C LYS B 66 25.44 18.61 15.59
N THR B 67 25.20 17.32 15.58
CA THR B 67 25.77 16.40 16.54
C THR B 67 27.27 16.55 16.86
N ALA B 68 28.12 16.52 15.83
CA ALA B 68 29.56 16.60 16.05
C ALA B 68 30.02 17.87 16.72
N ASP B 69 29.17 18.89 16.71
CA ASP B 69 29.49 20.16 17.34
C ASP B 69 28.95 20.22 18.79
N LEU B 70 28.31 19.12 19.25
CA LEU B 70 27.75 19.06 20.61
C LEU B 70 28.41 17.96 21.43
N ILE B 71 28.73 16.87 20.74
CA ILE B 71 29.38 15.72 21.38
C ILE B 71 30.86 15.91 21.06
N PRO B 72 31.66 16.35 22.05
CA PRO B 72 33.09 16.61 21.89
C PRO B 72 33.97 15.65 21.07
N LEU B 73 33.99 14.36 21.42
CA LEU B 73 34.84 13.38 20.73
C LEU B 73 34.19 12.70 19.53
N CYS B 74 32.97 13.13 19.21
CA CYS B 74 32.20 12.59 18.11
C CYS B 74 32.83 12.90 16.73
N HIS B 75 32.83 11.92 15.83
CA HIS B 75 33.40 12.09 14.48
C HIS B 75 32.56 12.87 13.48
N PRO B 76 33.19 13.85 12.81
CA PRO B 76 32.47 14.65 11.82
C PRO B 76 32.12 13.68 10.68
N LEU B 77 30.87 13.64 10.26
CA LEU B 77 30.47 12.72 9.20
C LEU B 77 29.52 13.33 8.20
N PRO B 78 29.40 12.70 7.03
CA PRO B 78 28.46 13.26 6.06
C PRO B 78 27.17 12.47 6.25
N LEU B 79 26.11 13.13 6.70
CA LEU B 79 24.86 12.42 6.89
C LEU B 79 24.33 12.18 5.50
N THR B 80 23.77 11.00 5.29
CA THR B 80 23.26 10.68 3.99
C THR B 80 21.74 10.55 4.04
N GLY B 81 21.19 10.49 5.24
CA GLY B 81 19.75 10.38 5.42
C GLY B 81 19.32 10.57 6.86
N VAL B 82 18.18 11.22 7.08
CA VAL B 82 17.66 11.42 8.42
C VAL B 82 16.13 11.44 8.45
N GLU B 83 15.56 10.57 9.28
CA GLU B 83 14.11 10.49 9.44
C GLU B 83 13.83 10.75 10.91
N VAL B 84 12.73 11.43 11.20
CA VAL B 84 12.36 11.72 12.58
C VAL B 84 10.85 11.65 12.70
N ARG B 85 10.35 10.85 13.63
CA ARG B 85 8.91 10.76 13.79
C ARG B 85 8.53 11.29 15.16
N VAL B 86 7.50 12.11 15.18
CA VAL B 86 7.01 12.70 16.41
C VAL B 86 5.50 12.45 16.47
N GLU B 87 5.08 11.57 17.37
CA GLU B 87 3.65 11.26 17.48
C GLU B 87 3.07 11.36 18.89
N LEU B 88 1.83 11.84 18.95
CA LEU B 88 1.13 11.98 20.21
C LEU B 88 0.45 10.65 20.52
N LEU B 89 0.50 10.24 21.78
CA LEU B 89 -0.12 9.00 22.23
C LEU B 89 -1.08 9.42 23.34
N LYS B 90 -2.24 9.94 22.94
CA LYS B 90 -3.26 10.41 23.89
C LYS B 90 -3.49 9.46 25.07
N ALA B 91 -3.86 8.23 24.77
CA ALA B 91 -4.12 7.27 25.83
C ALA B 91 -2.95 7.12 26.80
N GLU B 92 -1.73 7.24 26.28
CA GLU B 92 -0.54 7.09 27.11
C GLU B 92 -0.03 8.40 27.70
N LYS B 93 -0.65 9.51 27.32
CA LYS B 93 -0.20 10.82 27.81
C LYS B 93 1.29 10.87 27.55
N ARG B 94 1.66 10.52 26.32
CA ARG B 94 3.06 10.47 25.93
C ARG B 94 3.27 11.05 24.54
N VAL B 95 4.52 11.45 24.29
CA VAL B 95 4.91 11.94 22.98
C VAL B 95 6.05 10.99 22.63
N ARG B 96 5.88 10.25 21.53
CA ARG B 96 6.91 9.31 21.12
C ARG B 96 7.71 9.90 19.96
N ILE B 97 9.03 9.79 20.08
CA ILE B 97 9.94 10.31 19.07
C ILE B 97 10.92 9.22 18.61
N GLU B 98 11.06 9.08 17.29
CA GLU B 98 11.96 8.11 16.69
C GLU B 98 12.80 8.75 15.59
N ALA B 99 14.06 8.37 15.51
CA ALA B 99 14.95 8.92 14.48
C ALA B 99 15.90 7.88 13.94
N THR B 100 16.07 7.91 12.62
CA THR B 100 16.96 7.01 11.92
C THR B 100 17.90 7.87 11.09
N VAL B 101 19.19 7.59 11.24
CA VAL B 101 20.24 8.30 10.56
C VAL B 101 21.09 7.28 9.81
N LYS B 102 21.44 7.61 8.57
CA LYS B 102 22.27 6.74 7.74
C LYS B 102 23.45 7.53 7.22
N THR B 103 24.50 6.82 6.81
CA THR B 103 25.72 7.45 6.29
C THR B 103 26.61 6.39 5.66
N LYS B 104 27.79 6.82 5.26
CA LYS B 104 28.79 5.95 4.69
C LYS B 104 30.11 6.41 5.24
N ALA B 105 30.65 5.71 6.22
CA ALA B 105 31.92 6.15 6.78
C ALA B 105 32.52 5.13 7.72
N GLU B 106 33.59 5.51 8.38
CA GLU B 106 34.29 4.62 9.32
C GLU B 106 33.69 4.49 10.69
N THR B 107 32.57 5.17 10.91
CA THR B 107 31.97 5.19 12.23
C THR B 107 30.47 5.21 12.19
N GLY B 108 29.89 4.77 13.29
CA GLY B 108 28.45 4.70 13.40
C GLY B 108 27.79 6.02 13.66
N VAL B 109 26.48 6.01 13.49
CA VAL B 109 25.68 7.20 13.69
C VAL B 109 24.70 7.07 14.82
N GLU B 110 25.07 6.31 15.85
CA GLU B 110 24.21 6.16 17.02
C GLU B 110 24.04 7.52 17.70
N MET B 111 25.09 8.33 17.69
CA MET B 111 24.99 9.64 18.32
C MET B 111 23.99 10.53 17.59
N GLU B 112 24.12 10.62 16.27
CA GLU B 112 23.22 11.44 15.45
C GLU B 112 21.75 11.11 15.77
N ALA B 113 21.44 9.82 15.82
CA ALA B 113 20.09 9.36 16.10
C ALA B 113 19.66 9.68 17.54
N MET B 114 20.52 9.38 18.51
CA MET B 114 20.24 9.67 19.92
C MET B 114 20.06 11.16 20.12
N THR B 115 20.91 11.92 19.46
CA THR B 115 20.89 13.36 19.58
C THR B 115 19.63 13.95 18.96
N ALA B 116 19.23 13.42 17.81
CA ALA B 116 18.04 13.87 17.12
C ALA B 116 16.79 13.72 18.00
N CYS B 117 16.70 12.58 18.68
CA CYS B 117 15.60 12.29 19.57
C CYS B 117 15.64 13.20 20.80
N ALA B 118 16.78 13.26 21.46
CA ALA B 118 16.96 14.11 22.63
C ALA B 118 16.50 15.55 22.37
N VAL B 119 17.13 16.20 21.39
CA VAL B 119 16.80 17.58 21.05
C VAL B 119 15.33 17.77 20.62
N ALA B 120 14.77 16.78 19.93
CA ALA B 120 13.38 16.88 19.52
C ALA B 120 12.58 16.95 20.81
N ALA B 121 12.91 16.05 21.74
CA ALA B 121 12.26 16.00 23.05
C ALA B 121 12.37 17.34 23.76
N LEU B 122 13.57 17.94 23.75
CA LEU B 122 13.78 19.23 24.39
C LEU B 122 12.90 20.29 23.77
N THR B 123 12.56 20.09 22.50
CA THR B 123 11.72 21.05 21.79
C THR B 123 10.26 20.85 22.15
N VAL B 124 9.86 19.61 22.40
CA VAL B 124 8.50 19.34 22.82
C VAL B 124 8.34 20.06 24.16
N TYR B 125 9.36 19.91 25.01
CA TYR B 125 9.35 20.54 26.31
C TYR B 125 9.21 22.06 26.17
N ASP B 126 10.01 22.65 25.27
CA ASP B 126 9.97 24.08 25.04
C ASP B 126 8.62 24.59 24.55
N MET B 127 7.96 23.84 23.69
CA MET B 127 6.67 24.25 23.15
C MET B 127 5.51 24.02 24.12
N LEU B 128 5.75 23.30 25.21
CA LEU B 128 4.68 23.05 26.18
C LEU B 128 4.94 23.50 27.62
N LYS B 129 6.20 23.73 27.97
CA LYS B 129 6.53 24.13 29.34
C LYS B 129 5.73 25.32 29.87
N ALA B 130 5.16 26.11 28.98
CA ALA B 130 4.37 27.26 29.40
C ALA B 130 3.09 26.75 30.08
N ALA B 131 2.74 25.50 29.80
CA ALA B 131 1.55 24.89 30.38
C ALA B 131 1.92 24.05 31.60
N SER B 132 3.14 23.53 31.63
CA SER B 132 3.64 22.71 32.73
C SER B 132 5.14 22.51 32.65
N LYS B 133 5.84 22.72 33.76
CA LYS B 133 7.29 22.55 33.81
C LYS B 133 7.61 21.20 34.41
N GLY B 134 6.54 20.48 34.75
CA GLY B 134 6.70 19.17 35.33
C GLY B 134 6.86 18.10 34.27
N LEU B 135 6.97 18.55 33.01
CA LEU B 135 7.15 17.62 31.89
C LEU B 135 8.48 16.91 32.01
N VAL B 136 8.49 15.62 31.68
CA VAL B 136 9.69 14.82 31.79
C VAL B 136 10.12 14.14 30.51
N ILE B 137 11.40 14.29 30.17
CA ILE B 137 11.95 13.63 29.00
C ILE B 137 12.44 12.32 29.57
N SER B 138 12.00 11.19 29.04
CA SER B 138 12.49 9.94 29.58
C SER B 138 12.83 8.91 28.50
N GLN B 139 13.66 7.96 28.89
CA GLN B 139 14.06 6.87 28.01
C GLN B 139 14.67 7.18 26.63
N VAL B 140 15.59 8.14 26.52
CA VAL B 140 16.21 8.33 25.21
C VAL B 140 17.16 7.13 25.10
N ARG B 141 16.87 6.23 24.16
CA ARG B 141 17.67 5.02 24.00
C ARG B 141 17.80 4.54 22.56
N LEU B 142 18.80 3.69 22.33
CA LEU B 142 19.04 3.14 21.00
C LEU B 142 18.12 1.95 20.77
N LEU B 143 17.46 1.94 19.62
CA LEU B 143 16.55 0.86 19.26
C LEU B 143 17.24 -0.11 18.33
N HIS B 144 17.86 0.43 17.30
CA HIS B 144 18.53 -0.38 16.30
C HIS B 144 19.80 0.28 15.78
N LYS B 145 20.73 -0.55 15.31
CA LYS B 145 21.99 -0.07 14.76
C LYS B 145 22.63 -1.15 13.89
N ALA B 146 23.36 -0.74 12.87
CA ALA B 146 24.01 -1.69 11.97
C ALA B 146 25.12 -1.08 11.11
N GLY B 147 25.93 -1.92 10.49
CA GLY B 147 26.99 -1.45 9.63
C GLY B 147 28.43 -1.79 9.99
N GLY B 148 29.18 -2.27 9.00
CA GLY B 148 30.58 -2.62 9.21
C GLY B 148 30.88 -3.76 10.16
N LYS B 149 32.02 -3.66 10.84
CA LYS B 149 32.46 -4.67 11.79
C LYS B 149 31.37 -5.01 12.82
N SER B 150 30.85 -3.96 13.46
CA SER B 150 29.81 -4.12 14.46
C SER B 150 28.78 -5.21 14.15
N GLY B 151 27.97 -4.97 13.12
CA GLY B 151 26.94 -5.91 12.76
C GLY B 151 25.61 -5.43 13.33
N GLU B 152 24.60 -6.28 13.28
CA GLU B 152 23.27 -5.95 13.79
C GLU B 152 23.22 -5.82 15.31
N TRP B 153 22.24 -5.07 15.79
CA TRP B 153 22.02 -4.88 17.23
C TRP B 153 20.66 -4.26 17.42
N ARG B 154 19.91 -4.75 18.40
CA ARG B 154 18.59 -4.18 18.65
C ARG B 154 18.17 -4.27 20.11
N ARG B 155 17.19 -3.43 20.46
CA ARG B 155 16.64 -3.38 21.81
C ARG B 155 15.74 -4.60 22.00
N GLY C 9 0.18 -14.38 -37.61
CA GLY C 9 -0.93 -13.82 -36.78
C GLY C 9 -0.94 -14.32 -35.34
N ARG C 10 0.01 -13.85 -34.54
CA ARG C 10 0.12 -14.24 -33.13
C ARG C 10 -0.53 -13.18 -32.25
N PRO C 11 -1.34 -13.59 -31.26
CA PRO C 11 -2.03 -12.67 -30.35
C PRO C 11 -1.16 -11.61 -29.68
N ARG C 12 -1.72 -10.42 -29.51
CA ARG C 12 -0.99 -9.33 -28.88
C ARG C 12 -1.94 -8.22 -28.50
N MET C 13 -1.71 -7.58 -27.37
CA MET C 13 -2.54 -6.46 -26.97
C MET C 13 -2.08 -5.30 -27.85
N VAL C 14 -2.86 -5.04 -28.89
CA VAL C 14 -2.58 -3.96 -29.83
C VAL C 14 -2.09 -2.76 -29.04
N ASP C 15 -0.88 -2.29 -29.34
CA ASP C 15 -0.32 -1.15 -28.63
C ASP C 15 -0.89 0.16 -29.17
N VAL C 16 -1.56 0.89 -28.27
CA VAL C 16 -2.17 2.18 -28.58
C VAL C 16 -1.35 3.36 -28.06
N THR C 17 -0.02 3.18 -28.09
CA THR C 17 0.92 4.21 -27.64
C THR C 17 0.83 5.52 -28.40
N GLU C 18 0.35 5.45 -29.65
CA GLU C 18 0.24 6.64 -30.51
C GLU C 18 -1.11 7.36 -30.44
N LYS C 19 -2.01 6.86 -29.61
CA LYS C 19 -3.33 7.49 -29.46
C LYS C 19 -3.33 8.30 -28.17
N PRO C 20 -3.84 9.54 -28.22
CA PRO C 20 -3.89 10.38 -27.02
C PRO C 20 -5.18 10.18 -26.21
N GLU C 21 -5.08 10.27 -24.89
CA GLU C 21 -6.23 10.09 -24.02
C GLU C 21 -7.43 10.93 -24.48
N THR C 22 -8.52 10.26 -24.86
CA THR C 22 -9.72 10.96 -25.30
C THR C 22 -10.96 10.33 -24.68
N PHE C 23 -11.99 11.15 -24.47
CA PHE C 23 -13.23 10.65 -23.90
C PHE C 23 -13.80 9.55 -24.80
N ARG C 24 -14.20 8.44 -24.19
CA ARG C 24 -14.77 7.31 -24.93
C ARG C 24 -15.96 6.73 -24.18
N THR C 25 -16.98 6.32 -24.92
CA THR C 25 -18.17 5.75 -24.35
C THR C 25 -18.61 4.57 -25.21
N ALA C 26 -19.61 3.83 -24.73
CA ALA C 26 -20.13 2.67 -25.44
C ALA C 26 -21.36 2.23 -24.67
N THR C 27 -22.26 1.55 -25.37
CA THR C 27 -23.49 1.08 -24.75
C THR C 27 -23.80 -0.27 -25.38
N ALA C 28 -24.31 -1.21 -24.59
CA ALA C 28 -24.62 -2.53 -25.09
C ALA C 28 -25.99 -2.98 -24.61
N GLU C 29 -26.36 -4.19 -24.99
CA GLU C 29 -27.66 -4.72 -24.61
C GLU C 29 -27.68 -6.23 -24.73
N ALA C 30 -28.62 -6.85 -24.02
CA ALA C 30 -28.81 -8.29 -24.02
C ALA C 30 -30.19 -8.54 -23.45
N PHE C 31 -30.73 -9.73 -23.70
CA PHE C 31 -32.06 -10.08 -23.20
C PHE C 31 -32.01 -11.49 -22.65
N VAL C 32 -33.02 -11.82 -21.84
CA VAL C 32 -33.14 -13.15 -21.27
C VAL C 32 -34.56 -13.58 -21.61
N GLU C 33 -34.70 -14.55 -22.50
CA GLU C 33 -36.02 -15.05 -22.87
C GLU C 33 -36.57 -15.87 -21.71
N LEU C 34 -37.61 -15.35 -21.06
CA LEU C 34 -38.23 -16.04 -19.93
C LEU C 34 -39.25 -17.05 -20.37
N THR C 35 -39.56 -17.96 -19.45
CA THR C 35 -40.55 -19.00 -19.66
C THR C 35 -41.73 -18.58 -18.79
N GLU C 36 -42.81 -19.35 -18.79
CA GLU C 36 -43.96 -19.00 -17.96
C GLU C 36 -43.70 -19.26 -16.48
N GLU C 37 -42.81 -20.20 -16.18
CA GLU C 37 -42.47 -20.50 -14.78
C GLU C 37 -41.54 -19.41 -14.28
N ALA C 38 -40.49 -19.15 -15.05
CA ALA C 38 -39.50 -18.13 -14.70
C ALA C 38 -40.18 -16.78 -14.59
N LEU C 39 -41.15 -16.56 -15.46
CA LEU C 39 -41.90 -15.31 -15.47
C LEU C 39 -42.73 -15.24 -14.21
N SER C 40 -43.44 -16.32 -13.92
CA SER C 40 -44.28 -16.41 -12.72
C SER C 40 -43.42 -16.18 -11.48
N ALA C 41 -42.34 -16.96 -11.35
CA ALA C 41 -41.41 -16.88 -10.23
C ALA C 41 -40.77 -15.50 -10.04
N LEU C 42 -40.32 -14.90 -11.13
CA LEU C 42 -39.68 -13.57 -11.11
C LEU C 42 -40.52 -12.46 -10.49
N GLU C 43 -41.82 -12.47 -10.80
CA GLU C 43 -42.74 -11.47 -10.27
C GLU C 43 -43.05 -11.73 -8.81
N LYS C 44 -42.57 -12.86 -8.29
CA LYS C 44 -42.82 -13.23 -6.92
C LYS C 44 -41.56 -13.27 -6.06
N GLY C 45 -40.62 -12.37 -6.35
CA GLY C 45 -39.37 -12.27 -5.60
C GLY C 45 -38.25 -13.24 -5.93
N GLY C 46 -38.38 -13.97 -7.03
CA GLY C 46 -37.35 -14.91 -7.39
C GLY C 46 -37.59 -16.30 -6.82
N VAL C 47 -36.66 -17.22 -7.10
CA VAL C 47 -36.75 -18.59 -6.64
C VAL C 47 -36.38 -18.81 -5.16
N GLY C 48 -36.03 -17.74 -4.46
CA GLY C 48 -35.66 -17.85 -3.06
C GLY C 48 -34.31 -17.22 -2.73
N LYS C 49 -33.48 -17.04 -3.75
CA LYS C 49 -32.15 -16.45 -3.60
C LYS C 49 -32.25 -14.93 -3.51
N GLY C 50 -33.41 -14.38 -3.86
CA GLY C 50 -33.59 -12.94 -3.80
C GLY C 50 -34.04 -12.35 -5.11
N ASP C 51 -34.06 -11.02 -5.19
CA ASP C 51 -34.48 -10.29 -6.38
C ASP C 51 -33.50 -10.48 -7.54
N PRO C 52 -33.91 -11.24 -8.56
CA PRO C 52 -33.09 -11.53 -9.76
C PRO C 52 -32.54 -10.30 -10.49
N LEU C 53 -33.34 -9.25 -10.55
CA LEU C 53 -32.97 -8.02 -11.24
C LEU C 53 -31.99 -7.16 -10.45
N VAL C 54 -32.25 -6.98 -9.17
CA VAL C 54 -31.34 -6.17 -8.35
C VAL C 54 -29.94 -6.76 -8.35
N VAL C 55 -29.85 -8.07 -8.17
CA VAL C 55 -28.58 -8.76 -8.12
C VAL C 55 -27.89 -8.75 -9.46
N ALA C 56 -28.65 -9.03 -10.52
CA ALA C 56 -28.10 -9.06 -11.87
C ALA C 56 -27.51 -7.69 -12.23
N GLN C 57 -28.20 -6.63 -11.81
CA GLN C 57 -27.74 -5.28 -12.09
C GLN C 57 -26.37 -5.00 -11.48
N LEU C 58 -26.15 -5.43 -10.24
CA LEU C 58 -24.85 -5.20 -9.61
C LEU C 58 -23.77 -6.06 -10.26
N ALA C 59 -24.14 -7.28 -10.66
CA ALA C 59 -23.18 -8.16 -11.30
C ALA C 59 -22.64 -7.43 -12.53
N GLY C 60 -23.54 -6.81 -13.29
CA GLY C 60 -23.15 -6.07 -14.49
C GLY C 60 -22.07 -5.05 -14.25
N ILE C 61 -22.26 -4.19 -13.25
CA ILE C 61 -21.28 -3.17 -12.93
C ILE C 61 -19.96 -3.82 -12.51
N LEU C 62 -20.02 -4.76 -11.57
CA LEU C 62 -18.81 -5.44 -11.14
C LEU C 62 -18.15 -6.10 -12.35
N ALA C 63 -18.97 -6.66 -13.23
CA ALA C 63 -18.46 -7.33 -14.41
C ALA C 63 -17.68 -6.33 -15.27
N ALA C 64 -18.27 -5.16 -15.48
CA ALA C 64 -17.64 -4.13 -16.26
C ALA C 64 -16.21 -3.88 -15.79
N LYS C 65 -16.00 -3.95 -14.48
CA LYS C 65 -14.66 -3.68 -13.92
C LYS C 65 -13.69 -4.84 -14.12
N LYS C 66 -14.25 -6.05 -14.18
CA LYS C 66 -13.48 -7.27 -14.33
C LYS C 66 -13.32 -7.70 -15.79
N THR C 67 -13.63 -6.81 -16.73
CA THR C 67 -13.56 -7.14 -18.15
C THR C 67 -12.16 -7.42 -18.69
N ALA C 68 -11.17 -6.58 -18.37
CA ALA C 68 -9.82 -6.81 -18.86
C ALA C 68 -9.22 -8.11 -18.37
N ASP C 69 -9.79 -8.66 -17.30
CA ASP C 69 -9.29 -9.89 -16.72
C ASP C 69 -10.00 -11.12 -17.30
N LEU C 70 -11.03 -10.88 -18.12
CA LEU C 70 -11.80 -11.95 -18.74
C LEU C 70 -11.56 -12.07 -20.23
N ILE C 71 -11.32 -10.94 -20.89
CA ILE C 71 -11.05 -10.94 -22.33
C ILE C 71 -9.54 -10.72 -22.46
N PRO C 72 -8.79 -11.76 -22.86
CA PRO C 72 -7.34 -11.78 -23.02
C PRO C 72 -6.62 -10.58 -23.63
N LEU C 73 -7.13 -10.05 -24.75
CA LEU C 73 -6.47 -8.92 -25.38
C LEU C 73 -7.08 -7.56 -25.10
N CYS C 74 -7.69 -7.41 -23.92
CA CYS C 74 -8.30 -6.13 -23.53
C CYS C 74 -7.38 -5.31 -22.65
N HIS C 75 -7.19 -4.04 -23.01
CA HIS C 75 -6.33 -3.15 -22.23
C HIS C 75 -6.96 -2.84 -20.87
N PRO C 76 -6.16 -2.95 -19.80
CA PRO C 76 -6.72 -2.63 -18.49
C PRO C 76 -6.96 -1.12 -18.46
N LEU C 77 -8.13 -0.70 -17.99
CA LEU C 77 -8.49 0.72 -17.98
C LEU C 77 -9.13 1.25 -16.72
N PRO C 78 -9.07 2.57 -16.53
CA PRO C 78 -9.67 3.24 -15.37
C PRO C 78 -11.04 3.75 -15.84
N LEU C 79 -12.12 3.11 -15.39
CA LEU C 79 -13.44 3.52 -15.81
C LEU C 79 -13.94 4.76 -15.08
N THR C 80 -14.53 5.70 -15.81
CA THR C 80 -15.03 6.91 -15.15
C THR C 80 -16.56 6.89 -15.05
N GLY C 81 -17.17 5.76 -15.40
CA GLY C 81 -18.61 5.67 -15.32
C GLY C 81 -19.18 4.38 -15.85
N VAL C 82 -20.09 3.78 -15.07
CA VAL C 82 -20.73 2.53 -15.47
C VAL C 82 -22.19 2.53 -15.03
N GLU C 83 -23.10 2.38 -16.00
CA GLU C 83 -24.52 2.38 -15.72
C GLU C 83 -25.21 1.15 -16.30
N VAL C 84 -25.90 0.40 -15.46
CA VAL C 84 -26.59 -0.78 -15.93
C VAL C 84 -28.02 -0.78 -15.47
N ARG C 85 -28.92 -1.20 -16.36
CA ARG C 85 -30.34 -1.27 -16.05
C ARG C 85 -30.80 -2.64 -16.47
N VAL C 86 -31.52 -3.31 -15.60
CA VAL C 86 -32.05 -4.62 -15.91
C VAL C 86 -33.53 -4.44 -15.71
N GLU C 87 -34.28 -4.49 -16.81
CA GLU C 87 -35.73 -4.30 -16.76
C GLU C 87 -36.51 -5.54 -17.17
N LEU C 88 -37.78 -5.55 -16.79
CA LEU C 88 -38.69 -6.63 -17.13
C LEU C 88 -39.67 -6.18 -18.20
N LEU C 89 -39.58 -6.80 -19.38
CA LEU C 89 -40.49 -6.49 -20.48
C LEU C 89 -41.56 -7.57 -20.48
N LYS C 90 -42.51 -7.40 -19.58
CA LYS C 90 -43.63 -8.30 -19.35
C LYS C 90 -44.32 -8.96 -20.54
N ALA C 91 -44.83 -8.13 -21.45
CA ALA C 91 -45.51 -8.65 -22.62
C ALA C 91 -44.64 -9.54 -23.50
N GLU C 92 -43.34 -9.32 -23.45
CA GLU C 92 -42.42 -10.10 -24.28
C GLU C 92 -41.81 -11.32 -23.56
N LYS C 93 -42.26 -11.56 -22.33
CA LYS C 93 -41.74 -12.68 -21.55
C LYS C 93 -40.21 -12.69 -21.60
N ARG C 94 -39.59 -11.55 -21.30
CA ARG C 94 -38.14 -11.46 -21.32
C ARG C 94 -37.57 -10.26 -20.54
N VAL C 95 -36.32 -10.37 -20.12
CA VAL C 95 -35.66 -9.31 -19.37
C VAL C 95 -34.69 -8.61 -20.31
N ARG C 96 -34.63 -7.28 -20.25
CA ARG C 96 -33.72 -6.52 -21.10
C ARG C 96 -32.62 -5.90 -20.24
N ILE C 97 -31.40 -5.89 -20.78
CA ILE C 97 -30.27 -5.37 -20.04
C ILE C 97 -29.42 -4.41 -20.86
N GLU C 98 -29.26 -3.21 -20.34
CA GLU C 98 -28.47 -2.20 -21.02
C GLU C 98 -27.36 -1.69 -20.10
N ALA C 99 -26.25 -1.31 -20.71
CA ALA C 99 -25.12 -0.82 -19.97
C ALA C 99 -24.30 0.16 -20.81
N THR C 100 -23.88 1.24 -20.17
CA THR C 100 -23.07 2.24 -20.84
C THR C 100 -21.87 2.39 -19.92
N VAL C 101 -20.67 2.32 -20.49
CA VAL C 101 -19.44 2.44 -19.73
C VAL C 101 -18.69 3.62 -20.31
N LYS C 102 -17.98 4.36 -19.46
CA LYS C 102 -17.25 5.55 -19.90
C LYS C 102 -15.82 5.61 -19.36
N THR C 103 -14.92 6.19 -20.14
CA THR C 103 -13.53 6.31 -19.73
C THR C 103 -12.84 7.47 -20.41
N LYS C 104 -11.55 7.61 -20.11
CA LYS C 104 -10.72 8.65 -20.68
C LYS C 104 -9.40 7.99 -21.02
N ALA C 105 -9.43 7.20 -22.08
CA ALA C 105 -8.23 6.48 -22.47
C ALA C 105 -8.11 6.45 -23.98
N GLU C 106 -7.16 5.69 -24.51
CA GLU C 106 -7.02 5.66 -25.95
C GLU C 106 -7.63 4.38 -26.49
N THR C 107 -8.34 3.68 -25.62
CA THR C 107 -8.97 2.43 -26.01
C THR C 107 -10.44 2.45 -25.60
N GLY C 108 -11.29 1.89 -26.46
CA GLY C 108 -12.72 1.89 -26.19
C GLY C 108 -13.12 0.99 -25.04
N VAL C 109 -14.43 1.00 -24.75
CA VAL C 109 -14.99 0.21 -23.66
C VAL C 109 -16.18 -0.60 -24.12
N GLU C 110 -16.16 -1.04 -25.37
CA GLU C 110 -17.26 -1.83 -25.88
C GLU C 110 -17.28 -3.14 -25.15
N MET C 111 -16.10 -3.69 -24.87
CA MET C 111 -16.03 -4.97 -24.19
C MET C 111 -16.65 -4.90 -22.80
N GLU C 112 -16.33 -3.82 -22.07
CA GLU C 112 -16.86 -3.60 -20.73
C GLU C 112 -18.37 -3.54 -20.74
N ALA C 113 -18.93 -2.87 -21.72
CA ALA C 113 -20.38 -2.77 -21.81
C ALA C 113 -20.94 -4.11 -22.23
N MET C 114 -20.34 -4.70 -23.26
CA MET C 114 -20.79 -6.01 -23.76
C MET C 114 -20.74 -7.01 -22.63
N THR C 115 -19.63 -6.97 -21.88
CA THR C 115 -19.39 -7.87 -20.75
C THR C 115 -20.34 -7.63 -19.56
N ALA C 116 -20.56 -6.37 -19.22
CA ALA C 116 -21.47 -6.05 -18.14
C ALA C 116 -22.85 -6.65 -18.42
N CYS C 117 -23.25 -6.62 -19.69
CA CYS C 117 -24.56 -7.15 -20.08
C CYS C 117 -24.61 -8.68 -20.09
N ALA C 118 -23.56 -9.31 -20.62
CA ALA C 118 -23.53 -10.76 -20.69
C ALA C 118 -23.63 -11.39 -19.31
N VAL C 119 -22.94 -10.78 -18.34
CA VAL C 119 -22.90 -11.27 -16.97
C VAL C 119 -24.16 -10.93 -16.20
N ALA C 120 -24.64 -9.71 -16.34
CA ALA C 120 -25.88 -9.32 -15.67
C ALA C 120 -26.95 -10.31 -16.11
N ALA C 121 -26.84 -10.76 -17.37
CA ALA C 121 -27.78 -11.73 -17.92
C ALA C 121 -27.46 -13.10 -17.35
N LEU C 122 -26.17 -13.44 -17.30
CA LEU C 122 -25.76 -14.73 -16.76
C LEU C 122 -26.30 -14.82 -15.33
N THR C 123 -26.25 -13.70 -14.62
CA THR C 123 -26.73 -13.62 -13.25
C THR C 123 -28.22 -13.84 -13.21
N VAL C 124 -28.95 -13.23 -14.14
CA VAL C 124 -30.39 -13.43 -14.18
C VAL C 124 -30.66 -14.93 -14.29
N TYR C 125 -30.00 -15.57 -15.25
CA TYR C 125 -30.17 -17.00 -15.44
C TYR C 125 -29.93 -17.71 -14.11
N ASP C 126 -28.83 -17.37 -13.45
CA ASP C 126 -28.50 -18.00 -12.17
C ASP C 126 -29.63 -17.83 -11.15
N MET C 127 -30.19 -16.64 -11.09
CA MET C 127 -31.27 -16.34 -10.16
C MET C 127 -32.59 -17.03 -10.53
N LEU C 128 -32.67 -17.61 -11.72
CA LEU C 128 -33.92 -18.26 -12.12
C LEU C 128 -33.78 -19.67 -12.66
N LYS C 129 -32.57 -20.17 -12.79
CA LYS C 129 -32.39 -21.52 -13.31
C LYS C 129 -33.17 -22.54 -12.51
N ALA C 130 -33.65 -22.13 -11.34
CA ALA C 130 -34.44 -23.02 -10.50
C ALA C 130 -35.79 -23.29 -11.15
N ALA C 131 -36.41 -22.23 -11.67
CA ALA C 131 -37.69 -22.32 -12.36
C ALA C 131 -37.54 -23.15 -13.64
N SER C 132 -36.54 -22.82 -14.45
CA SER C 132 -36.30 -23.54 -15.70
C SER C 132 -34.84 -23.49 -16.13
N LYS C 133 -34.27 -24.63 -16.50
CA LYS C 133 -32.88 -24.67 -16.94
C LYS C 133 -32.82 -24.30 -18.42
N GLY C 134 -33.99 -24.13 -19.03
CA GLY C 134 -34.04 -23.81 -20.45
C GLY C 134 -33.90 -22.34 -20.81
N LEU C 135 -33.95 -21.46 -19.82
CA LEU C 135 -33.83 -20.02 -20.08
C LEU C 135 -32.70 -19.74 -21.08
N VAL C 136 -32.88 -18.71 -21.89
CA VAL C 136 -31.88 -18.40 -22.90
C VAL C 136 -31.45 -16.96 -22.89
N ILE C 137 -30.14 -16.76 -23.01
CA ILE C 137 -29.57 -15.42 -23.08
C ILE C 137 -29.47 -15.14 -24.54
N SER C 138 -29.99 -13.99 -24.97
CA SER C 138 -29.97 -13.67 -26.38
C SER C 138 -29.68 -12.22 -26.70
N GLN C 139 -29.20 -12.02 -27.92
CA GLN C 139 -28.90 -10.69 -28.45
C GLN C 139 -27.96 -9.78 -27.67
N VAL C 140 -26.95 -10.35 -27.01
CA VAL C 140 -26.01 -9.46 -26.34
C VAL C 140 -25.35 -8.76 -27.52
N ARG C 141 -25.55 -7.45 -27.64
CA ARG C 141 -25.00 -6.71 -28.77
C ARG C 141 -24.72 -5.26 -28.44
N LEU C 142 -23.84 -4.65 -29.22
CA LEU C 142 -23.48 -3.25 -29.02
C LEU C 142 -24.53 -2.36 -29.66
N LEU C 143 -24.84 -1.24 -29.02
CA LEU C 143 -25.84 -0.32 -29.55
C LEU C 143 -25.17 0.94 -30.08
N HIS C 144 -24.29 1.52 -29.28
CA HIS C 144 -23.60 2.73 -29.69
C HIS C 144 -22.19 2.77 -29.15
N LYS C 145 -21.34 3.52 -29.85
CA LYS C 145 -19.95 3.65 -29.46
C LYS C 145 -19.48 5.02 -29.90
N ALA C 146 -18.56 5.62 -29.15
CA ALA C 146 -18.04 6.92 -29.49
C ALA C 146 -16.63 7.09 -28.94
N GLY C 147 -15.92 8.09 -29.47
CA GLY C 147 -14.55 8.32 -29.06
C GLY C 147 -13.67 7.40 -29.89
N GLY C 148 -12.41 7.76 -30.05
CA GLY C 148 -11.52 6.91 -30.84
C GLY C 148 -11.58 7.16 -32.33
N LYS C 149 -10.63 6.56 -33.05
CA LYS C 149 -10.52 6.71 -34.49
C LYS C 149 -11.83 6.35 -35.17
N SER C 150 -12.33 5.15 -34.89
CA SER C 150 -13.57 4.71 -35.49
C SER C 150 -14.65 5.80 -35.49
N GLY C 151 -14.53 6.78 -34.60
CA GLY C 151 -15.51 7.86 -34.54
C GLY C 151 -16.77 7.26 -33.97
N GLU C 152 -17.89 7.95 -34.05
CA GLU C 152 -19.12 7.39 -33.51
C GLU C 152 -19.67 6.27 -34.39
N TRP C 153 -20.31 5.30 -33.76
CA TRP C 153 -20.94 4.16 -34.42
C TRP C 153 -22.30 4.06 -33.76
N ARG C 154 -23.24 3.38 -34.41
CA ARG C 154 -24.57 3.26 -33.85
C ARG C 154 -25.22 2.09 -34.56
N ARG C 155 -26.05 1.33 -33.84
CA ARG C 155 -26.70 0.17 -34.43
C ARG C 155 -27.84 0.59 -35.36
N GLY D 9 -31.93 6.15 -6.34
CA GLY D 9 -32.52 5.18 -7.30
C GLY D 9 -31.70 3.90 -7.39
N ARG D 10 -31.40 3.47 -8.60
CA ARG D 10 -30.61 2.25 -8.79
C ARG D 10 -29.14 2.49 -8.45
N PRO D 11 -28.36 1.41 -8.33
CA PRO D 11 -26.94 1.54 -8.00
C PRO D 11 -26.22 2.01 -9.28
N ARG D 12 -25.13 2.77 -9.15
CA ARG D 12 -24.39 3.25 -10.31
C ARG D 12 -22.99 3.80 -9.98
N MET D 13 -22.06 3.66 -10.93
CA MET D 13 -20.73 4.19 -10.74
C MET D 13 -20.95 5.58 -11.32
N VAL D 14 -21.04 6.57 -10.43
CA VAL D 14 -21.28 7.97 -10.79
C VAL D 14 -20.35 8.38 -11.91
N ASP D 15 -20.88 9.17 -12.86
CA ASP D 15 -20.13 9.65 -14.01
C ASP D 15 -19.28 10.86 -13.66
N VAL D 16 -17.97 10.68 -13.66
CA VAL D 16 -17.05 11.76 -13.34
C VAL D 16 -16.13 11.98 -14.53
N THR D 17 -16.59 11.50 -15.69
CA THR D 17 -15.85 11.58 -16.94
C THR D 17 -15.42 12.99 -17.38
N GLU D 18 -16.17 14.00 -16.98
CA GLU D 18 -15.88 15.38 -17.36
C GLU D 18 -14.93 16.14 -16.43
N LYS D 19 -14.75 15.66 -15.21
CA LYS D 19 -13.88 16.31 -14.23
C LYS D 19 -12.40 16.07 -14.54
N PRO D 20 -11.56 17.08 -14.28
CA PRO D 20 -10.12 16.95 -14.54
C PRO D 20 -9.38 15.99 -13.63
N GLU D 21 -8.25 15.48 -14.13
CA GLU D 21 -7.41 14.57 -13.38
C GLU D 21 -6.63 15.34 -12.33
N THR D 22 -7.19 15.41 -11.14
CA THR D 22 -6.57 16.11 -10.04
C THR D 22 -5.92 15.15 -9.06
N PHE D 23 -4.93 15.66 -8.34
CA PHE D 23 -4.21 14.89 -7.35
C PHE D 23 -5.12 14.63 -6.16
N ARG D 24 -5.32 13.37 -5.80
CA ARG D 24 -6.17 13.04 -4.65
C ARG D 24 -5.35 12.32 -3.57
N THR D 25 -5.70 12.56 -2.31
CA THR D 25 -4.99 11.91 -1.21
C THR D 25 -5.99 11.55 -0.11
N ALA D 26 -5.67 10.53 0.67
CA ALA D 26 -6.52 10.08 1.76
C ALA D 26 -5.73 9.27 2.78
N THR D 27 -6.20 9.32 4.03
CA THR D 27 -5.58 8.63 5.15
C THR D 27 -6.66 8.12 6.09
N ALA D 28 -6.48 6.90 6.59
CA ALA D 28 -7.45 6.29 7.49
C ALA D 28 -6.72 5.54 8.58
N GLU D 29 -7.47 5.04 9.56
CA GLU D 29 -6.87 4.26 10.64
C GLU D 29 -7.83 3.18 11.16
N ALA D 30 -7.26 2.23 11.88
CA ALA D 30 -8.02 1.14 12.47
C ALA D 30 -7.25 0.60 13.67
N PHE D 31 -7.94 -0.06 14.58
CA PHE D 31 -7.30 -0.64 15.77
C PHE D 31 -7.78 -2.06 16.01
N VAL D 32 -7.00 -2.80 16.77
CA VAL D 32 -7.35 -4.17 17.13
C VAL D 32 -7.07 -4.32 18.64
N GLU D 33 -8.14 -4.33 19.43
CA GLU D 33 -8.01 -4.47 20.88
C GLU D 33 -7.48 -5.87 21.16
N LEU D 34 -6.30 -5.95 21.77
CA LEU D 34 -5.65 -7.22 22.07
C LEU D 34 -5.78 -7.72 23.50
N THR D 35 -6.15 -8.99 23.65
CA THR D 35 -6.27 -9.65 24.94
C THR D 35 -4.83 -9.82 25.44
N GLU D 36 -4.65 -10.38 26.64
CA GLU D 36 -3.29 -10.58 27.14
C GLU D 36 -2.64 -11.75 26.40
N GLU D 37 -3.46 -12.76 26.11
CA GLU D 37 -3.00 -13.93 25.40
C GLU D 37 -2.48 -13.47 24.06
N ALA D 38 -3.36 -12.86 23.27
CA ALA D 38 -3.02 -12.36 21.94
C ALA D 38 -1.77 -11.50 22.03
N LEU D 39 -1.74 -10.65 23.06
CA LEU D 39 -0.61 -9.75 23.26
C LEU D 39 0.66 -10.51 23.60
N SER D 40 0.50 -11.65 24.26
CA SER D 40 1.66 -12.45 24.64
C SER D 40 2.30 -13.10 23.42
N ALA D 41 1.47 -13.65 22.54
CA ALA D 41 1.97 -14.30 21.34
C ALA D 41 2.65 -13.28 20.45
N LEU D 42 1.97 -12.15 20.21
CA LEU D 42 2.51 -11.09 19.36
C LEU D 42 3.90 -10.69 19.83
N GLU D 43 4.04 -10.50 21.13
CA GLU D 43 5.32 -10.11 21.73
C GLU D 43 6.35 -11.22 21.67
N LYS D 44 5.88 -12.44 21.45
CA LYS D 44 6.77 -13.59 21.40
C LYS D 44 7.10 -13.97 19.95
N GLY D 45 6.47 -13.29 19.01
CA GLY D 45 6.72 -13.56 17.60
C GLY D 45 5.50 -14.04 16.83
N GLY D 46 4.41 -14.29 17.56
CA GLY D 46 3.18 -14.76 16.94
C GLY D 46 2.84 -16.16 17.37
N VAL D 47 1.74 -16.70 16.86
CA VAL D 47 1.32 -18.04 17.21
C VAL D 47 2.04 -19.08 16.36
N GLY D 48 3.17 -18.66 15.78
CA GLY D 48 3.93 -19.56 14.93
C GLY D 48 3.24 -19.65 13.59
N LYS D 49 3.02 -18.48 12.98
CA LYS D 49 2.33 -18.37 11.70
C LYS D 49 3.09 -17.34 10.84
N GLY D 50 3.91 -16.54 11.52
CA GLY D 50 4.69 -15.50 10.87
C GLY D 50 4.53 -14.22 11.67
N ASP D 51 5.27 -13.17 11.34
CA ASP D 51 5.12 -11.92 12.08
C ASP D 51 3.77 -11.30 11.73
N PRO D 52 2.88 -11.18 12.71
CA PRO D 52 1.53 -10.63 12.57
C PRO D 52 1.44 -9.22 12.02
N LEU D 53 2.39 -8.37 12.40
CA LEU D 53 2.38 -6.99 11.95
C LEU D 53 3.02 -6.82 10.58
N VAL D 54 3.99 -7.67 10.24
CA VAL D 54 4.64 -7.58 8.95
C VAL D 54 3.68 -8.05 7.86
N VAL D 55 3.05 -9.20 8.10
CA VAL D 55 2.12 -9.77 7.12
C VAL D 55 0.91 -8.85 6.88
N ALA D 56 0.41 -8.22 7.93
CA ALA D 56 -0.75 -7.34 7.82
C ALA D 56 -0.45 -6.01 7.15
N GLN D 57 0.79 -5.54 7.33
CA GLN D 57 1.23 -4.29 6.73
C GLN D 57 1.22 -4.45 5.22
N LEU D 58 1.67 -5.60 4.75
CA LEU D 58 1.74 -5.88 3.34
C LEU D 58 0.38 -6.23 2.76
N ALA D 59 -0.47 -6.88 3.56
CA ALA D 59 -1.79 -7.24 3.11
C ALA D 59 -2.57 -5.96 2.89
N GLY D 60 -2.26 -4.94 3.68
CA GLY D 60 -2.93 -3.65 3.54
C GLY D 60 -2.64 -3.04 2.18
N ILE D 61 -1.36 -2.98 1.81
CA ILE D 61 -0.96 -2.41 0.53
C ILE D 61 -1.67 -3.14 -0.60
N LEU D 62 -1.77 -4.46 -0.48
CA LEU D 62 -2.45 -5.26 -1.49
C LEU D 62 -3.94 -4.92 -1.50
N ALA D 63 -4.51 -4.74 -0.31
CA ALA D 63 -5.93 -4.42 -0.20
C ALA D 63 -6.27 -3.12 -0.93
N ALA D 64 -5.39 -2.14 -0.86
CA ALA D 64 -5.64 -0.86 -1.52
C ALA D 64 -5.76 -1.02 -3.04
N LYS D 65 -5.02 -1.96 -3.61
CA LYS D 65 -5.04 -2.19 -5.06
C LYS D 65 -6.19 -3.07 -5.52
N LYS D 66 -6.85 -3.74 -4.59
CA LYS D 66 -7.97 -4.60 -4.92
C LYS D 66 -9.30 -3.93 -4.53
N THR D 67 -9.20 -2.84 -3.79
CA THR D 67 -10.37 -2.08 -3.32
C THR D 67 -11.55 -2.00 -4.29
N ALA D 68 -11.27 -1.72 -5.56
CA ALA D 68 -12.32 -1.59 -6.57
C ALA D 68 -13.08 -2.88 -6.84
N ASP D 69 -12.44 -3.99 -6.53
CA ASP D 69 -13.05 -5.29 -6.73
C ASP D 69 -13.94 -5.68 -5.54
N LEU D 70 -13.72 -5.03 -4.41
CA LEU D 70 -14.47 -5.31 -3.19
C LEU D 70 -15.62 -4.34 -2.98
N ILE D 71 -15.41 -3.08 -3.36
CA ILE D 71 -16.42 -2.04 -3.23
C ILE D 71 -17.14 -1.90 -4.58
N PRO D 72 -18.34 -2.46 -4.67
CA PRO D 72 -19.19 -2.46 -5.87
C PRO D 72 -19.22 -1.22 -6.78
N LEU D 73 -19.51 -0.05 -6.24
CA LEU D 73 -19.60 1.17 -7.05
C LEU D 73 -18.35 2.02 -7.11
N CYS D 74 -17.25 1.50 -6.58
CA CYS D 74 -15.97 2.20 -6.57
C CYS D 74 -15.33 2.27 -7.97
N HIS D 75 -14.73 3.40 -8.30
CA HIS D 75 -14.11 3.59 -9.61
C HIS D 75 -12.71 2.98 -9.68
N PRO D 76 -12.41 2.24 -10.76
CA PRO D 76 -11.07 1.65 -10.87
C PRO D 76 -10.10 2.79 -11.18
N LEU D 77 -9.19 3.10 -10.27
CA LEU D 77 -8.23 4.17 -10.51
C LEU D 77 -6.83 3.63 -10.27
N PRO D 78 -5.84 4.21 -10.96
CA PRO D 78 -4.46 3.75 -10.78
C PRO D 78 -3.93 4.51 -9.57
N LEU D 79 -3.26 3.82 -8.65
CA LEU D 79 -2.72 4.52 -7.49
C LEU D 79 -1.29 4.94 -7.81
N THR D 80 -0.84 6.03 -7.21
CA THR D 80 0.52 6.51 -7.44
C THR D 80 1.37 6.33 -6.20
N GLY D 81 0.73 5.90 -5.11
CA GLY D 81 1.46 5.71 -3.88
C GLY D 81 0.57 5.11 -2.80
N VAL D 82 1.16 4.22 -2.00
CA VAL D 82 0.46 3.58 -0.89
C VAL D 82 1.43 3.40 0.27
N GLU D 83 1.07 3.98 1.42
CA GLU D 83 1.88 3.88 2.62
C GLU D 83 0.99 3.31 3.72
N VAL D 84 1.46 2.26 4.38
CA VAL D 84 0.70 1.66 5.47
C VAL D 84 1.62 1.42 6.67
N ARG D 85 1.11 1.67 7.87
CA ARG D 85 1.88 1.47 9.08
C ARG D 85 1.12 0.64 10.11
N VAL D 86 1.75 -0.41 10.62
CA VAL D 86 1.13 -1.25 11.63
C VAL D 86 2.07 -1.37 12.81
N GLU D 87 1.69 -0.76 13.93
CA GLU D 87 2.51 -0.77 15.14
C GLU D 87 1.78 -1.30 16.37
N LEU D 88 2.56 -1.83 17.30
CA LEU D 88 2.01 -2.38 18.53
C LEU D 88 2.13 -1.42 19.69
N LEU D 89 1.00 -1.03 20.25
CA LEU D 89 0.98 -0.13 21.39
C LEU D 89 0.82 -0.98 22.65
N LYS D 90 1.91 -1.63 23.06
CA LYS D 90 1.93 -2.48 24.25
C LYS D 90 1.16 -1.85 25.39
N ALA D 91 1.59 -0.65 25.76
CA ALA D 91 0.97 0.08 26.85
C ALA D 91 -0.55 0.15 26.70
N GLU D 92 -1.01 0.14 25.46
CA GLU D 92 -2.45 0.23 25.18
C GLU D 92 -3.14 -1.07 24.79
N LYS D 93 -2.38 -2.15 24.66
CA LYS D 93 -2.97 -3.42 24.26
C LYS D 93 -3.75 -3.20 22.97
N ARG D 94 -3.16 -2.43 22.06
CA ARG D 94 -3.75 -2.07 20.78
C ARG D 94 -2.74 -2.10 19.65
N VAL D 95 -3.18 -2.53 18.48
CA VAL D 95 -2.34 -2.53 17.30
C VAL D 95 -2.95 -1.39 16.49
N ARG D 96 -2.16 -0.37 16.19
CA ARG D 96 -2.67 0.75 15.41
C ARG D 96 -2.25 0.58 13.95
N ILE D 97 -3.21 0.78 13.04
CA ILE D 97 -2.95 0.67 11.62
C ILE D 97 -3.34 1.97 10.93
N GLU D 98 -2.43 2.51 10.14
CA GLU D 98 -2.69 3.73 9.41
C GLU D 98 -2.32 3.53 7.95
N ALA D 99 -3.11 4.14 7.06
CA ALA D 99 -2.85 4.01 5.65
C ALA D 99 -3.07 5.36 4.97
N THR D 100 -2.29 5.60 3.91
CA THR D 100 -2.37 6.84 3.14
C THR D 100 -2.15 6.50 1.68
N VAL D 101 -3.16 6.76 0.85
CA VAL D 101 -3.11 6.46 -0.57
C VAL D 101 -3.03 7.74 -1.42
N LYS D 102 -2.40 7.65 -2.59
CA LYS D 102 -2.27 8.79 -3.49
C LYS D 102 -2.59 8.40 -4.94
N THR D 103 -3.35 9.25 -5.62
CA THR D 103 -3.69 9.02 -7.01
C THR D 103 -3.75 10.34 -7.74
N LYS D 104 -4.12 10.26 -9.01
CA LYS D 104 -4.24 11.41 -9.89
C LYS D 104 -5.45 11.03 -10.70
N ALA D 105 -6.64 11.42 -10.24
CA ALA D 105 -7.85 11.05 -10.97
C ALA D 105 -9.04 11.96 -10.71
N GLU D 106 -10.19 11.56 -11.22
CA GLU D 106 -11.41 12.33 -11.10
C GLU D 106 -12.20 12.00 -9.84
N THR D 107 -11.72 11.03 -9.08
CA THR D 107 -12.46 10.62 -7.91
C THR D 107 -11.56 10.38 -6.69
N GLY D 108 -12.15 10.45 -5.51
CA GLY D 108 -11.40 10.27 -4.27
C GLY D 108 -10.92 8.86 -3.93
N VAL D 109 -9.98 8.78 -2.99
CA VAL D 109 -9.42 7.51 -2.57
C VAL D 109 -9.66 7.18 -1.12
N GLU D 110 -10.72 7.73 -0.54
CA GLU D 110 -11.07 7.45 0.86
C GLU D 110 -11.22 5.94 1.03
N MET D 111 -11.91 5.31 0.07
CA MET D 111 -12.15 3.87 0.08
C MET D 111 -10.89 3.04 0.04
N GLU D 112 -9.90 3.48 -0.73
CA GLU D 112 -8.64 2.73 -0.80
C GLU D 112 -7.99 2.75 0.58
N ALA D 113 -7.91 3.93 1.17
CA ALA D 113 -7.30 4.09 2.48
C ALA D 113 -8.04 3.27 3.54
N MET D 114 -9.36 3.42 3.57
CA MET D 114 -10.21 2.70 4.52
C MET D 114 -10.02 1.20 4.41
N THR D 115 -10.01 0.69 3.18
CA THR D 115 -9.86 -0.75 2.95
C THR D 115 -8.49 -1.28 3.37
N ALA D 116 -7.43 -0.53 3.09
CA ALA D 116 -6.08 -0.96 3.47
C ALA D 116 -6.03 -1.22 4.99
N CYS D 117 -6.64 -0.34 5.77
CA CYS D 117 -6.66 -0.48 7.23
C CYS D 117 -7.52 -1.66 7.68
N ALA D 118 -8.71 -1.79 7.11
CA ALA D 118 -9.62 -2.89 7.45
C ALA D 118 -9.01 -4.25 7.14
N VAL D 119 -8.39 -4.40 5.97
CA VAL D 119 -7.78 -5.67 5.63
C VAL D 119 -6.53 -5.92 6.47
N ALA D 120 -5.79 -4.86 6.81
CA ALA D 120 -4.61 -5.04 7.64
C ALA D 120 -5.12 -5.59 8.97
N ALA D 121 -6.15 -4.96 9.50
CA ALA D 121 -6.74 -5.37 10.76
C ALA D 121 -7.24 -6.81 10.71
N LEU D 122 -7.80 -7.22 9.57
CA LEU D 122 -8.29 -8.58 9.41
C LEU D 122 -7.14 -9.57 9.38
N THR D 123 -6.05 -9.19 8.73
CA THR D 123 -4.85 -10.03 8.63
C THR D 123 -4.23 -10.11 10.03
N VAL D 124 -4.20 -8.98 10.74
CA VAL D 124 -3.67 -8.95 12.10
C VAL D 124 -4.49 -9.92 12.97
N TYR D 125 -5.79 -9.96 12.72
CA TYR D 125 -6.71 -10.82 13.45
C TYR D 125 -6.48 -12.27 13.06
N ASP D 126 -6.25 -12.52 11.78
CA ASP D 126 -6.04 -13.87 11.28
C ASP D 126 -4.79 -14.54 11.84
N MET D 127 -3.78 -13.76 12.18
CA MET D 127 -2.56 -14.35 12.67
C MET D 127 -2.40 -14.41 14.16
N LEU D 128 -3.45 -14.05 14.89
CA LEU D 128 -3.45 -14.08 16.35
C LEU D 128 -4.68 -14.77 16.89
N LYS D 129 -5.67 -14.98 16.02
CA LYS D 129 -6.93 -15.61 16.40
C LYS D 129 -6.81 -17.01 17.00
N ALA D 130 -5.76 -17.74 16.64
CA ALA D 130 -5.54 -19.07 17.18
C ALA D 130 -5.40 -18.91 18.70
N ALA D 131 -4.73 -17.82 19.10
CA ALA D 131 -4.53 -17.51 20.52
C ALA D 131 -5.87 -17.06 21.11
N SER D 132 -6.39 -15.94 20.63
CA SER D 132 -7.67 -15.43 21.12
C SER D 132 -8.65 -15.14 19.98
N LYS D 133 -9.70 -15.94 19.88
CA LYS D 133 -10.69 -15.74 18.83
C LYS D 133 -11.64 -14.65 19.27
N GLY D 134 -11.24 -13.93 20.32
CA GLY D 134 -12.04 -12.85 20.87
C GLY D 134 -11.63 -11.46 20.43
N LEU D 135 -10.42 -11.34 19.86
CA LEU D 135 -9.90 -10.06 19.38
C LEU D 135 -10.98 -9.27 18.63
N VAL D 136 -10.89 -7.94 18.69
CA VAL D 136 -11.88 -7.09 18.01
C VAL D 136 -11.26 -6.01 17.12
N ILE D 137 -11.83 -5.81 15.93
CA ILE D 137 -11.36 -4.75 15.07
C ILE D 137 -12.28 -3.59 15.42
N SER D 138 -11.72 -2.48 15.87
CA SER D 138 -12.54 -1.34 16.23
C SER D 138 -12.03 -0.05 15.62
N GLN D 139 -12.96 0.86 15.35
CA GLN D 139 -12.60 2.16 14.80
C GLN D 139 -12.00 2.35 13.39
N VAL D 140 -12.58 1.72 12.38
CA VAL D 140 -12.12 1.94 11.01
C VAL D 140 -12.68 3.30 10.62
N ARG D 141 -11.80 4.28 10.43
CA ARG D 141 -12.28 5.62 10.13
C ARG D 141 -11.26 6.49 9.40
N LEU D 142 -11.78 7.53 8.74
CA LEU D 142 -10.93 8.44 8.00
C LEU D 142 -10.32 9.50 8.89
N LEU D 143 -9.11 9.92 8.56
CA LEU D 143 -8.43 10.95 9.33
C LEU D 143 -8.24 12.20 8.47
N HIS D 144 -7.85 12.01 7.21
CA HIS D 144 -7.63 13.13 6.30
C HIS D 144 -7.86 12.80 4.82
N LYS D 145 -8.03 13.85 4.02
CA LYS D 145 -8.22 13.72 2.57
C LYS D 145 -8.08 15.10 1.93
N ALA D 146 -7.32 15.18 0.84
CA ALA D 146 -7.14 16.45 0.14
C ALA D 146 -7.37 16.28 -1.35
N GLY D 147 -7.32 17.40 -2.08
CA GLY D 147 -7.57 17.34 -3.51
C GLY D 147 -9.07 17.17 -3.67
N GLY D 148 -9.58 17.44 -4.86
CA GLY D 148 -11.01 17.28 -5.07
C GLY D 148 -11.79 18.57 -4.91
N LYS D 149 -13.11 18.45 -4.99
CA LYS D 149 -14.02 19.58 -4.89
C LYS D 149 -14.20 20.05 -3.45
N SER D 150 -14.34 19.08 -2.56
CA SER D 150 -14.53 19.36 -1.14
C SER D 150 -13.29 19.96 -0.48
N GLY D 151 -12.13 19.80 -1.13
CA GLY D 151 -10.91 20.33 -0.55
C GLY D 151 -10.45 19.51 0.66
N GLU D 152 -9.82 20.18 1.62
CA GLU D 152 -9.31 19.55 2.84
C GLU D 152 -10.38 18.93 3.76
N TRP D 153 -9.95 17.98 4.59
CA TRP D 153 -10.84 17.34 5.55
C TRP D 153 -9.95 16.69 6.60
N ARG D 154 -10.25 16.96 7.87
CA ARG D 154 -9.51 16.39 8.98
C ARG D 154 -10.55 15.98 10.00
N ARG D 155 -10.17 15.12 10.94
CA ARG D 155 -11.10 14.65 11.96
C ARG D 155 -11.18 15.57 13.18
N GLN E 7 -2.81 35.92 11.00
CA GLN E 7 -1.96 35.79 12.23
C GLN E 7 -2.53 34.70 13.15
N ASP E 8 -2.47 33.46 12.68
CA ASP E 8 -2.99 32.30 13.42
C ASP E 8 -1.99 31.75 14.44
N GLY E 9 -2.22 30.52 14.88
CA GLY E 9 -1.32 29.89 15.84
C GLY E 9 -0.26 29.12 15.07
N ARG E 10 0.82 29.82 14.75
CA ARG E 10 1.94 29.24 14.00
C ARG E 10 3.23 29.57 14.73
N PRO E 11 4.33 28.84 14.43
CA PRO E 11 5.62 29.05 15.07
C PRO E 11 6.03 30.52 15.13
N ARG E 12 6.49 30.96 16.30
CA ARG E 12 6.92 32.34 16.52
C ARG E 12 7.71 32.47 17.81
N MET E 13 8.65 33.42 17.84
CA MET E 13 9.45 33.66 19.03
C MET E 13 8.71 34.78 19.75
N VAL E 14 8.03 34.43 20.84
CA VAL E 14 7.26 35.38 21.65
C VAL E 14 8.00 36.70 21.88
N ASP E 15 7.30 37.81 21.65
CA ASP E 15 7.88 39.15 21.83
C ASP E 15 7.95 39.55 23.30
N VAL E 16 9.17 39.66 23.82
CA VAL E 16 9.38 40.03 25.21
C VAL E 16 10.16 41.35 25.32
N THR E 17 10.02 42.21 24.31
CA THR E 17 10.72 43.49 24.28
C THR E 17 10.37 44.41 25.45
N GLU E 18 9.09 44.47 25.79
CA GLU E 18 8.64 45.33 26.89
C GLU E 18 8.67 44.69 28.28
N LYS E 19 9.12 43.44 28.37
CA LYS E 19 9.22 42.77 29.66
C LYS E 19 10.56 43.26 30.25
N PRO E 20 10.60 43.52 31.57
CA PRO E 20 11.84 43.99 32.19
C PRO E 20 12.98 42.96 32.24
N GLU E 21 14.17 43.47 32.53
CA GLU E 21 15.38 42.66 32.62
C GLU E 21 15.64 42.27 34.08
N THR E 22 15.14 41.11 34.48
CA THR E 22 15.29 40.60 35.84
C THR E 22 16.24 39.41 35.91
N PHE E 23 16.82 39.15 37.08
CA PHE E 23 17.74 38.02 37.28
C PHE E 23 16.99 36.69 37.20
N ARG E 24 17.45 35.80 36.33
CA ARG E 24 16.81 34.51 36.16
C ARG E 24 17.75 33.35 36.47
N THR E 25 17.18 32.23 36.84
CA THR E 25 17.96 31.04 37.16
C THR E 25 17.11 29.80 36.89
N ALA E 26 17.78 28.66 36.75
CA ALA E 26 17.08 27.41 36.50
C ALA E 26 18.03 26.24 36.74
N THR E 27 17.49 25.18 37.32
CA THR E 27 18.27 23.99 37.63
C THR E 27 17.56 22.76 37.09
N ALA E 28 18.31 21.90 36.42
CA ALA E 28 17.76 20.68 35.84
C ALA E 28 18.64 19.49 36.15
N GLU E 29 18.19 18.31 35.78
CA GLU E 29 18.97 17.11 36.01
C GLU E 29 18.61 16.00 35.02
N ALA E 30 19.58 15.13 34.79
CA ALA E 30 19.41 14.00 33.88
C ALA E 30 20.17 12.82 34.45
N PHE E 31 19.72 11.61 34.14
CA PHE E 31 20.37 10.41 34.64
C PHE E 31 20.71 9.50 33.47
N VAL E 32 21.73 8.68 33.66
CA VAL E 32 22.11 7.71 32.64
C VAL E 32 22.16 6.36 33.33
N GLU E 33 21.31 5.44 32.89
CA GLU E 33 21.25 4.09 33.43
C GLU E 33 22.39 3.30 32.82
N LEU E 34 23.29 2.78 33.65
CA LEU E 34 24.42 2.02 33.16
C LEU E 34 24.17 0.53 33.26
N THR E 35 24.99 -0.24 32.55
CA THR E 35 24.93 -1.69 32.58
C THR E 35 26.26 -2.08 33.21
N GLU E 36 26.41 -3.33 33.62
CA GLU E 36 27.65 -3.77 34.24
C GLU E 36 28.87 -3.39 33.41
N GLU E 37 28.90 -3.82 32.14
CA GLU E 37 30.01 -3.51 31.26
C GLU E 37 30.26 -2.01 31.32
N ALA E 38 29.21 -1.24 31.13
CA ALA E 38 29.31 0.20 31.16
C ALA E 38 29.98 0.65 32.45
N LEU E 39 29.41 0.23 33.58
CA LEU E 39 29.92 0.57 34.92
C LEU E 39 31.37 0.12 35.12
N SER E 40 31.66 -1.10 34.67
CA SER E 40 33.00 -1.65 34.80
C SER E 40 34.02 -0.74 34.14
N ALA E 41 33.71 -0.33 32.90
CA ALA E 41 34.60 0.56 32.14
C ALA E 41 34.77 1.92 32.80
N LEU E 42 33.65 2.53 33.17
CA LEU E 42 33.66 3.84 33.81
C LEU E 42 34.61 3.87 35.02
N GLU E 43 34.55 2.83 35.85
CA GLU E 43 35.40 2.74 37.04
C GLU E 43 36.86 2.47 36.65
N LYS E 44 37.06 1.96 35.44
CA LYS E 44 38.38 1.67 34.93
C LYS E 44 38.89 2.89 34.15
N GLY E 45 38.07 3.94 34.10
CA GLY E 45 38.47 5.16 33.41
C GLY E 45 37.96 5.37 31.99
N GLY E 46 36.96 4.61 31.58
CA GLY E 46 36.44 4.76 30.24
C GLY E 46 36.89 3.65 29.30
N VAL E 47 36.48 3.73 28.04
CA VAL E 47 36.84 2.70 27.08
C VAL E 47 38.03 3.09 26.20
N GLY E 48 38.77 4.12 26.61
CA GLY E 48 39.92 4.56 25.84
C GLY E 48 39.82 5.96 25.24
N LYS E 49 38.65 6.58 25.34
CA LYS E 49 38.43 7.93 24.81
C LYS E 49 38.65 9.03 25.84
N GLY E 50 38.72 8.66 27.11
CA GLY E 50 38.91 9.64 28.19
C GLY E 50 37.86 9.43 29.28
N ASP E 51 37.89 10.24 30.33
CA ASP E 51 36.92 10.10 31.42
C ASP E 51 35.54 10.62 31.02
N PRO E 52 34.55 9.73 30.91
CA PRO E 52 33.17 10.07 30.54
C PRO E 52 32.54 11.23 31.30
N LEU E 53 32.74 11.27 32.61
CA LEU E 53 32.17 12.33 33.43
C LEU E 53 32.83 13.69 33.24
N VAL E 54 34.15 13.68 33.09
CA VAL E 54 34.88 14.92 32.89
C VAL E 54 34.54 15.59 31.55
N VAL E 55 34.47 14.78 30.49
CA VAL E 55 34.19 15.30 29.17
C VAL E 55 32.73 15.73 29.05
N ALA E 56 31.83 14.90 29.60
CA ALA E 56 30.39 15.17 29.57
C ALA E 56 30.07 16.42 30.35
N GLN E 57 30.80 16.66 31.43
CA GLN E 57 30.56 17.84 32.24
C GLN E 57 30.85 19.12 31.46
N LEU E 58 31.94 19.11 30.70
CA LEU E 58 32.31 20.28 29.91
C LEU E 58 31.32 20.43 28.76
N ALA E 59 30.97 19.30 28.17
CA ALA E 59 30.01 19.25 27.07
C ALA E 59 28.66 19.84 27.49
N GLY E 60 28.25 19.58 28.74
CA GLY E 60 27.00 20.11 29.27
C GLY E 60 27.04 21.62 29.37
N ILE E 61 28.20 22.19 29.73
CA ILE E 61 28.33 23.65 29.83
C ILE E 61 28.24 24.27 28.45
N LEU E 62 29.02 23.73 27.52
CA LEU E 62 29.02 24.19 26.15
C LEU E 62 27.62 24.12 25.56
N ALA E 63 26.90 23.05 25.88
CA ALA E 63 25.53 22.88 25.36
C ALA E 63 24.63 24.02 25.81
N ALA E 64 24.75 24.39 27.09
CA ALA E 64 23.98 25.49 27.64
C ALA E 64 24.11 26.75 26.77
N LYS E 65 25.30 26.95 26.19
CA LYS E 65 25.55 28.11 25.34
C LYS E 65 25.04 27.95 23.92
N LYS E 66 24.77 26.71 23.51
CA LYS E 66 24.29 26.47 22.15
C LYS E 66 22.79 26.21 22.10
N THR E 67 22.15 26.24 23.26
CA THR E 67 20.73 25.99 23.38
C THR E 67 19.88 26.70 22.35
N ALA E 68 19.95 28.03 22.30
CA ALA E 68 19.16 28.80 21.33
C ALA E 68 19.42 28.36 19.89
N ASP E 69 20.51 27.65 19.69
CA ASP E 69 20.84 27.17 18.36
C ASP E 69 20.19 25.81 18.09
N LEU E 70 19.79 25.13 19.16
CA LEU E 70 19.17 23.82 19.03
C LEU E 70 17.67 23.87 19.21
N ILE E 71 17.20 24.78 20.06
CA ILE E 71 15.78 24.93 20.34
C ILE E 71 15.30 26.10 19.52
N PRO E 72 14.55 25.81 18.45
CA PRO E 72 13.98 26.74 17.48
C PRO E 72 13.44 28.09 17.93
N LEU E 73 12.42 28.07 18.80
CA LEU E 73 11.82 29.31 19.26
C LEU E 73 12.41 29.90 20.54
N CYS E 74 13.58 29.40 20.92
CA CYS E 74 14.28 29.86 22.11
C CYS E 74 15.01 31.21 21.87
N HIS E 75 15.03 32.05 22.89
CA HIS E 75 15.66 33.37 22.82
C HIS E 75 17.19 33.40 23.02
N PRO E 76 17.92 34.11 22.14
CA PRO E 76 19.39 34.19 22.28
C PRO E 76 19.69 35.05 23.52
N LEU E 77 20.39 34.50 24.50
CA LEU E 77 20.66 35.23 25.73
C LEU E 77 22.09 35.24 26.20
N PRO E 78 22.52 36.35 26.82
CA PRO E 78 23.89 36.35 27.30
C PRO E 78 23.72 35.55 28.58
N LEU E 79 24.61 34.61 28.86
CA LEU E 79 24.48 33.84 30.09
C LEU E 79 25.43 34.46 31.10
N THR E 80 25.02 34.48 32.36
CA THR E 80 25.85 35.06 33.41
C THR E 80 26.47 33.97 34.26
N GLY E 81 25.91 32.76 34.17
CA GLY E 81 26.47 31.67 34.94
C GLY E 81 26.04 30.31 34.46
N VAL E 82 26.93 29.33 34.64
CA VAL E 82 26.62 27.96 34.25
C VAL E 82 27.39 26.99 35.13
N GLU E 83 26.66 26.09 35.77
CA GLU E 83 27.27 25.08 36.64
C GLU E 83 26.77 23.73 36.16
N VAL E 84 27.62 22.72 36.26
CA VAL E 84 27.24 21.39 35.84
C VAL E 84 27.93 20.35 36.70
N ARG E 85 27.15 19.43 37.24
CA ARG E 85 27.69 18.37 38.07
C ARG E 85 27.45 17.04 37.37
N VAL E 86 28.48 16.24 37.28
CA VAL E 86 28.36 14.94 36.65
C VAL E 86 29.05 13.96 37.57
N GLU E 87 28.25 13.32 38.41
CA GLU E 87 28.73 12.34 39.39
C GLU E 87 28.27 10.93 39.05
N LEU E 88 28.99 9.94 39.57
CA LEU E 88 28.66 8.54 39.34
C LEU E 88 28.01 7.97 40.59
N LEU E 89 26.79 7.45 40.46
CA LEU E 89 26.09 6.86 41.60
C LEU E 89 26.36 5.36 41.53
N LYS E 90 27.60 4.99 41.82
CA LYS E 90 28.07 3.62 41.76
C LYS E 90 27.08 2.55 42.12
N ALA E 91 26.42 2.69 43.26
CA ALA E 91 25.45 1.70 43.70
C ALA E 91 24.22 1.56 42.80
N GLU E 92 23.64 2.67 42.37
CA GLU E 92 22.44 2.64 41.51
C GLU E 92 22.73 2.33 40.05
N LYS E 93 24.01 2.24 39.69
CA LYS E 93 24.41 1.98 38.31
C LYS E 93 24.02 3.17 37.43
N ARG E 94 23.97 4.35 38.05
CA ARG E 94 23.60 5.58 37.36
C ARG E 94 24.66 6.67 37.37
N VAL E 95 24.56 7.55 36.38
CA VAL E 95 25.43 8.71 36.29
C VAL E 95 24.40 9.81 36.46
N ARG E 96 24.68 10.76 37.33
CA ARG E 96 23.72 11.83 37.57
C ARG E 96 24.27 13.16 37.13
N ILE E 97 23.55 13.82 36.23
CA ILE E 97 23.95 15.14 35.77
C ILE E 97 22.90 16.13 36.24
N GLU E 98 23.40 17.28 36.71
CA GLU E 98 22.57 18.36 37.18
C GLU E 98 23.25 19.63 36.70
N ALA E 99 22.46 20.58 36.23
CA ALA E 99 23.04 21.84 35.78
C ALA E 99 22.18 22.98 36.23
N THR E 100 22.82 24.12 36.46
CA THR E 100 22.15 25.33 36.90
C THR E 100 22.71 26.46 36.06
N VAL E 101 21.82 27.23 35.44
CA VAL E 101 22.22 28.34 34.60
C VAL E 101 21.62 29.60 35.18
N LYS E 102 22.29 30.72 34.95
CA LYS E 102 21.83 32.00 35.45
C LYS E 102 22.00 33.01 34.34
N THR E 103 21.26 34.11 34.43
CA THR E 103 21.32 35.17 33.42
C THR E 103 20.59 36.42 33.89
N LYS E 104 20.64 37.46 33.06
CA LYS E 104 19.95 38.70 33.35
C LYS E 104 19.31 39.09 32.04
N ALA E 105 18.07 38.68 31.85
CA ALA E 105 17.36 39.00 30.63
C ALA E 105 15.86 38.92 30.87
N GLU E 106 15.08 39.19 29.83
CA GLU E 106 13.64 39.19 29.94
C GLU E 106 13.09 37.76 29.83
N THR E 107 13.95 36.79 29.56
CA THR E 107 13.50 35.43 29.41
C THR E 107 14.17 34.42 30.34
N GLY E 108 13.49 33.32 30.63
CA GLY E 108 14.03 32.33 31.53
C GLY E 108 15.14 31.49 30.93
N VAL E 109 15.73 30.63 31.76
CA VAL E 109 16.83 29.77 31.31
C VAL E 109 16.60 28.29 31.60
N GLU E 110 15.33 27.87 31.61
CA GLU E 110 14.98 26.47 31.88
C GLU E 110 15.51 25.56 30.79
N MET E 111 15.56 26.08 29.56
CA MET E 111 16.04 25.33 28.41
C MET E 111 17.56 25.21 28.43
N GLU E 112 18.23 26.28 28.83
CA GLU E 112 19.69 26.25 28.90
C GLU E 112 20.07 25.18 29.92
N ALA E 113 19.24 25.05 30.96
CA ALA E 113 19.47 24.08 32.00
C ALA E 113 19.08 22.68 31.54
N MET E 114 17.90 22.56 30.95
CA MET E 114 17.46 21.26 30.46
C MET E 114 18.45 20.74 29.42
N THR E 115 18.81 21.59 28.46
CA THR E 115 19.72 21.20 27.39
C THR E 115 21.13 20.79 27.87
N ALA E 116 21.66 21.53 28.84
CA ALA E 116 22.95 21.22 29.40
C ALA E 116 22.92 19.78 29.90
N CYS E 117 21.83 19.38 30.53
CA CYS E 117 21.74 18.02 31.04
C CYS E 117 21.60 16.97 29.95
N ALA E 118 20.79 17.23 28.94
CA ALA E 118 20.61 16.26 27.87
C ALA E 118 21.90 16.03 27.08
N VAL E 119 22.66 17.08 26.82
CA VAL E 119 23.88 16.90 26.04
C VAL E 119 24.98 16.20 26.85
N ALA E 120 25.05 16.50 28.15
CA ALA E 120 26.05 15.87 28.99
C ALA E 120 25.68 14.40 29.09
N ALA E 121 24.38 14.12 29.02
CA ALA E 121 23.90 12.73 29.07
C ALA E 121 24.34 12.03 27.77
N LEU E 122 24.13 12.70 26.65
CA LEU E 122 24.53 12.16 25.36
C LEU E 122 26.04 11.98 25.35
N THR E 123 26.76 12.91 25.97
CA THR E 123 28.20 12.82 26.00
C THR E 123 28.71 11.61 26.77
N VAL E 124 28.05 11.28 27.87
CA VAL E 124 28.44 10.12 28.66
C VAL E 124 28.12 8.88 27.82
N TYR E 125 27.02 8.91 27.08
CA TYR E 125 26.65 7.80 26.24
C TYR E 125 27.72 7.54 25.20
N ASP E 126 28.17 8.60 24.53
CA ASP E 126 29.20 8.49 23.50
C ASP E 126 30.53 8.00 24.08
N MET E 127 30.80 8.37 25.33
CA MET E 127 32.03 7.98 25.99
C MET E 127 32.01 6.52 26.47
N LEU E 128 30.85 5.88 26.37
CA LEU E 128 30.71 4.49 26.85
C LEU E 128 29.92 3.54 25.96
N LYS E 129 29.31 4.03 24.88
CA LYS E 129 28.54 3.14 24.01
C LYS E 129 29.36 1.97 23.45
N ALA E 130 30.67 2.14 23.39
CA ALA E 130 31.54 1.08 22.89
C ALA E 130 31.53 -0.10 23.83
N ALA E 131 31.27 0.17 25.12
CA ALA E 131 31.22 -0.88 26.13
C ALA E 131 29.86 -1.55 26.16
N SER E 132 28.82 -0.76 25.89
CA SER E 132 27.45 -1.26 25.90
C SER E 132 26.63 -0.17 25.24
N LYS E 133 25.78 -0.54 24.30
CA LYS E 133 24.97 0.42 23.58
C LYS E 133 23.55 0.45 24.11
N GLY E 134 23.27 -0.37 25.12
CA GLY E 134 21.96 -0.43 25.71
C GLY E 134 21.72 0.71 26.68
N LEU E 135 22.78 1.42 27.05
CA LEU E 135 22.65 2.53 27.98
C LEU E 135 21.42 3.35 27.64
N VAL E 136 20.82 3.92 28.67
CA VAL E 136 19.63 4.72 28.50
C VAL E 136 19.76 6.04 29.25
N ILE E 137 19.26 7.10 28.63
CA ILE E 137 19.25 8.43 29.23
C ILE E 137 17.81 8.55 29.73
N SER E 138 17.66 8.77 31.03
CA SER E 138 16.34 8.86 31.59
C SER E 138 16.09 10.03 32.52
N GLN E 139 14.81 10.27 32.72
CA GLN E 139 14.34 11.31 33.61
C GLN E 139 14.98 12.70 33.51
N VAL E 140 15.14 13.23 32.31
CA VAL E 140 15.68 14.57 32.19
C VAL E 140 14.52 15.50 32.60
N ARG E 141 14.71 16.22 33.69
CA ARG E 141 13.65 17.07 34.21
C ARG E 141 14.09 18.33 34.92
N LEU E 142 13.17 19.28 35.06
CA LEU E 142 13.46 20.53 35.73
C LEU E 142 13.30 20.37 37.25
N LEU E 143 14.12 21.08 38.01
CA LEU E 143 14.08 21.00 39.47
C LEU E 143 13.77 22.32 40.15
N HIS E 144 14.01 23.42 39.45
CA HIS E 144 13.78 24.75 40.01
C HIS E 144 14.03 25.82 38.98
N LYS E 145 13.55 27.03 39.27
CA LYS E 145 13.73 28.19 38.42
C LYS E 145 13.23 29.37 39.25
N ALA E 146 13.69 30.57 38.92
CA ALA E 146 13.27 31.76 39.66
C ALA E 146 13.48 33.01 38.84
N GLY E 147 12.89 34.12 39.29
CA GLY E 147 13.00 35.39 38.60
C GLY E 147 11.83 35.63 37.66
N GLY E 148 11.75 36.84 37.11
CA GLY E 148 10.68 37.17 36.20
C GLY E 148 9.30 37.35 36.81
N LYS E 149 8.33 36.61 36.27
CA LYS E 149 6.95 36.70 36.76
C LYS E 149 6.47 35.43 37.45
N SER E 150 6.59 34.29 36.78
CA SER E 150 6.16 33.01 37.33
C SER E 150 6.62 32.86 38.77
N GLY E 151 7.82 33.37 39.06
CA GLY E 151 8.36 33.26 40.40
C GLY E 151 9.02 31.92 40.68
N GLU E 152 9.32 31.67 41.94
CA GLU E 152 9.96 30.42 42.36
C GLU E 152 9.24 29.17 41.87
N TRP E 153 9.94 28.05 41.86
CA TRP E 153 9.38 26.77 41.43
C TRP E 153 10.36 25.68 41.83
N ARG E 154 9.84 24.59 42.39
CA ARG E 154 10.68 23.47 42.79
C ARG E 154 9.87 22.20 42.53
N ARG E 155 10.56 21.09 42.25
CA ARG E 155 9.88 19.83 41.97
C ARG E 155 9.31 19.18 43.23
N ARG F 10 8.36 -15.94 10.48
CA ARG F 10 8.36 -16.41 9.06
C ARG F 10 6.95 -16.82 8.61
N PRO F 11 6.32 -15.99 7.76
CA PRO F 11 4.98 -16.23 7.25
C PRO F 11 4.82 -17.67 6.77
N ARG F 12 3.69 -18.27 7.11
CA ARG F 12 3.45 -19.66 6.72
C ARG F 12 1.98 -20.02 6.73
N MET F 13 1.54 -20.72 5.68
CA MET F 13 0.17 -21.19 5.63
C MET F 13 0.26 -22.53 6.35
N VAL F 14 -0.12 -22.55 7.63
CA VAL F 14 -0.05 -23.77 8.43
C VAL F 14 -0.49 -25.01 7.67
N ASP F 15 0.37 -26.03 7.68
CA ASP F 15 0.08 -27.29 7.02
C ASP F 15 -0.99 -28.06 7.81
N VAL F 16 -2.20 -28.12 7.27
CA VAL F 16 -3.30 -28.81 7.94
C VAL F 16 -3.87 -29.98 7.13
N THR F 17 -2.97 -30.72 6.48
CA THR F 17 -3.37 -31.88 5.67
C THR F 17 -3.41 -33.11 6.57
N GLU F 18 -3.25 -32.88 7.87
CA GLU F 18 -3.22 -33.95 8.86
C GLU F 18 -4.61 -34.19 9.47
N LYS F 19 -5.58 -33.40 9.05
CA LYS F 19 -6.93 -33.53 9.58
C LYS F 19 -7.93 -33.95 8.52
N PRO F 20 -9.11 -34.41 8.95
CA PRO F 20 -10.16 -34.83 8.03
C PRO F 20 -11.02 -33.59 7.80
N GLU F 21 -12.18 -33.74 7.18
CA GLU F 21 -13.05 -32.59 6.98
C GLU F 21 -14.40 -32.74 7.65
N THR F 22 -14.83 -31.67 8.32
CA THR F 22 -16.11 -31.66 9.03
C THR F 22 -16.87 -30.35 8.86
N PHE F 23 -18.20 -30.46 8.87
CA PHE F 23 -19.10 -29.32 8.74
C PHE F 23 -18.65 -28.17 9.65
N ARG F 24 -18.26 -27.04 9.05
CA ARG F 24 -17.82 -25.88 9.82
C ARG F 24 -18.69 -24.64 9.63
N THR F 25 -18.78 -23.81 10.67
CA THR F 25 -19.58 -22.60 10.61
C THR F 25 -18.97 -21.46 11.42
N ALA F 26 -19.34 -20.24 11.05
CA ALA F 26 -18.85 -19.04 11.73
C ALA F 26 -19.81 -17.87 11.52
N THR F 27 -19.97 -17.06 12.55
CA THR F 27 -20.84 -15.91 12.46
C THR F 27 -20.11 -14.72 13.05
N ALA F 28 -20.24 -13.58 12.38
CA ALA F 28 -19.59 -12.35 12.82
C ALA F 28 -20.55 -11.18 12.68
N GLU F 29 -20.10 -10.00 13.09
CA GLU F 29 -20.92 -8.81 12.99
C GLU F 29 -20.04 -7.57 12.95
N ALA F 30 -20.63 -6.46 12.53
CA ALA F 30 -19.93 -5.20 12.46
C ALA F 30 -20.95 -4.07 12.56
N PHE F 31 -20.49 -2.88 12.92
CA PHE F 31 -21.37 -1.74 13.03
C PHE F 31 -20.83 -0.55 12.30
N VAL F 32 -21.73 0.36 11.92
CA VAL F 32 -21.33 1.58 11.26
C VAL F 32 -22.08 2.69 11.99
N GLU F 33 -21.32 3.50 12.72
CA GLU F 33 -21.85 4.61 13.49
C GLU F 33 -22.18 5.74 12.51
N LEU F 34 -23.47 6.08 12.41
CA LEU F 34 -23.93 7.12 11.50
C LEU F 34 -24.02 8.49 12.19
N THR F 35 -23.70 9.55 11.46
CA THR F 35 -23.83 10.89 11.99
C THR F 35 -25.27 11.23 11.70
N GLU F 36 -25.71 12.43 12.09
CA GLU F 36 -27.09 12.83 11.82
C GLU F 36 -27.22 13.02 10.32
N GLU F 37 -26.23 13.64 9.70
CA GLU F 37 -26.21 13.86 8.26
C GLU F 37 -26.49 12.53 7.56
N ALA F 38 -25.57 11.60 7.76
CA ALA F 38 -25.64 10.26 7.17
C ALA F 38 -26.95 9.52 7.47
N LEU F 39 -27.29 9.35 8.75
CA LEU F 39 -28.51 8.66 9.12
C LEU F 39 -29.70 9.22 8.34
N SER F 40 -29.75 10.54 8.24
CA SER F 40 -30.81 11.22 7.50
C SER F 40 -30.79 10.74 6.05
N ALA F 41 -29.67 10.99 5.38
CA ALA F 41 -29.48 10.59 3.98
C ALA F 41 -29.89 9.15 3.77
N LEU F 42 -29.40 8.27 4.63
CA LEU F 42 -29.72 6.86 4.53
C LEU F 42 -31.23 6.69 4.40
N GLU F 43 -31.97 7.30 5.32
CA GLU F 43 -33.44 7.20 5.33
C GLU F 43 -34.10 7.68 4.04
N LYS F 44 -33.48 8.65 3.37
CA LYS F 44 -34.01 9.19 2.12
C LYS F 44 -33.67 8.28 0.95
N GLY F 45 -32.88 7.25 1.20
CA GLY F 45 -32.51 6.33 0.14
C GLY F 45 -31.02 6.28 -0.12
N GLY F 46 -30.30 7.33 0.27
CA GLY F 46 -28.87 7.36 0.06
C GLY F 46 -28.36 8.70 -0.44
N VAL F 47 -27.19 8.68 -1.08
CA VAL F 47 -26.61 9.91 -1.61
C VAL F 47 -26.88 10.04 -3.11
N GLY F 48 -27.46 8.99 -3.71
CA GLY F 48 -27.76 9.03 -5.13
C GLY F 48 -27.14 7.89 -5.90
N LYS F 49 -26.32 7.09 -5.23
CA LYS F 49 -25.64 5.96 -5.85
C LYS F 49 -26.44 4.70 -5.66
N GLY F 50 -27.52 4.79 -4.89
CA GLY F 50 -28.36 3.62 -4.67
C GLY F 50 -28.56 3.29 -3.21
N ASP F 51 -29.34 2.24 -2.95
CA ASP F 51 -29.65 1.79 -1.59
C ASP F 51 -28.38 1.34 -0.84
N PRO F 52 -27.98 2.10 0.20
CA PRO F 52 -26.78 1.74 0.96
C PRO F 52 -26.78 0.30 1.49
N LEU F 53 -27.89 -0.09 2.13
CA LEU F 53 -28.00 -1.41 2.72
C LEU F 53 -28.03 -2.56 1.71
N VAL F 54 -28.80 -2.41 0.65
CA VAL F 54 -28.88 -3.45 -0.36
C VAL F 54 -27.56 -3.79 -1.03
N VAL F 55 -26.73 -2.77 -1.29
CA VAL F 55 -25.44 -2.97 -1.95
C VAL F 55 -24.36 -3.50 -1.01
N ALA F 56 -24.34 -3.02 0.23
CA ALA F 56 -23.34 -3.50 1.18
C ALA F 56 -23.58 -4.99 1.42
N GLN F 57 -24.86 -5.32 1.53
CA GLN F 57 -25.30 -6.69 1.77
C GLN F 57 -24.81 -7.64 0.69
N LEU F 58 -24.89 -7.20 -0.58
CA LEU F 58 -24.43 -8.02 -1.68
C LEU F 58 -22.90 -8.08 -1.64
N ALA F 59 -22.28 -6.95 -1.31
CA ALA F 59 -20.83 -6.88 -1.24
C ALA F 59 -20.29 -7.90 -0.23
N GLY F 60 -20.95 -8.01 0.92
CA GLY F 60 -20.53 -8.96 1.95
C GLY F 60 -20.49 -10.41 1.49
N ILE F 61 -21.49 -10.82 0.72
CA ILE F 61 -21.53 -12.17 0.21
C ILE F 61 -20.33 -12.40 -0.71
N LEU F 62 -20.07 -11.44 -1.59
CA LEU F 62 -18.94 -11.52 -2.52
C LEU F 62 -17.61 -11.51 -1.75
N ALA F 63 -17.54 -10.66 -0.73
CA ALA F 63 -16.34 -10.53 0.08
C ALA F 63 -15.96 -11.84 0.74
N ALA F 64 -16.96 -12.62 1.13
CA ALA F 64 -16.71 -13.91 1.77
C ALA F 64 -15.98 -14.83 0.79
N LYS F 65 -16.41 -14.80 -0.47
CA LYS F 65 -15.80 -15.63 -1.52
C LYS F 65 -14.35 -15.22 -1.84
N LYS F 66 -14.04 -13.96 -1.64
CA LYS F 66 -12.73 -13.45 -1.94
C LYS F 66 -11.78 -13.33 -0.74
N THR F 67 -12.22 -13.81 0.42
CA THR F 67 -11.41 -13.73 1.63
C THR F 67 -9.99 -14.28 1.44
N ALA F 68 -9.89 -15.47 0.84
CA ALA F 68 -8.57 -16.09 0.63
C ALA F 68 -7.63 -15.20 -0.19
N ASP F 69 -8.19 -14.41 -1.08
CA ASP F 69 -7.39 -13.54 -1.93
C ASP F 69 -6.88 -12.32 -1.15
N LEU F 70 -7.53 -12.01 -0.03
CA LEU F 70 -7.15 -10.86 0.78
C LEU F 70 -6.25 -11.23 1.94
N ILE F 71 -6.73 -12.14 2.78
CA ILE F 71 -5.97 -12.60 3.95
C ILE F 71 -4.90 -13.55 3.44
N PRO F 72 -3.62 -13.13 3.49
CA PRO F 72 -2.45 -13.90 3.04
C PRO F 72 -2.30 -15.35 3.47
N LEU F 73 -2.21 -15.61 4.76
CA LEU F 73 -2.03 -16.99 5.21
C LEU F 73 -3.30 -17.81 5.17
N CYS F 74 -4.41 -17.14 4.91
CA CYS F 74 -5.71 -17.78 4.85
C CYS F 74 -5.76 -18.91 3.82
N HIS F 75 -6.38 -20.03 4.20
CA HIS F 75 -6.52 -21.18 3.31
C HIS F 75 -7.69 -20.96 2.38
N PRO F 76 -7.53 -21.34 1.10
CA PRO F 76 -8.59 -21.19 0.10
C PRO F 76 -9.67 -22.18 0.52
N LEU F 77 -10.92 -21.93 0.16
CA LEU F 77 -11.96 -22.85 0.56
C LEU F 77 -13.24 -22.81 -0.24
N PRO F 78 -13.91 -23.95 -0.32
CA PRO F 78 -15.18 -24.03 -1.05
C PRO F 78 -16.22 -23.66 0.03
N LEU F 79 -17.20 -22.85 -0.31
CA LEU F 79 -18.21 -22.46 0.67
C LEU F 79 -19.53 -23.16 0.42
N THR F 80 -20.18 -23.62 1.48
CA THR F 80 -21.46 -24.30 1.34
C THR F 80 -22.61 -23.36 1.62
N GLY F 81 -22.30 -22.13 2.00
CA GLY F 81 -23.34 -21.16 2.28
C GLY F 81 -22.86 -19.85 2.85
N VAL F 82 -23.51 -18.77 2.43
CA VAL F 82 -23.17 -17.43 2.90
C VAL F 82 -24.44 -16.61 3.10
N GLU F 83 -24.69 -16.24 4.36
CA GLU F 83 -25.85 -15.42 4.72
C GLU F 83 -25.31 -14.07 5.20
N VAL F 84 -25.95 -12.97 4.79
CA VAL F 84 -25.53 -11.66 5.23
C VAL F 84 -26.77 -10.79 5.50
N ARG F 85 -26.77 -10.09 6.62
CA ARG F 85 -27.90 -9.23 6.99
C ARG F 85 -27.44 -7.83 7.39
N VAL F 86 -28.02 -6.82 6.75
CA VAL F 86 -27.66 -5.44 7.05
C VAL F 86 -28.92 -4.65 7.43
N GLU F 87 -28.89 -3.98 8.58
CA GLU F 87 -30.06 -3.23 9.01
C GLU F 87 -29.80 -1.92 9.73
N LEU F 88 -30.78 -1.03 9.70
CA LEU F 88 -30.65 0.25 10.37
C LEU F 88 -31.28 0.21 11.76
N LEU F 89 -30.47 0.43 12.77
CA LEU F 89 -30.96 0.49 14.14
C LEU F 89 -31.11 1.98 14.40
N LYS F 90 -32.21 2.56 13.91
CA LYS F 90 -32.50 3.98 14.06
C LYS F 90 -32.23 4.54 15.45
N ALA F 91 -32.96 4.03 16.44
CA ALA F 91 -32.79 4.52 17.80
C ALA F 91 -31.32 4.64 18.19
N GLU F 92 -30.53 3.68 17.72
CA GLU F 92 -29.09 3.65 18.02
C GLU F 92 -28.21 4.41 17.01
N LYS F 93 -28.80 4.82 15.90
CA LYS F 93 -28.06 5.55 14.87
C LYS F 93 -26.86 4.75 14.37
N ARG F 94 -27.08 3.48 14.09
CA ARG F 94 -26.01 2.62 13.60
C ARG F 94 -26.55 1.52 12.72
N VAL F 95 -25.72 1.05 11.80
CA VAL F 95 -26.10 -0.03 10.89
C VAL F 95 -25.51 -1.34 11.41
N ARG F 96 -26.36 -2.34 11.63
CA ARG F 96 -25.85 -3.62 12.11
C ARG F 96 -25.69 -4.58 10.94
N ILE F 97 -24.48 -5.14 10.83
CA ILE F 97 -24.16 -6.08 9.78
C ILE F 97 -23.72 -7.39 10.42
N GLU F 98 -24.31 -8.48 9.96
CA GLU F 98 -24.01 -9.80 10.50
C GLU F 98 -23.84 -10.80 9.37
N ALA F 99 -22.80 -11.62 9.44
CA ALA F 99 -22.56 -12.62 8.39
C ALA F 99 -22.40 -14.00 8.98
N THR F 100 -22.86 -15.01 8.23
CA THR F 100 -22.76 -16.41 8.62
C THR F 100 -22.23 -17.20 7.41
N VAL F 101 -21.17 -17.96 7.63
CA VAL F 101 -20.58 -18.75 6.55
C VAL F 101 -20.36 -20.21 6.96
N LYS F 102 -20.90 -21.13 6.15
CA LYS F 102 -20.75 -22.55 6.39
C LYS F 102 -19.83 -23.21 5.35
N THR F 103 -19.17 -24.31 5.73
CA THR F 103 -18.29 -25.04 4.81
C THR F 103 -17.94 -26.41 5.35
N LYS F 104 -17.49 -27.29 4.48
CA LYS F 104 -17.09 -28.63 4.87
C LYS F 104 -15.61 -28.79 4.55
N ALA F 105 -14.74 -28.42 5.48
CA ALA F 105 -13.30 -28.51 5.24
C ALA F 105 -12.47 -28.76 6.49
N GLU F 106 -11.17 -28.63 6.34
CA GLU F 106 -10.23 -28.87 7.43
C GLU F 106 -9.89 -27.58 8.18
N THR F 107 -10.50 -26.49 7.74
CA THR F 107 -10.26 -25.20 8.37
C THR F 107 -11.55 -24.44 8.58
N GLY F 108 -11.53 -23.50 9.53
CA GLY F 108 -12.68 -22.69 9.83
C GLY F 108 -12.91 -21.58 8.84
N VAL F 109 -14.10 -20.99 8.88
CA VAL F 109 -14.46 -19.89 7.99
C VAL F 109 -14.68 -18.61 8.76
N GLU F 110 -13.87 -18.39 9.79
CA GLU F 110 -13.98 -17.19 10.60
C GLU F 110 -13.70 -15.96 9.74
N MET F 111 -12.55 -15.99 9.07
CA MET F 111 -12.13 -14.89 8.22
C MET F 111 -13.21 -14.50 7.23
N GLU F 112 -13.81 -15.51 6.61
CA GLU F 112 -14.90 -15.31 5.66
C GLU F 112 -16.03 -14.49 6.30
N ALA F 113 -16.40 -14.85 7.52
CA ALA F 113 -17.46 -14.12 8.19
C ALA F 113 -16.99 -12.72 8.54
N MET F 114 -15.78 -12.61 9.05
CA MET F 114 -15.26 -11.30 9.42
C MET F 114 -15.07 -10.40 8.20
N THR F 115 -14.44 -10.94 7.16
CA THR F 115 -14.21 -10.15 5.96
C THR F 115 -15.54 -9.72 5.32
N ALA F 116 -16.50 -10.64 5.31
CA ALA F 116 -17.81 -10.33 4.77
C ALA F 116 -18.40 -9.13 5.50
N CYS F 117 -18.37 -9.17 6.83
CA CYS F 117 -18.91 -8.08 7.63
C CYS F 117 -18.12 -6.80 7.44
N ALA F 118 -16.80 -6.90 7.43
CA ALA F 118 -15.97 -5.72 7.26
C ALA F 118 -16.24 -5.04 5.91
N VAL F 119 -16.11 -5.81 4.83
CA VAL F 119 -16.31 -5.27 3.49
C VAL F 119 -17.71 -4.68 3.26
N ALA F 120 -18.73 -5.27 3.89
CA ALA F 120 -20.09 -4.77 3.77
C ALA F 120 -20.09 -3.41 4.47
N ALA F 121 -19.43 -3.32 5.62
CA ALA F 121 -19.36 -2.07 6.36
C ALA F 121 -18.60 -1.03 5.54
N LEU F 122 -17.57 -1.47 4.81
CA LEU F 122 -16.79 -0.57 3.96
C LEU F 122 -17.69 -0.02 2.84
N THR F 123 -18.63 -0.84 2.38
CA THR F 123 -19.56 -0.44 1.34
C THR F 123 -20.54 0.61 1.85
N VAL F 124 -21.04 0.43 3.07
CA VAL F 124 -21.97 1.39 3.65
C VAL F 124 -21.25 2.75 3.68
N TYR F 125 -19.97 2.73 4.02
CA TYR F 125 -19.17 3.94 4.04
C TYR F 125 -19.20 4.53 2.64
N ASP F 126 -18.74 3.76 1.67
CA ASP F 126 -18.73 4.23 0.29
C ASP F 126 -20.08 4.80 -0.15
N MET F 127 -21.16 4.10 0.21
CA MET F 127 -22.53 4.50 -0.14
C MET F 127 -23.09 5.72 0.62
N LEU F 128 -22.34 6.21 1.60
CA LEU F 128 -22.80 7.36 2.37
C LEU F 128 -21.73 8.43 2.60
N LYS F 129 -20.45 8.10 2.38
CA LYS F 129 -19.35 9.05 2.59
C LYS F 129 -19.58 10.43 1.99
N ALA F 130 -20.32 10.49 0.89
CA ALA F 130 -20.62 11.78 0.26
C ALA F 130 -21.36 12.67 1.27
N ALA F 131 -22.28 12.08 2.01
CA ALA F 131 -23.06 12.81 2.99
C ALA F 131 -22.25 13.09 4.26
N SER F 132 -21.33 12.19 4.59
CA SER F 132 -20.52 12.39 5.80
C SER F 132 -19.26 11.53 5.64
N LYS F 133 -18.09 12.16 5.78
CA LYS F 133 -16.82 11.46 5.63
C LYS F 133 -16.47 10.91 7.00
N GLY F 134 -17.16 11.40 8.03
CA GLY F 134 -16.92 11.00 9.40
C GLY F 134 -17.48 9.67 9.88
N LEU F 135 -18.19 8.95 9.03
CA LEU F 135 -18.74 7.65 9.44
C LEU F 135 -17.68 6.68 9.94
N VAL F 136 -17.97 5.97 11.02
CA VAL F 136 -17.04 5.02 11.60
C VAL F 136 -17.56 3.58 11.67
N ILE F 137 -16.69 2.65 11.33
CA ILE F 137 -17.02 1.23 11.39
C ILE F 137 -16.47 0.85 12.77
N SER F 138 -17.33 0.89 13.79
CA SER F 138 -16.94 0.65 15.18
C SER F 138 -16.45 -0.73 15.60
N GLN F 139 -17.16 -1.78 15.22
CA GLN F 139 -16.74 -3.11 15.63
C GLN F 139 -16.94 -4.20 14.62
N VAL F 140 -15.91 -5.03 14.47
CA VAL F 140 -15.95 -6.16 13.58
C VAL F 140 -15.44 -7.22 14.52
N ARG F 141 -16.30 -8.15 14.90
CA ARG F 141 -15.92 -9.19 15.85
C ARG F 141 -16.65 -10.51 15.58
N LEU F 142 -16.11 -11.59 16.14
CA LEU F 142 -16.67 -12.92 15.96
C LEU F 142 -17.76 -13.22 17.01
N LEU F 143 -18.92 -13.70 16.55
CA LEU F 143 -20.04 -14.01 17.46
C LEU F 143 -20.16 -15.50 17.76
N HIS F 144 -20.19 -16.30 16.71
CA HIS F 144 -20.29 -17.75 16.87
C HIS F 144 -19.36 -18.50 15.94
N LYS F 145 -19.05 -19.73 16.34
CA LYS F 145 -18.18 -20.60 15.57
C LYS F 145 -18.36 -22.02 16.08
N ALA F 146 -18.59 -22.96 15.16
CA ALA F 146 -18.77 -24.36 15.53
C ALA F 146 -17.98 -25.24 14.56
N GLY F 147 -17.56 -26.39 15.04
CA GLY F 147 -16.80 -27.30 14.21
C GLY F 147 -15.33 -27.04 14.41
N GLY F 148 -14.50 -28.05 14.16
CA GLY F 148 -13.07 -27.90 14.32
C GLY F 148 -12.46 -28.45 15.61
N LYS F 149 -11.14 -28.37 15.71
CA LYS F 149 -10.40 -28.85 16.86
C LYS F 149 -10.69 -28.12 18.18
N SER F 150 -11.52 -27.09 18.13
CA SER F 150 -11.85 -26.35 19.34
C SER F 150 -13.35 -26.32 19.58
N GLY F 151 -14.09 -27.10 18.80
CA GLY F 151 -15.54 -27.15 18.95
C GLY F 151 -16.20 -25.78 18.95
N GLU F 152 -17.38 -25.68 19.54
CA GLU F 152 -18.11 -24.43 19.56
C GLU F 152 -17.39 -23.32 20.36
N TRP F 153 -17.72 -22.08 20.03
CA TRP F 153 -17.15 -20.88 20.66
C TRP F 153 -18.27 -19.86 20.54
N ARG F 154 -18.28 -18.84 21.38
CA ARG F 154 -19.35 -17.87 21.29
C ARG F 154 -19.15 -16.60 22.14
N ARG F 155 -19.36 -15.45 21.52
CA ARG F 155 -19.24 -14.17 22.23
C ARG F 155 -20.57 -13.91 22.93
N ARG G 10 -34.40 -11.67 -0.05
CA ARG G 10 -33.03 -11.15 0.26
C ARG G 10 -31.93 -12.03 -0.36
N PRO G 11 -30.91 -11.40 -0.96
CA PRO G 11 -29.78 -12.10 -1.60
C PRO G 11 -29.01 -13.01 -0.63
N ARG G 12 -28.90 -14.29 -1.01
CA ARG G 12 -28.20 -15.28 -0.20
C ARG G 12 -27.52 -16.38 -1.04
N MET G 13 -26.45 -16.96 -0.51
CA MET G 13 -25.78 -18.08 -1.18
C MET G 13 -26.43 -19.27 -0.50
N VAL G 14 -27.38 -19.91 -1.18
CA VAL G 14 -28.12 -21.05 -0.65
C VAL G 14 -27.33 -22.14 0.09
N ASP G 15 -27.77 -22.42 1.31
CA ASP G 15 -27.17 -23.39 2.20
C ASP G 15 -27.35 -24.83 1.73
N VAL G 16 -26.24 -25.46 1.36
CA VAL G 16 -26.26 -26.83 0.88
C VAL G 16 -25.28 -27.71 1.63
N THR G 17 -24.80 -27.21 2.78
CA THR G 17 -23.82 -27.91 3.62
C THR G 17 -24.08 -29.41 3.83
N GLU G 18 -25.31 -29.76 4.22
CA GLU G 18 -25.64 -31.16 4.48
C GLU G 18 -25.69 -32.08 3.26
N LYS G 19 -25.88 -31.49 2.08
CA LYS G 19 -25.93 -32.27 0.83
C LYS G 19 -24.64 -33.06 0.62
N PRO G 20 -24.75 -34.31 0.11
CA PRO G 20 -23.56 -35.13 -0.12
C PRO G 20 -22.80 -34.72 -1.37
N GLU G 21 -21.50 -34.97 -1.38
CA GLU G 21 -20.66 -34.67 -2.53
C GLU G 21 -21.15 -35.60 -3.62
N THR G 22 -21.27 -35.09 -4.83
CA THR G 22 -21.73 -35.93 -5.95
C THR G 22 -21.21 -35.41 -7.29
N PHE G 23 -20.86 -36.33 -8.17
CA PHE G 23 -20.36 -35.93 -9.48
C PHE G 23 -21.44 -35.10 -10.20
N ARG G 24 -21.02 -33.95 -10.72
CA ARG G 24 -21.91 -33.07 -11.46
C ARG G 24 -21.28 -32.72 -12.81
N THR G 25 -22.12 -32.40 -13.80
CA THR G 25 -21.64 -32.05 -15.13
C THR G 25 -22.58 -31.01 -15.73
N ALA G 26 -22.14 -30.33 -16.79
CA ALA G 26 -22.95 -29.32 -17.45
C ALA G 26 -22.35 -28.93 -18.81
N THR G 27 -23.22 -28.73 -19.79
CA THR G 27 -22.80 -28.39 -21.15
C THR G 27 -23.65 -27.27 -21.72
N ALA G 28 -22.99 -26.22 -22.21
CA ALA G 28 -23.69 -25.08 -22.78
C ALA G 28 -23.13 -24.74 -24.16
N GLU G 29 -23.91 -24.02 -24.94
CA GLU G 29 -23.48 -23.59 -26.27
C GLU G 29 -23.83 -22.13 -26.48
N ALA G 30 -23.14 -21.51 -27.43
CA ALA G 30 -23.35 -20.11 -27.75
C ALA G 30 -22.91 -19.86 -29.19
N PHE G 31 -23.53 -18.90 -29.85
CA PHE G 31 -23.17 -18.57 -31.21
C PHE G 31 -22.86 -17.10 -31.34
N VAL G 32 -22.11 -16.77 -32.38
CA VAL G 32 -21.76 -15.40 -32.68
C VAL G 32 -22.12 -15.25 -34.16
N GLU G 33 -23.05 -14.36 -34.47
CA GLU G 33 -23.42 -14.15 -35.85
C GLU G 33 -22.36 -13.26 -36.51
N LEU G 34 -21.78 -13.76 -37.60
CA LEU G 34 -20.78 -13.02 -38.30
C LEU G 34 -21.35 -12.25 -39.47
N THR G 35 -20.61 -11.23 -39.89
CA THR G 35 -20.98 -10.42 -41.04
C THR G 35 -20.06 -11.00 -42.09
N GLU G 36 -20.07 -10.43 -43.28
CA GLU G 36 -19.19 -10.91 -44.36
C GLU G 36 -17.78 -10.43 -44.06
N GLU G 37 -17.68 -9.17 -43.63
CA GLU G 37 -16.41 -8.56 -43.31
C GLU G 37 -15.71 -9.34 -42.19
N ALA G 38 -16.49 -9.85 -41.25
CA ALA G 38 -15.96 -10.61 -40.13
C ALA G 38 -15.62 -12.02 -40.57
N LEU G 39 -16.54 -12.65 -41.29
CA LEU G 39 -16.34 -14.01 -41.77
C LEU G 39 -15.08 -14.07 -42.63
N SER G 40 -14.83 -13.00 -43.38
CA SER G 40 -13.65 -12.93 -44.24
C SER G 40 -12.40 -12.83 -43.41
N ALA G 41 -12.43 -11.94 -42.42
CA ALA G 41 -11.30 -11.75 -41.52
C ALA G 41 -10.92 -13.10 -40.90
N LEU G 42 -11.92 -13.80 -40.36
CA LEU G 42 -11.68 -15.09 -39.75
C LEU G 42 -10.90 -16.03 -40.66
N GLU G 43 -11.46 -16.25 -41.85
CA GLU G 43 -10.87 -17.13 -42.85
C GLU G 43 -9.46 -16.70 -43.21
N LYS G 44 -9.06 -15.51 -42.79
CA LYS G 44 -7.72 -14.99 -43.08
C LYS G 44 -6.84 -14.70 -41.86
N GLY G 45 -6.97 -15.52 -40.83
CA GLY G 45 -6.14 -15.33 -39.64
C GLY G 45 -6.64 -14.32 -38.62
N GLY G 46 -7.76 -13.65 -38.91
CA GLY G 46 -8.29 -12.69 -37.96
C GLY G 46 -8.32 -11.23 -38.36
N VAL G 47 -8.31 -10.36 -37.34
CA VAL G 47 -8.35 -8.91 -37.51
C VAL G 47 -6.95 -8.29 -37.41
N GLY G 48 -6.07 -8.96 -36.69
CA GLY G 48 -4.71 -8.46 -36.51
C GLY G 48 -4.31 -8.60 -35.05
N LYS G 49 -5.16 -9.28 -34.29
CA LYS G 49 -4.94 -9.52 -32.86
C LYS G 49 -4.67 -11.00 -32.56
N GLY G 50 -4.82 -11.84 -33.58
CA GLY G 50 -4.57 -13.27 -33.40
C GLY G 50 -5.71 -14.14 -33.89
N ASP G 51 -5.50 -15.46 -33.88
CA ASP G 51 -6.53 -16.39 -34.31
C ASP G 51 -7.68 -16.25 -33.34
N PRO G 52 -8.81 -15.71 -33.81
CA PRO G 52 -10.01 -15.48 -33.02
C PRO G 52 -10.55 -16.70 -32.28
N LEU G 53 -10.50 -17.86 -32.92
CA LEU G 53 -11.03 -19.07 -32.30
C LEU G 53 -10.22 -19.65 -31.15
N VAL G 54 -8.90 -19.50 -31.21
CA VAL G 54 -8.03 -20.05 -30.18
C VAL G 54 -8.08 -19.22 -28.90
N VAL G 55 -7.87 -17.91 -29.05
CA VAL G 55 -7.91 -17.03 -27.92
C VAL G 55 -9.26 -17.17 -27.26
N ALA G 56 -10.31 -17.19 -28.08
CA ALA G 56 -11.66 -17.34 -27.57
C ALA G 56 -11.73 -18.56 -26.66
N GLN G 57 -11.53 -19.74 -27.27
CA GLN G 57 -11.56 -21.02 -26.58
C GLN G 57 -10.79 -21.04 -25.26
N LEU G 58 -9.61 -20.44 -25.25
CA LEU G 58 -8.79 -20.39 -24.03
C LEU G 58 -9.47 -19.50 -23.00
N ALA G 59 -10.08 -18.42 -23.48
CA ALA G 59 -10.77 -17.49 -22.60
C ALA G 59 -11.94 -18.17 -21.90
N GLY G 60 -12.48 -19.22 -22.52
CA GLY G 60 -13.60 -19.94 -21.95
C GLY G 60 -13.20 -20.84 -20.80
N ILE G 61 -12.07 -21.51 -20.96
CA ILE G 61 -11.58 -22.40 -19.91
C ILE G 61 -11.29 -21.53 -18.68
N LEU G 62 -10.61 -20.41 -18.89
CA LEU G 62 -10.29 -19.50 -17.79
C LEU G 62 -11.57 -18.91 -17.22
N ALA G 63 -12.54 -18.63 -18.08
CA ALA G 63 -13.81 -18.07 -17.60
C ALA G 63 -14.53 -19.03 -16.67
N ALA G 64 -14.46 -20.33 -16.98
CA ALA G 64 -15.11 -21.34 -16.16
C ALA G 64 -14.56 -21.34 -14.73
N LYS G 65 -13.26 -21.15 -14.60
CA LYS G 65 -12.63 -21.13 -13.29
C LYS G 65 -12.88 -19.84 -12.53
N LYS G 66 -13.50 -18.86 -13.18
CA LYS G 66 -13.74 -17.59 -12.55
C LYS G 66 -15.23 -17.33 -12.32
N THR G 67 -16.06 -18.28 -12.69
CA THR G 67 -17.50 -18.15 -12.54
C THR G 67 -17.93 -17.63 -11.17
N ALA G 68 -17.45 -18.30 -10.12
CA ALA G 68 -17.80 -17.92 -8.75
C ALA G 68 -17.55 -16.44 -8.48
N ASP G 69 -16.56 -15.89 -9.17
CA ASP G 69 -16.22 -14.48 -9.00
C ASP G 69 -17.14 -13.52 -9.76
N LEU G 70 -17.79 -14.02 -10.81
CA LEU G 70 -18.69 -13.21 -11.64
C LEU G 70 -20.17 -13.27 -11.27
N ILE G 71 -20.63 -14.43 -10.82
CA ILE G 71 -22.03 -14.61 -10.43
C ILE G 71 -22.08 -14.57 -8.91
N PRO G 72 -22.65 -13.50 -8.34
CA PRO G 72 -22.79 -13.25 -6.89
C PRO G 72 -23.12 -14.39 -5.92
N LEU G 73 -24.21 -15.13 -6.13
CA LEU G 73 -24.55 -16.20 -5.19
C LEU G 73 -23.96 -17.55 -5.57
N CYS G 74 -23.28 -17.57 -6.70
CA CYS G 74 -22.65 -18.80 -7.20
C CYS G 74 -21.70 -19.41 -6.17
N HIS G 75 -21.77 -20.73 -6.01
CA HIS G 75 -20.93 -21.45 -5.06
C HIS G 75 -19.50 -21.70 -5.56
N PRO G 76 -18.51 -21.45 -4.71
CA PRO G 76 -17.14 -21.71 -5.18
C PRO G 76 -16.91 -23.21 -5.09
N LEU G 77 -16.28 -23.79 -6.10
CA LEU G 77 -16.03 -25.22 -6.09
C LEU G 77 -14.84 -25.62 -6.98
N PRO G 78 -14.32 -26.84 -6.79
CA PRO G 78 -13.19 -27.31 -7.58
C PRO G 78 -13.63 -28.00 -8.86
N LEU G 79 -13.29 -27.40 -9.99
CA LEU G 79 -13.65 -27.96 -11.28
C LEU G 79 -12.64 -29.05 -11.65
N THR G 80 -13.11 -30.28 -11.81
CA THR G 80 -12.24 -31.40 -12.15
C THR G 80 -12.03 -31.50 -13.65
N GLY G 81 -12.96 -30.93 -14.42
CA GLY G 81 -12.86 -30.98 -15.87
C GLY G 81 -13.60 -29.83 -16.55
N VAL G 82 -13.02 -29.37 -17.64
CA VAL G 82 -13.58 -28.29 -18.44
C VAL G 82 -13.19 -28.53 -19.90
N GLU G 83 -14.21 -28.61 -20.75
CA GLU G 83 -14.02 -28.82 -22.17
C GLU G 83 -14.62 -27.63 -22.89
N VAL G 84 -13.84 -26.97 -23.73
CA VAL G 84 -14.36 -25.83 -24.49
C VAL G 84 -14.08 -26.02 -25.97
N ARG G 85 -15.14 -25.89 -26.77
CA ARG G 85 -15.03 -26.04 -28.21
C ARG G 85 -15.57 -24.82 -28.94
N VAL G 86 -14.77 -24.34 -29.89
CA VAL G 86 -15.10 -23.17 -30.71
C VAL G 86 -14.92 -23.52 -32.19
N GLU G 87 -16.03 -23.72 -32.89
CA GLU G 87 -16.02 -24.07 -34.31
C GLU G 87 -16.66 -23.00 -35.19
N LEU G 88 -16.13 -22.85 -36.41
CA LEU G 88 -16.66 -21.89 -37.37
C LEU G 88 -17.61 -22.61 -38.33
N LEU G 89 -18.79 -22.05 -38.53
CA LEU G 89 -19.76 -22.65 -39.44
C LEU G 89 -19.75 -21.62 -40.58
N LYS G 90 -18.89 -21.83 -41.57
CA LYS G 90 -18.76 -20.90 -42.70
C LYS G 90 -20.09 -20.91 -43.42
N ALA G 91 -20.66 -22.10 -43.60
CA ALA G 91 -21.93 -22.23 -44.30
C ALA G 91 -23.03 -21.37 -43.69
N GLU G 92 -22.89 -21.02 -42.42
CA GLU G 92 -23.89 -20.22 -41.75
C GLU G 92 -23.41 -18.83 -41.32
N LYS G 93 -22.12 -18.52 -41.56
CA LYS G 93 -21.55 -17.24 -41.15
C LYS G 93 -21.78 -17.09 -39.66
N ARG G 94 -21.57 -18.20 -38.94
CA ARG G 94 -21.82 -18.25 -37.51
C ARG G 94 -20.78 -19.09 -36.78
N VAL G 95 -20.34 -18.62 -35.62
CA VAL G 95 -19.37 -19.36 -34.83
C VAL G 95 -20.13 -20.12 -33.74
N ARG G 96 -19.84 -21.40 -33.60
CA ARG G 96 -20.48 -22.22 -32.58
C ARG G 96 -19.51 -22.40 -31.41
N ILE G 97 -20.05 -22.43 -30.19
CA ILE G 97 -19.22 -22.60 -29.00
C ILE G 97 -19.87 -23.55 -28.02
N GLU G 98 -19.20 -24.65 -27.72
CA GLU G 98 -19.73 -25.61 -26.75
C GLU G 98 -18.72 -25.75 -25.62
N ALA G 99 -19.22 -26.07 -24.43
CA ALA G 99 -18.37 -26.24 -23.25
C ALA G 99 -19.01 -27.13 -22.20
N THR G 100 -18.24 -28.07 -21.68
CA THR G 100 -18.71 -28.99 -20.67
C THR G 100 -17.83 -28.85 -19.44
N VAL G 101 -18.47 -28.89 -18.27
CA VAL G 101 -17.78 -28.76 -16.99
C VAL G 101 -18.21 -29.88 -16.05
N LYS G 102 -17.27 -30.37 -15.25
CA LYS G 102 -17.61 -31.42 -14.30
C LYS G 102 -16.86 -31.31 -12.98
N THR G 103 -17.46 -31.82 -11.91
CA THR G 103 -16.86 -31.74 -10.59
C THR G 103 -17.57 -32.71 -9.65
N LYS G 104 -17.21 -32.62 -8.37
CA LYS G 104 -17.84 -33.44 -7.34
C LYS G 104 -18.15 -32.43 -6.25
N ALA G 105 -19.43 -32.12 -6.08
CA ALA G 105 -19.81 -31.13 -5.09
C ALA G 105 -21.31 -31.24 -4.78
N GLU G 106 -21.80 -30.29 -4.00
CA GLU G 106 -23.19 -30.28 -3.60
C GLU G 106 -24.02 -29.38 -4.46
N THR G 107 -23.46 -28.96 -5.58
CA THR G 107 -24.17 -28.03 -6.46
C THR G 107 -23.80 -28.17 -7.95
N GLY G 108 -24.68 -27.68 -8.83
CA GLY G 108 -24.44 -27.80 -10.26
C GLY G 108 -23.38 -26.90 -10.87
N VAL G 109 -22.86 -27.29 -12.03
CA VAL G 109 -21.83 -26.53 -12.71
C VAL G 109 -22.37 -25.88 -13.96
N GLU G 110 -23.65 -25.54 -13.93
CA GLU G 110 -24.30 -24.88 -15.06
C GLU G 110 -23.76 -23.48 -15.29
N MET G 111 -23.56 -22.73 -14.21
CA MET G 111 -23.04 -21.39 -14.36
C MET G 111 -21.68 -21.44 -15.04
N GLU G 112 -20.81 -22.34 -14.57
CA GLU G 112 -19.47 -22.46 -15.15
C GLU G 112 -19.52 -22.70 -16.65
N ALA G 113 -20.37 -23.63 -17.09
CA ALA G 113 -20.53 -23.95 -18.51
C ALA G 113 -21.05 -22.72 -19.26
N MET G 114 -22.16 -22.17 -18.79
CA MET G 114 -22.74 -20.99 -19.41
C MET G 114 -21.73 -19.87 -19.54
N THR G 115 -21.11 -19.49 -18.41
CA THR G 115 -20.14 -18.42 -18.36
C THR G 115 -18.95 -18.67 -19.30
N ALA G 116 -18.57 -19.94 -19.46
CA ALA G 116 -17.47 -20.31 -20.34
C ALA G 116 -17.81 -19.91 -21.78
N CYS G 117 -19.03 -20.22 -22.21
CA CYS G 117 -19.50 -19.91 -23.55
C CYS G 117 -19.72 -18.42 -23.72
N ALA G 118 -20.35 -17.80 -22.73
CA ALA G 118 -20.60 -16.38 -22.82
C ALA G 118 -19.29 -15.61 -23.02
N VAL G 119 -18.30 -15.90 -22.18
CA VAL G 119 -17.02 -15.21 -22.28
C VAL G 119 -16.27 -15.59 -23.56
N ALA G 120 -16.37 -16.86 -23.93
CA ALA G 120 -15.73 -17.31 -25.16
C ALA G 120 -16.32 -16.47 -26.30
N ALA G 121 -17.64 -16.30 -26.28
CA ALA G 121 -18.33 -15.51 -27.29
C ALA G 121 -17.82 -14.07 -27.27
N LEU G 122 -17.74 -13.49 -26.08
CA LEU G 122 -17.27 -12.13 -25.89
C LEU G 122 -15.87 -11.94 -26.45
N THR G 123 -15.04 -12.96 -26.30
CA THR G 123 -13.67 -12.90 -26.80
C THR G 123 -13.71 -12.91 -28.32
N VAL G 124 -14.52 -13.80 -28.90
CA VAL G 124 -14.65 -13.86 -30.34
C VAL G 124 -14.97 -12.44 -30.79
N TYR G 125 -16.01 -11.89 -30.18
CA TYR G 125 -16.43 -10.54 -30.48
C TYR G 125 -15.20 -9.64 -30.47
N ASP G 126 -14.54 -9.58 -29.32
CA ASP G 126 -13.36 -8.76 -29.17
C ASP G 126 -12.34 -9.01 -30.29
N MET G 127 -12.21 -10.26 -30.72
CA MET G 127 -11.25 -10.60 -31.78
C MET G 127 -11.64 -10.06 -33.16
N LEU G 128 -12.93 -9.74 -33.37
CA LEU G 128 -13.39 -9.23 -34.66
C LEU G 128 -14.12 -7.88 -34.70
N LYS G 129 -14.44 -7.31 -33.55
CA LYS G 129 -15.16 -6.04 -33.52
C LYS G 129 -14.53 -4.88 -34.30
N ALA G 130 -13.29 -5.05 -34.72
CA ALA G 130 -12.61 -4.03 -35.50
C ALA G 130 -13.13 -4.13 -36.95
N ALA G 131 -13.64 -5.29 -37.32
CA ALA G 131 -14.17 -5.52 -38.66
C ALA G 131 -15.64 -5.14 -38.72
N SER G 132 -16.42 -5.65 -37.77
CA SER G 132 -17.85 -5.37 -37.69
C SER G 132 -18.25 -5.26 -36.23
N LYS G 133 -18.71 -4.08 -35.82
CA LYS G 133 -19.11 -3.88 -34.44
C LYS G 133 -20.55 -4.29 -34.23
N GLY G 134 -21.19 -4.81 -35.29
CA GLY G 134 -22.56 -5.22 -35.19
C GLY G 134 -22.68 -6.70 -34.90
N LEU G 135 -21.54 -7.36 -34.77
CA LEU G 135 -21.56 -8.80 -34.48
C LEU G 135 -22.45 -9.00 -33.27
N VAL G 136 -23.19 -10.09 -33.25
CA VAL G 136 -24.07 -10.32 -32.12
C VAL G 136 -23.82 -11.66 -31.48
N ILE G 137 -23.76 -11.68 -30.15
CA ILE G 137 -23.60 -12.92 -29.43
C ILE G 137 -25.05 -13.33 -29.32
N SER G 138 -25.39 -14.50 -29.83
CA SER G 138 -26.77 -14.94 -29.75
C SER G 138 -26.96 -16.32 -29.15
N GLN G 139 -28.06 -16.45 -28.44
CA GLN G 139 -28.45 -17.70 -27.81
C GLN G 139 -27.47 -18.52 -26.96
N VAL G 140 -26.91 -17.89 -25.93
CA VAL G 140 -26.05 -18.62 -25.00
C VAL G 140 -27.05 -19.47 -24.24
N ARG G 141 -26.95 -20.78 -24.32
CA ARG G 141 -27.93 -21.61 -23.63
C ARG G 141 -27.42 -22.97 -23.19
N LEU G 142 -28.19 -23.60 -22.30
CA LEU G 142 -27.89 -24.91 -21.75
C LEU G 142 -28.41 -26.07 -22.63
N LEU G 143 -27.57 -27.10 -22.80
CA LEU G 143 -27.92 -28.25 -23.63
C LEU G 143 -28.16 -29.52 -22.80
N HIS G 144 -27.33 -29.71 -21.77
CA HIS G 144 -27.42 -30.88 -20.92
C HIS G 144 -26.88 -30.60 -19.52
N LYS G 145 -27.03 -31.57 -18.61
CA LYS G 145 -26.55 -31.43 -17.24
C LYS G 145 -26.76 -32.77 -16.52
N ALA G 146 -26.07 -32.97 -15.40
CA ALA G 146 -26.19 -34.22 -14.65
C ALA G 146 -25.88 -33.96 -13.20
N GLY G 147 -26.35 -34.86 -12.34
CA GLY G 147 -26.13 -34.73 -10.91
C GLY G 147 -27.26 -33.92 -10.30
N GLY G 148 -27.27 -33.80 -8.98
CA GLY G 148 -28.31 -33.05 -8.34
C GLY G 148 -29.51 -33.89 -7.96
N LYS G 149 -30.50 -33.25 -7.35
CA LYS G 149 -31.71 -33.93 -6.91
C LYS G 149 -32.72 -34.05 -8.05
N SER G 150 -32.31 -33.68 -9.27
CA SER G 150 -33.20 -33.72 -10.41
C SER G 150 -32.72 -34.55 -11.60
N GLY G 151 -31.66 -35.32 -11.40
CA GLY G 151 -31.12 -36.16 -12.47
C GLY G 151 -30.54 -35.40 -13.65
N GLU G 152 -30.86 -35.86 -14.85
CA GLU G 152 -30.36 -35.21 -16.06
C GLU G 152 -31.32 -34.17 -16.62
N TRP G 153 -30.93 -33.61 -17.75
CA TRP G 153 -31.72 -32.60 -18.44
C TRP G 153 -31.11 -32.41 -19.80
N ARG G 154 -31.93 -32.46 -20.84
CA ARG G 154 -31.43 -32.26 -22.19
C ARG G 154 -32.23 -31.13 -22.86
N ARG G 155 -31.78 -30.72 -24.03
CA ARG G 155 -32.43 -29.65 -24.79
C ARG G 155 -33.61 -30.19 -25.62
N ARG H 10 10.73 -0.71 5.57
CA ARG H 10 9.30 -1.13 5.50
C ARG H 10 8.76 -1.08 4.07
N PRO H 11 7.90 -2.03 3.71
CA PRO H 11 7.31 -2.09 2.36
C PRO H 11 6.43 -0.87 2.05
N ARG H 12 6.63 -0.28 0.88
CA ARG H 12 5.84 0.88 0.45
C ARG H 12 5.74 0.93 -1.06
N MET H 13 4.56 1.29 -1.59
CA MET H 13 4.43 1.41 -3.03
C MET H 13 4.91 2.85 -3.20
N VAL H 14 6.15 2.99 -3.66
CA VAL H 14 6.76 4.30 -3.87
C VAL H 14 5.90 5.31 -4.61
N ASP H 15 5.74 6.48 -4.02
CA ASP H 15 4.94 7.56 -4.60
C ASP H 15 5.54 8.15 -5.88
N VAL H 16 4.75 8.16 -6.96
CA VAL H 16 5.19 8.68 -8.25
C VAL H 16 4.21 9.72 -8.77
N THR H 17 3.43 10.29 -7.84
CA THR H 17 2.42 11.29 -8.17
C THR H 17 2.89 12.47 -9.00
N GLU H 18 3.96 13.12 -8.56
CA GLU H 18 4.47 14.28 -9.26
C GLU H 18 5.47 13.95 -10.35
N LYS H 19 5.10 13.02 -11.22
CA LYS H 19 5.98 12.63 -12.31
C LYS H 19 5.14 12.68 -13.58
N PRO H 20 5.76 13.07 -14.71
CA PRO H 20 5.06 13.15 -15.99
C PRO H 20 4.59 11.81 -16.56
N GLU H 21 3.47 11.85 -17.27
CA GLU H 21 2.91 10.65 -17.90
C GLU H 21 3.56 10.57 -19.27
N THR H 22 4.52 9.66 -19.42
CA THR H 22 5.24 9.53 -20.67
C THR H 22 5.26 8.14 -21.29
N PHE H 23 5.95 8.05 -22.43
CA PHE H 23 6.11 6.82 -23.19
C PHE H 23 7.04 5.85 -22.48
N ARG H 24 6.55 4.66 -22.19
CA ARG H 24 7.34 3.65 -21.49
C ARG H 24 7.31 2.34 -22.24
N THR H 25 8.44 1.65 -22.27
CA THR H 25 8.51 0.37 -22.94
C THR H 25 9.64 -0.46 -22.35
N ALA H 26 9.43 -1.77 -22.31
CA ALA H 26 10.42 -2.70 -21.77
C ALA H 26 10.31 -4.05 -22.44
N THR H 27 11.47 -4.64 -22.75
CA THR H 27 11.48 -5.95 -23.37
C THR H 27 12.25 -6.91 -22.47
N ALA H 28 11.78 -8.16 -22.43
CA ALA H 28 12.41 -9.18 -21.60
C ALA H 28 12.39 -10.52 -22.31
N GLU H 29 13.08 -11.51 -21.73
CA GLU H 29 13.09 -12.83 -22.33
C GLU H 29 13.31 -13.91 -21.29
N ALA H 30 12.88 -15.12 -21.62
CA ALA H 30 13.03 -16.27 -20.74
C ALA H 30 13.35 -17.49 -21.59
N PHE H 31 13.92 -18.50 -20.95
CA PHE H 31 14.27 -19.74 -21.62
C PHE H 31 13.77 -20.94 -20.80
N VAL H 32 13.35 -21.97 -21.52
CA VAL H 32 12.89 -23.20 -20.89
C VAL H 32 13.82 -24.30 -21.39
N GLU H 33 14.68 -24.82 -20.51
CA GLU H 33 15.61 -25.89 -20.89
C GLU H 33 14.81 -27.17 -21.09
N LEU H 34 14.79 -27.67 -22.32
CA LEU H 34 14.02 -28.86 -22.64
C LEU H 34 14.77 -30.18 -22.67
N THR H 35 14.20 -31.18 -22.00
CA THR H 35 14.79 -32.52 -21.96
C THR H 35 14.53 -33.09 -23.35
N GLU H 36 14.85 -34.35 -23.55
CA GLU H 36 14.61 -34.98 -24.84
C GLU H 36 13.17 -35.44 -24.91
N GLU H 37 12.66 -35.92 -23.78
CA GLU H 37 11.29 -36.39 -23.67
C GLU H 37 10.32 -35.23 -23.97
N ALA H 38 10.74 -34.00 -23.68
CA ALA H 38 9.90 -32.83 -23.93
C ALA H 38 9.97 -32.35 -25.38
N LEU H 39 11.17 -32.07 -25.87
CA LEU H 39 11.36 -31.60 -27.24
C LEU H 39 10.60 -32.50 -28.19
N SER H 40 10.56 -33.79 -27.86
CA SER H 40 9.88 -34.78 -28.65
C SER H 40 8.38 -34.52 -28.61
N ALA H 41 7.78 -34.67 -27.43
CA ALA H 41 6.36 -34.47 -27.23
C ALA H 41 5.92 -33.12 -27.77
N LEU H 42 6.79 -32.12 -27.61
CA LEU H 42 6.51 -30.76 -28.06
C LEU H 42 6.36 -30.67 -29.58
N GLU H 43 7.19 -31.40 -30.30
CA GLU H 43 7.15 -31.37 -31.76
C GLU H 43 5.93 -32.11 -32.31
N LYS H 44 5.15 -32.71 -31.43
CA LYS H 44 3.98 -33.46 -31.86
C LYS H 44 2.69 -32.97 -31.21
N GLY H 45 2.62 -31.67 -30.95
CA GLY H 45 1.44 -31.10 -30.34
C GLY H 45 1.34 -31.23 -28.83
N GLY H 46 2.46 -31.53 -28.18
CA GLY H 46 2.45 -31.65 -26.74
C GLY H 46 2.03 -33.00 -26.19
N VAL H 47 1.62 -33.01 -24.91
CA VAL H 47 1.21 -34.21 -24.21
C VAL H 47 -0.27 -34.57 -24.30
N GLY H 48 -1.01 -33.88 -25.16
CA GLY H 48 -2.44 -34.14 -25.29
C GLY H 48 -3.21 -33.22 -24.37
N LYS H 49 -2.59 -32.08 -24.08
CA LYS H 49 -3.18 -31.09 -23.20
C LYS H 49 -3.46 -29.85 -24.04
N GLY H 50 -2.75 -29.72 -25.15
CA GLY H 50 -2.91 -28.59 -26.05
C GLY H 50 -1.57 -28.14 -26.59
N ASP H 51 -1.58 -27.26 -27.59
CA ASP H 51 -0.32 -26.78 -28.15
C ASP H 51 0.42 -25.96 -27.10
N PRO H 52 1.62 -26.40 -26.72
CA PRO H 52 2.47 -25.74 -25.71
C PRO H 52 2.73 -24.25 -25.97
N LEU H 53 3.21 -23.95 -27.16
CA LEU H 53 3.55 -22.58 -27.50
C LEU H 53 2.38 -21.62 -27.59
N VAL H 54 1.26 -22.07 -28.14
CA VAL H 54 0.07 -21.22 -28.27
C VAL H 54 -0.46 -20.77 -26.92
N VAL H 55 -0.53 -21.70 -25.97
CA VAL H 55 -1.05 -21.42 -24.64
C VAL H 55 -0.08 -20.58 -23.79
N ALA H 56 1.20 -20.91 -23.86
CA ALA H 56 2.21 -20.18 -23.11
C ALA H 56 2.18 -18.70 -23.47
N GLN H 57 2.12 -18.43 -24.77
CA GLN H 57 2.10 -17.07 -25.27
C GLN H 57 0.88 -16.29 -24.78
N LEU H 58 -0.26 -16.97 -24.62
CA LEU H 58 -1.46 -16.29 -24.15
C LEU H 58 -1.35 -16.01 -22.67
N ALA H 59 -0.80 -16.97 -21.93
CA ALA H 59 -0.62 -16.82 -20.50
C ALA H 59 0.36 -15.67 -20.26
N GLY H 60 1.32 -15.53 -21.16
CA GLY H 60 2.29 -14.45 -21.04
C GLY H 60 1.59 -13.11 -21.05
N ILE H 61 0.77 -12.91 -22.08
CA ILE H 61 0.01 -11.69 -22.23
C ILE H 61 -0.89 -11.46 -21.03
N LEU H 62 -1.65 -12.48 -20.63
CA LEU H 62 -2.53 -12.34 -19.49
C LEU H 62 -1.72 -12.03 -18.23
N ALA H 63 -0.52 -12.59 -18.15
CA ALA H 63 0.36 -12.37 -17.02
C ALA H 63 0.68 -10.88 -16.87
N ALA H 64 1.09 -10.26 -17.96
CA ALA H 64 1.42 -8.84 -17.94
C ALA H 64 0.33 -8.01 -17.28
N LYS H 65 -0.92 -8.32 -17.60
CA LYS H 65 -2.04 -7.58 -17.04
C LYS H 65 -2.21 -7.80 -15.54
N LYS H 66 -1.66 -8.90 -15.03
CA LYS H 66 -1.79 -9.22 -13.62
C LYS H 66 -0.54 -8.94 -12.81
N THR H 67 0.46 -8.34 -13.43
CA THR H 67 1.73 -8.06 -12.73
C THR H 67 1.50 -7.37 -11.39
N ALA H 68 0.64 -6.36 -11.38
CA ALA H 68 0.37 -5.60 -10.15
C ALA H 68 -0.33 -6.45 -9.08
N ASP H 69 -0.90 -7.57 -9.49
CA ASP H 69 -1.56 -8.45 -8.55
C ASP H 69 -0.53 -9.40 -7.91
N LEU H 70 0.52 -9.72 -8.67
CA LEU H 70 1.54 -10.64 -8.19
C LEU H 70 2.69 -9.98 -7.46
N ILE H 71 3.25 -8.93 -8.05
CA ILE H 71 4.34 -8.21 -7.41
C ILE H 71 3.66 -7.21 -6.49
N PRO H 72 3.72 -7.47 -5.17
CA PRO H 72 3.13 -6.64 -4.13
C PRO H 72 3.22 -5.12 -4.23
N LEU H 73 4.43 -4.59 -4.38
CA LEU H 73 4.63 -3.14 -4.42
C LEU H 73 4.57 -2.48 -5.78
N CYS H 74 4.26 -3.25 -6.81
CA CYS H 74 4.19 -2.73 -8.17
C CYS H 74 2.95 -1.79 -8.32
N HIS H 75 3.09 -0.74 -9.14
CA HIS H 75 1.99 0.21 -9.37
C HIS H 75 0.98 -0.32 -10.38
N PRO H 76 -0.33 -0.16 -10.09
CA PRO H 76 -1.32 -0.64 -11.06
C PRO H 76 -1.14 0.27 -12.28
N LEU H 77 -1.15 -0.28 -13.47
CA LEU H 77 -0.95 0.55 -14.67
C LEU H 77 -1.79 0.15 -15.85
N PRO H 78 -2.35 1.13 -16.56
CA PRO H 78 -3.16 0.78 -17.73
C PRO H 78 -2.11 0.54 -18.82
N LEU H 79 -2.14 -0.64 -19.44
CA LEU H 79 -1.16 -1.00 -20.46
C LEU H 79 -1.62 -0.64 -21.86
N THR H 80 -0.79 0.11 -22.59
CA THR H 80 -1.13 0.51 -23.95
C THR H 80 -0.80 -0.57 -24.97
N GLY H 81 0.02 -1.54 -24.59
CA GLY H 81 0.36 -2.60 -25.53
C GLY H 81 1.08 -3.77 -24.90
N VAL H 82 0.79 -4.97 -25.38
CA VAL H 82 1.42 -6.19 -24.87
C VAL H 82 1.71 -7.16 -26.00
N GLU H 83 2.97 -7.47 -26.24
CA GLU H 83 3.30 -8.40 -27.31
C GLU H 83 4.14 -9.54 -26.80
N VAL H 84 3.65 -10.76 -26.96
CA VAL H 84 4.39 -11.94 -26.49
C VAL H 84 4.76 -12.87 -27.65
N ARG H 85 6.03 -13.27 -27.66
CA ARG H 85 6.58 -14.15 -28.68
C ARG H 85 7.14 -15.42 -28.03
N VAL H 86 6.66 -16.59 -28.46
CA VAL H 86 7.13 -17.88 -27.93
C VAL H 86 7.60 -18.75 -29.08
N GLU H 87 8.87 -19.15 -29.07
CA GLU H 87 9.40 -19.97 -30.16
C GLU H 87 10.40 -21.08 -29.78
N LEU H 88 10.30 -22.22 -30.46
CA LEU H 88 11.21 -23.36 -30.22
C LEU H 88 12.50 -23.11 -30.98
N LEU H 89 13.61 -23.40 -30.32
CA LEU H 89 14.92 -23.25 -30.91
C LEU H 89 15.48 -24.65 -30.73
N LYS H 90 15.09 -25.55 -31.63
CA LYS H 90 15.48 -26.96 -31.60
C LYS H 90 16.99 -27.18 -31.40
N ALA H 91 17.80 -26.57 -32.27
CA ALA H 91 19.25 -26.70 -32.19
C ALA H 91 19.78 -26.60 -30.76
N GLU H 92 19.19 -25.70 -29.97
CA GLU H 92 19.64 -25.54 -28.59
C GLU H 92 18.73 -26.24 -27.59
N LYS H 93 17.69 -26.92 -28.08
CA LYS H 93 16.73 -27.62 -27.22
C LYS H 93 16.24 -26.66 -26.15
N ARG H 94 15.94 -25.45 -26.59
CA ARG H 94 15.50 -24.39 -25.71
C ARG H 94 14.24 -23.70 -26.23
N VAL H 95 13.27 -23.51 -25.36
CA VAL H 95 12.07 -22.77 -25.76
C VAL H 95 12.42 -21.32 -25.38
N ARG H 96 12.27 -20.40 -26.32
CA ARG H 96 12.57 -19.00 -26.03
C ARG H 96 11.32 -18.13 -25.99
N ILE H 97 11.25 -17.24 -25.01
CA ILE H 97 10.12 -16.35 -24.87
C ILE H 97 10.62 -14.90 -24.81
N GLU H 98 9.90 -14.00 -25.48
CA GLU H 98 10.27 -12.58 -25.49
C GLU H 98 8.98 -11.80 -25.35
N ALA H 99 9.02 -10.73 -24.57
CA ALA H 99 7.82 -9.92 -24.39
C ALA H 99 8.14 -8.43 -24.34
N THR H 100 7.29 -7.64 -24.97
CA THR H 100 7.43 -6.18 -24.98
C THR H 100 6.12 -5.57 -24.52
N VAL H 101 6.19 -4.77 -23.45
CA VAL H 101 5.01 -4.10 -22.92
C VAL H 101 5.24 -2.61 -23.03
N LYS H 102 4.14 -1.87 -23.20
CA LYS H 102 4.17 -0.42 -23.31
C LYS H 102 3.00 0.24 -22.56
N THR H 103 3.15 1.54 -22.27
CA THR H 103 2.12 2.28 -21.57
C THR H 103 2.42 3.77 -21.62
N LYS H 104 1.65 4.54 -20.85
CA LYS H 104 1.88 5.97 -20.75
C LYS H 104 1.67 6.29 -19.29
N ALA H 105 2.74 6.25 -18.49
CA ALA H 105 2.58 6.50 -17.08
C ALA H 105 3.85 7.10 -16.47
N GLU H 106 3.88 7.25 -15.15
CA GLU H 106 5.06 7.85 -14.49
C GLU H 106 5.94 6.79 -13.86
N THR H 107 5.77 5.55 -14.32
CA THR H 107 6.55 4.47 -13.76
C THR H 107 6.88 3.48 -14.87
N GLY H 108 7.78 2.54 -14.61
CA GLY H 108 8.17 1.58 -15.64
C GLY H 108 7.31 0.33 -15.83
N VAL H 109 7.61 -0.43 -16.88
CA VAL H 109 6.88 -1.66 -17.19
C VAL H 109 7.79 -2.87 -17.40
N GLU H 110 8.90 -2.88 -16.67
CA GLU H 110 9.85 -3.99 -16.72
C GLU H 110 9.20 -5.22 -16.08
N MET H 111 8.52 -4.99 -14.95
CA MET H 111 7.85 -6.06 -14.22
C MET H 111 6.80 -6.76 -15.07
N GLU H 112 5.98 -6.00 -15.79
CA GLU H 112 4.96 -6.61 -16.65
C GLU H 112 5.66 -7.50 -17.70
N ALA H 113 6.82 -7.04 -18.15
CA ALA H 113 7.63 -7.73 -19.15
C ALA H 113 8.29 -8.98 -18.59
N MET H 114 8.87 -8.88 -17.39
CA MET H 114 9.50 -10.02 -16.76
C MET H 114 8.46 -11.06 -16.38
N THR H 115 7.36 -10.60 -15.79
CA THR H 115 6.27 -11.45 -15.36
C THR H 115 5.58 -12.14 -16.54
N ALA H 116 5.48 -11.45 -17.67
CA ALA H 116 4.87 -12.05 -18.85
C ALA H 116 5.73 -13.20 -19.35
N CYS H 117 7.06 -13.00 -19.34
CA CYS H 117 8.01 -14.02 -19.79
C CYS H 117 8.08 -15.16 -18.81
N ALA H 118 8.15 -14.82 -17.53
CA ALA H 118 8.21 -15.81 -16.47
C ALA H 118 6.96 -16.69 -16.47
N VAL H 119 5.78 -16.09 -16.48
CA VAL H 119 4.56 -16.89 -16.48
C VAL H 119 4.34 -17.61 -17.80
N ALA H 120 4.99 -17.15 -18.86
CA ALA H 120 4.88 -17.80 -20.17
C ALA H 120 5.65 -19.13 -20.04
N ALA H 121 6.90 -19.01 -19.61
CA ALA H 121 7.82 -20.14 -19.39
C ALA H 121 7.17 -21.16 -18.48
N LEU H 122 6.54 -20.66 -17.42
CA LEU H 122 5.85 -21.51 -16.46
C LEU H 122 4.75 -22.30 -17.15
N THR H 123 4.13 -21.70 -18.16
CA THR H 123 3.06 -22.41 -18.87
C THR H 123 3.65 -23.48 -19.79
N VAL H 124 4.77 -23.17 -20.43
CA VAL H 124 5.45 -24.15 -21.27
C VAL H 124 5.70 -25.34 -20.33
N TYR H 125 6.22 -25.05 -19.15
CA TYR H 125 6.49 -26.10 -18.17
C TYR H 125 5.23 -26.94 -17.92
N ASP H 126 4.09 -26.27 -17.74
CA ASP H 126 2.85 -26.97 -17.47
C ASP H 126 2.32 -27.78 -18.66
N MET H 127 2.50 -27.26 -19.86
CA MET H 127 2.03 -27.96 -21.05
C MET H 127 2.94 -29.11 -21.44
N LEU H 128 4.02 -29.31 -20.68
CA LEU H 128 4.98 -30.38 -20.95
C LEU H 128 5.41 -31.21 -19.74
N LYS H 129 5.10 -30.76 -18.53
CA LYS H 129 5.54 -31.50 -17.35
C LYS H 129 5.13 -32.97 -17.28
N ALA H 130 4.13 -33.35 -18.07
CA ALA H 130 3.67 -34.73 -18.08
C ALA H 130 4.73 -35.58 -18.77
N ALA H 131 5.52 -34.92 -19.62
CA ALA H 131 6.58 -35.59 -20.36
C ALA H 131 7.92 -35.53 -19.63
N SER H 132 8.12 -34.52 -18.80
CA SER H 132 9.35 -34.35 -18.04
C SER H 132 9.16 -33.32 -16.97
N LYS H 133 9.62 -33.62 -15.75
CA LYS H 133 9.49 -32.68 -14.65
C LYS H 133 10.79 -31.94 -14.36
N GLY H 134 11.89 -32.46 -14.88
CA GLY H 134 13.18 -31.83 -14.67
C GLY H 134 13.39 -30.66 -15.61
N LEU H 135 12.32 -30.20 -16.27
CA LEU H 135 12.43 -29.05 -17.16
C LEU H 135 12.87 -27.87 -16.31
N VAL H 136 13.50 -26.89 -16.93
CA VAL H 136 14.00 -25.74 -16.17
C VAL H 136 13.78 -24.39 -16.85
N ILE H 137 13.36 -23.39 -16.08
CA ILE H 137 13.20 -22.04 -16.62
C ILE H 137 14.63 -21.56 -16.42
N SER H 138 15.44 -21.51 -17.49
CA SER H 138 16.84 -21.13 -17.29
C SER H 138 17.12 -19.66 -16.97
N GLN H 139 16.57 -18.74 -17.74
CA GLN H 139 16.84 -17.33 -17.46
C GLN H 139 15.77 -16.35 -17.89
N VAL H 140 15.28 -15.57 -16.93
CA VAL H 140 14.31 -14.54 -17.22
C VAL H 140 15.16 -13.31 -16.96
N ARG H 141 15.14 -12.36 -17.88
CA ARG H 141 15.97 -11.17 -17.74
C ARG H 141 15.57 -10.02 -18.65
N LEU H 142 15.75 -8.80 -18.18
CA LEU H 142 15.40 -7.63 -18.98
C LEU H 142 16.40 -7.50 -20.13
N LEU H 143 15.90 -7.11 -21.29
CA LEU H 143 16.73 -6.93 -22.48
C LEU H 143 16.78 -5.47 -22.87
N HIS H 144 15.66 -4.78 -22.71
CA HIS H 144 15.59 -3.37 -23.07
C HIS H 144 14.48 -2.62 -22.36
N LYS H 145 14.69 -1.33 -22.18
CA LYS H 145 13.76 -0.44 -21.52
C LYS H 145 13.95 0.97 -22.06
N ALA H 146 12.88 1.74 -22.09
CA ALA H 146 12.94 3.11 -22.58
C ALA H 146 11.86 3.92 -21.90
N GLY H 147 12.14 5.19 -21.65
CA GLY H 147 11.19 6.05 -20.98
C GLY H 147 11.72 6.34 -19.59
N GLY H 148 11.22 7.39 -18.95
CA GLY H 148 11.71 7.70 -17.61
C GLY H 148 13.03 8.45 -17.62
N LYS H 149 13.34 9.06 -16.49
CA LYS H 149 14.57 9.84 -16.33
C LYS H 149 15.85 9.22 -16.90
N SER H 150 16.23 8.05 -16.41
CA SER H 150 17.45 7.38 -16.88
C SER H 150 17.46 7.04 -18.37
N GLY H 151 16.38 7.36 -19.06
CA GLY H 151 16.31 7.09 -20.48
C GLY H 151 16.38 5.62 -20.85
N GLU H 152 17.02 5.35 -21.99
CA GLU H 152 17.12 4.00 -22.51
C GLU H 152 18.15 3.06 -21.84
N TRP H 153 17.84 1.76 -21.89
CA TRP H 153 18.69 0.72 -21.30
C TRP H 153 18.77 -0.49 -22.23
N ARG H 154 19.92 -1.16 -22.23
CA ARG H 154 20.12 -2.35 -23.06
C ARG H 154 20.89 -3.46 -22.34
N ARG H 155 21.16 -4.55 -23.05
CA ARG H 155 21.87 -5.69 -22.48
C ARG H 155 23.40 -5.58 -22.59
N GLY I 9 -5.16 -31.46 -31.21
CA GLY I 9 -5.68 -31.51 -29.81
C GLY I 9 -5.88 -30.14 -29.17
N ARG I 10 -7.11 -29.65 -29.18
CA ARG I 10 -7.46 -28.35 -28.59
C ARG I 10 -7.17 -28.34 -27.10
N PRO I 11 -6.73 -27.19 -26.55
CA PRO I 11 -6.43 -27.08 -25.13
C PRO I 11 -7.58 -27.68 -24.32
N ARG I 12 -7.26 -28.27 -23.17
CA ARG I 12 -8.30 -28.86 -22.33
C ARG I 12 -7.84 -29.14 -20.91
N MET I 13 -8.59 -28.66 -19.93
CA MET I 13 -8.26 -28.90 -18.54
C MET I 13 -8.56 -30.37 -18.32
N VAL I 14 -7.50 -31.18 -18.22
CA VAL I 14 -7.62 -32.62 -18.04
C VAL I 14 -8.64 -33.01 -16.97
N ASP I 15 -9.55 -33.89 -17.35
CA ASP I 15 -10.59 -34.37 -16.46
C ASP I 15 -10.02 -35.34 -15.42
N VAL I 16 -9.89 -34.85 -14.19
CA VAL I 16 -9.35 -35.68 -13.11
C VAL I 16 -10.42 -36.04 -12.10
N THR I 17 -11.64 -36.27 -12.60
CA THR I 17 -12.79 -36.64 -11.78
C THR I 17 -12.66 -38.05 -11.19
N GLU I 18 -12.16 -38.97 -12.01
CA GLU I 18 -11.99 -40.36 -11.59
C GLU I 18 -10.63 -40.70 -11.02
N LYS I 19 -9.83 -39.70 -10.66
CA LYS I 19 -8.52 -39.96 -10.08
C LYS I 19 -8.60 -39.96 -8.55
N PRO I 20 -7.72 -40.72 -7.89
CA PRO I 20 -7.69 -40.80 -6.43
C PRO I 20 -7.37 -39.48 -5.75
N GLU I 21 -8.02 -39.23 -4.62
CA GLU I 21 -7.82 -38.01 -3.83
C GLU I 21 -6.93 -38.37 -2.65
N THR I 22 -5.62 -38.19 -2.83
CA THR I 22 -4.63 -38.50 -1.80
C THR I 22 -3.79 -37.26 -1.47
N PHE I 23 -2.79 -37.45 -0.61
CA PHE I 23 -1.90 -36.37 -0.22
C PHE I 23 -0.83 -36.02 -1.25
N ARG I 24 -0.85 -34.79 -1.73
CA ARG I 24 0.10 -34.34 -2.74
C ARG I 24 1.11 -33.37 -2.14
N THR I 25 2.34 -33.42 -2.61
CA THR I 25 3.37 -32.54 -2.10
C THR I 25 4.38 -32.23 -3.20
N ALA I 26 4.81 -30.97 -3.27
CA ALA I 26 5.80 -30.55 -4.26
C ALA I 26 6.71 -29.45 -3.71
N THR I 27 7.98 -29.49 -4.16
CA THR I 27 8.99 -28.53 -3.75
C THR I 27 9.76 -28.11 -5.00
N ALA I 28 10.05 -26.82 -5.11
CA ALA I 28 10.78 -26.30 -6.26
C ALA I 28 11.70 -25.19 -5.78
N GLU I 29 12.48 -24.62 -6.67
CA GLU I 29 13.36 -23.54 -6.27
C GLU I 29 13.68 -22.56 -7.38
N ALA I 30 14.20 -21.41 -6.98
CA ALA I 30 14.57 -20.36 -7.91
C ALA I 30 15.79 -19.65 -7.37
N PHE I 31 16.57 -19.04 -8.26
CA PHE I 31 17.75 -18.30 -7.85
C PHE I 31 17.77 -16.95 -8.56
N VAL I 32 18.31 -15.94 -7.89
CA VAL I 32 18.41 -14.62 -8.49
C VAL I 32 19.88 -14.17 -8.45
N GLU I 33 20.47 -14.02 -9.64
CA GLU I 33 21.85 -13.61 -9.81
C GLU I 33 21.99 -12.13 -9.48
N LEU I 34 22.73 -11.81 -8.42
CA LEU I 34 22.90 -10.42 -8.00
C LEU I 34 24.18 -9.79 -8.54
N THR I 35 24.13 -8.49 -8.78
CA THR I 35 25.30 -7.75 -9.25
C THR I 35 25.83 -7.14 -7.95
N GLU I 36 26.98 -6.49 -8.00
CA GLU I 36 27.51 -5.91 -6.78
C GLU I 36 26.59 -4.81 -6.21
N GLU I 37 26.11 -3.93 -7.08
CA GLU I 37 25.22 -2.85 -6.64
C GLU I 37 24.00 -3.48 -5.99
N ALA I 38 23.47 -4.51 -6.63
CA ALA I 38 22.27 -5.20 -6.13
C ALA I 38 22.49 -5.83 -4.75
N LEU I 39 23.61 -6.50 -4.57
CA LEU I 39 23.91 -7.13 -3.29
C LEU I 39 24.05 -6.05 -2.22
N SER I 40 24.89 -5.05 -2.52
CA SER I 40 25.14 -3.95 -1.60
C SER I 40 23.83 -3.35 -1.14
N ALA I 41 22.88 -3.25 -2.07
CA ALA I 41 21.57 -2.70 -1.79
C ALA I 41 20.84 -3.62 -0.82
N LEU I 42 20.83 -4.92 -1.13
CA LEU I 42 20.15 -5.90 -0.30
C LEU I 42 20.68 -5.87 1.13
N GLU I 43 21.99 -5.73 1.28
CA GLU I 43 22.60 -5.70 2.60
C GLU I 43 22.21 -4.48 3.42
N LYS I 44 21.80 -3.41 2.74
CA LYS I 44 21.38 -2.18 3.42
C LYS I 44 19.89 -2.26 3.77
N GLY I 45 19.20 -3.29 3.28
CA GLY I 45 17.79 -3.44 3.57
C GLY I 45 16.87 -3.11 2.41
N GLY I 46 17.42 -3.07 1.19
CA GLY I 46 16.63 -2.78 0.01
C GLY I 46 17.06 -1.48 -0.66
N VAL I 47 16.21 -0.94 -1.53
CA VAL I 47 16.51 0.31 -2.22
C VAL I 47 15.71 1.48 -1.67
N GLY I 48 15.13 1.28 -0.49
CA GLY I 48 14.33 2.30 0.14
C GLY I 48 12.88 2.01 -0.19
N LYS I 49 12.65 0.80 -0.67
CA LYS I 49 11.32 0.35 -1.06
C LYS I 49 10.82 -0.79 -0.15
N GLY I 50 11.63 -1.15 0.85
CA GLY I 50 11.26 -2.21 1.76
C GLY I 50 12.25 -3.37 1.72
N ASP I 51 12.01 -4.38 2.55
CA ASP I 51 12.89 -5.56 2.61
C ASP I 51 12.58 -6.52 1.45
N PRO I 52 13.53 -6.70 0.53
CA PRO I 52 13.34 -7.59 -0.63
C PRO I 52 13.03 -9.04 -0.29
N LEU I 53 13.83 -9.61 0.60
CA LEU I 53 13.66 -10.99 1.00
C LEU I 53 12.32 -11.24 1.68
N VAL I 54 11.95 -10.38 2.61
CA VAL I 54 10.67 -10.55 3.31
C VAL I 54 9.47 -10.43 2.37
N VAL I 55 9.43 -9.34 1.59
CA VAL I 55 8.32 -9.11 0.68
C VAL I 55 8.19 -10.24 -0.34
N ALA I 56 9.33 -10.67 -0.90
CA ALA I 56 9.35 -11.74 -1.89
C ALA I 56 8.75 -13.03 -1.32
N GLN I 57 9.02 -13.32 -0.06
CA GLN I 57 8.50 -14.52 0.56
C GLN I 57 6.97 -14.50 0.67
N LEU I 58 6.41 -13.39 1.12
CA LEU I 58 4.97 -13.30 1.21
C LEU I 58 4.36 -13.36 -0.18
N ALA I 59 5.10 -12.88 -1.18
CA ALA I 59 4.65 -12.88 -2.56
C ALA I 59 4.59 -14.31 -3.06
N GLY I 60 5.48 -15.15 -2.54
CA GLY I 60 5.52 -16.55 -2.94
C GLY I 60 4.28 -17.30 -2.48
N ILE I 61 3.89 -17.07 -1.24
CA ILE I 61 2.73 -17.72 -0.67
C ILE I 61 1.49 -17.33 -1.49
N LEU I 62 1.28 -16.03 -1.64
CA LEU I 62 0.15 -15.49 -2.39
C LEU I 62 0.10 -16.06 -3.80
N ALA I 63 1.26 -16.11 -4.45
CA ALA I 63 1.35 -16.62 -5.80
C ALA I 63 0.90 -18.07 -5.89
N ALA I 64 1.32 -18.90 -4.94
CA ALA I 64 0.93 -20.30 -4.97
C ALA I 64 -0.59 -20.45 -4.95
N LYS I 65 -1.26 -19.49 -4.31
CA LYS I 65 -2.72 -19.48 -4.20
C LYS I 65 -3.39 -18.88 -5.43
N LYS I 66 -2.60 -18.16 -6.25
CA LYS I 66 -3.13 -17.58 -7.46
C LYS I 66 -2.73 -18.39 -8.69
N THR I 67 -2.22 -19.60 -8.47
CA THR I 67 -1.75 -20.44 -9.57
C THR I 67 -2.81 -20.80 -10.60
N ALA I 68 -3.98 -21.26 -10.16
CA ALA I 68 -5.04 -21.63 -11.09
C ALA I 68 -5.44 -20.46 -11.99
N ASP I 69 -5.09 -19.26 -11.54
CA ASP I 69 -5.39 -18.03 -12.26
C ASP I 69 -4.32 -17.74 -13.32
N LEU I 70 -3.07 -17.98 -12.96
CA LEU I 70 -1.97 -17.70 -13.87
C LEU I 70 -1.73 -18.76 -14.93
N ILE I 71 -1.84 -20.04 -14.55
CA ILE I 71 -1.64 -21.11 -15.51
C ILE I 71 -3.00 -21.57 -16.05
N PRO I 72 -3.23 -21.35 -17.36
CA PRO I 72 -4.48 -21.70 -18.03
C PRO I 72 -5.21 -23.03 -17.83
N LEU I 73 -4.51 -24.13 -18.07
CA LEU I 73 -5.12 -25.45 -17.98
C LEU I 73 -4.98 -26.08 -16.61
N CYS I 74 -4.34 -25.35 -15.69
CA CYS I 74 -4.11 -25.81 -14.32
C CYS I 74 -5.42 -25.99 -13.53
N HIS I 75 -5.49 -26.97 -12.64
CA HIS I 75 -6.70 -27.20 -11.85
C HIS I 75 -6.80 -26.32 -10.60
N PRO I 76 -8.02 -25.88 -10.28
CA PRO I 76 -8.29 -25.04 -9.10
C PRO I 76 -8.20 -25.95 -7.86
N LEU I 77 -7.12 -25.84 -7.12
CA LEU I 77 -6.92 -26.68 -5.94
C LEU I 77 -6.88 -25.97 -4.60
N PRO I 78 -7.63 -26.47 -3.62
CA PRO I 78 -7.58 -25.80 -2.31
C PRO I 78 -6.27 -26.32 -1.71
N LEU I 79 -5.38 -25.41 -1.33
CA LEU I 79 -4.09 -25.78 -0.76
C LEU I 79 -4.19 -26.09 0.74
N THR I 80 -3.50 -27.12 1.20
CA THR I 80 -3.53 -27.47 2.62
C THR I 80 -2.31 -26.93 3.37
N GLY I 81 -1.33 -26.43 2.64
CA GLY I 81 -0.14 -25.88 3.26
C GLY I 81 0.83 -25.23 2.29
N VAL I 82 1.38 -24.08 2.68
CA VAL I 82 2.32 -23.38 1.83
C VAL I 82 3.55 -22.94 2.61
N GLU I 83 4.72 -23.37 2.15
CA GLU I 83 5.95 -23.00 2.82
C GLU I 83 6.92 -22.41 1.79
N VAL I 84 7.45 -21.23 2.09
CA VAL I 84 8.38 -20.55 1.20
C VAL I 84 9.60 -20.07 1.98
N ARG I 85 10.78 -20.14 1.34
CA ARG I 85 12.03 -19.72 1.97
C ARG I 85 12.84 -18.85 1.01
N VAL I 86 13.09 -17.61 1.41
CA VAL I 86 13.86 -16.67 0.60
C VAL I 86 15.08 -16.22 1.38
N GLU I 87 16.24 -16.78 1.03
CA GLU I 87 17.48 -16.46 1.73
C GLU I 87 18.58 -15.87 0.87
N LEU I 88 19.52 -15.21 1.53
CA LEU I 88 20.64 -14.59 0.85
C LEU I 88 21.88 -15.48 0.96
N LEU I 89 22.44 -15.84 -0.19
CA LEU I 89 23.65 -16.65 -0.25
C LEU I 89 24.74 -15.65 -0.65
N LYS I 90 25.39 -15.04 0.34
CA LYS I 90 26.41 -14.03 0.08
C LYS I 90 27.54 -14.38 -0.88
N ALA I 91 28.27 -15.45 -0.59
CA ALA I 91 29.39 -15.84 -1.44
C ALA I 91 29.05 -16.00 -2.93
N GLU I 92 27.96 -16.70 -3.23
CA GLU I 92 27.55 -16.93 -4.61
C GLU I 92 26.89 -15.73 -5.27
N LYS I 93 26.50 -14.73 -4.48
CA LYS I 93 25.81 -13.56 -5.02
C LYS I 93 24.51 -14.03 -5.67
N ARG I 94 23.77 -14.83 -4.91
CA ARG I 94 22.50 -15.38 -5.36
C ARG I 94 21.48 -15.27 -4.25
N VAL I 95 20.22 -15.23 -4.64
CA VAL I 95 19.13 -15.20 -3.68
C VAL I 95 18.43 -16.51 -3.99
N ARG I 96 18.28 -17.37 -2.98
CA ARG I 96 17.62 -18.65 -3.22
C ARG I 96 16.19 -18.63 -2.68
N ILE I 97 15.29 -19.25 -3.43
CA ILE I 97 13.89 -19.33 -3.05
C ILE I 97 13.45 -20.79 -3.17
N GLU I 98 12.89 -21.31 -2.09
CA GLU I 98 12.42 -22.69 -2.03
C GLU I 98 10.95 -22.69 -1.61
N ALA I 99 10.13 -23.49 -2.28
CA ALA I 99 8.72 -23.56 -1.93
C ALA I 99 8.18 -24.99 -1.88
N THR I 100 7.43 -25.27 -0.82
CA THR I 100 6.82 -26.57 -0.60
C THR I 100 5.30 -26.40 -0.43
N VAL I 101 4.53 -26.96 -1.36
CA VAL I 101 3.08 -26.88 -1.30
C VAL I 101 2.46 -28.22 -0.93
N LYS I 102 1.39 -28.16 -0.15
CA LYS I 102 0.66 -29.34 0.31
C LYS I 102 -0.82 -29.26 -0.07
N THR I 103 -1.42 -30.43 -0.27
CA THR I 103 -2.84 -30.53 -0.63
C THR I 103 -3.38 -31.96 -0.57
N LYS I 104 -4.70 -32.06 -0.72
CA LYS I 104 -5.44 -33.33 -0.74
C LYS I 104 -6.25 -33.27 -2.02
N ALA I 105 -5.74 -33.87 -3.10
CA ALA I 105 -6.46 -33.78 -4.35
C ALA I 105 -6.15 -34.87 -5.38
N GLU I 106 -6.74 -34.71 -6.55
CA GLU I 106 -6.61 -35.66 -7.66
C GLU I 106 -5.45 -35.25 -8.54
N THR I 107 -4.95 -34.06 -8.30
CA THR I 107 -3.86 -33.63 -9.15
C THR I 107 -2.67 -33.08 -8.40
N GLY I 108 -1.51 -33.10 -9.06
CA GLY I 108 -0.29 -32.64 -8.42
C GLY I 108 -0.15 -31.15 -8.31
N VAL I 109 0.80 -30.72 -7.48
CA VAL I 109 1.02 -29.30 -7.26
C VAL I 109 2.41 -28.78 -7.59
N GLU I 110 3.05 -29.35 -8.60
CA GLU I 110 4.37 -28.87 -8.99
C GLU I 110 4.20 -27.45 -9.52
N MET I 111 3.02 -27.13 -10.05
CA MET I 111 2.74 -25.80 -10.58
C MET I 111 2.70 -24.74 -9.49
N GLU I 112 2.03 -25.05 -8.38
CA GLU I 112 1.95 -24.11 -7.28
C GLU I 112 3.36 -23.85 -6.70
N ALA I 113 4.13 -24.93 -6.54
CA ALA I 113 5.49 -24.80 -6.00
C ALA I 113 6.37 -24.03 -6.98
N MET I 114 6.31 -24.41 -8.25
CA MET I 114 7.08 -23.74 -9.29
C MET I 114 6.66 -22.29 -9.43
N THR I 115 5.36 -22.06 -9.41
CA THR I 115 4.83 -20.71 -9.53
C THR I 115 5.24 -19.83 -8.35
N ALA I 116 5.09 -20.34 -7.14
CA ALA I 116 5.46 -19.56 -5.97
C ALA I 116 6.90 -19.07 -6.10
N CYS I 117 7.80 -19.95 -6.52
CA CYS I 117 9.20 -19.57 -6.67
C CYS I 117 9.37 -18.46 -7.69
N ALA I 118 8.76 -18.63 -8.86
CA ALA I 118 8.84 -17.63 -9.94
C ALA I 118 8.41 -16.24 -9.45
N VAL I 119 7.22 -16.15 -8.88
CA VAL I 119 6.70 -14.88 -8.41
C VAL I 119 7.55 -14.28 -7.28
N ALA I 120 8.11 -15.14 -6.42
CA ALA I 120 8.96 -14.65 -5.34
C ALA I 120 10.24 -14.10 -5.94
N ALA I 121 10.71 -14.74 -7.02
CA ALA I 121 11.92 -14.27 -7.67
C ALA I 121 11.62 -12.93 -8.32
N LEU I 122 10.55 -12.88 -9.11
CA LEU I 122 10.14 -11.65 -9.79
C LEU I 122 10.06 -10.52 -8.79
N THR I 123 9.57 -10.84 -7.59
CA THR I 123 9.43 -9.86 -6.54
C THR I 123 10.80 -9.37 -6.07
N VAL I 124 11.74 -10.30 -5.90
CA VAL I 124 13.10 -9.92 -5.50
C VAL I 124 13.61 -8.91 -6.52
N TYR I 125 13.37 -9.21 -7.80
CA TYR I 125 13.81 -8.34 -8.89
C TYR I 125 13.19 -6.95 -8.78
N ASP I 126 11.92 -6.92 -8.37
CA ASP I 126 11.17 -5.67 -8.21
C ASP I 126 11.71 -4.82 -7.07
N MET I 127 12.09 -5.48 -5.98
CA MET I 127 12.60 -4.81 -4.80
C MET I 127 14.09 -4.45 -4.91
N LEU I 128 14.68 -4.71 -6.08
CA LEU I 128 16.08 -4.40 -6.29
C LEU I 128 16.42 -3.78 -7.66
N LYS I 129 15.51 -3.89 -8.63
CA LYS I 129 15.81 -3.36 -9.96
C LYS I 129 16.26 -1.89 -9.98
N ALA I 130 15.94 -1.15 -8.93
CA ALA I 130 16.35 0.26 -8.88
C ALA I 130 17.87 0.32 -8.81
N ALA I 131 18.47 -0.76 -8.30
CA ALA I 131 19.91 -0.88 -8.17
C ALA I 131 20.49 -1.47 -9.47
N SER I 132 19.83 -2.50 -9.99
CA SER I 132 20.28 -3.13 -11.22
C SER I 132 19.18 -3.80 -12.01
N LYS I 133 18.97 -3.30 -13.22
CA LYS I 133 17.96 -3.82 -14.11
C LYS I 133 18.53 -5.02 -14.85
N GLY I 134 19.76 -5.39 -14.48
CA GLY I 134 20.42 -6.51 -15.11
C GLY I 134 20.27 -7.82 -14.37
N LEU I 135 19.75 -7.75 -13.14
CA LEU I 135 19.52 -8.93 -12.32
C LEU I 135 18.85 -10.02 -13.12
N VAL I 136 19.41 -11.22 -13.07
CA VAL I 136 18.87 -12.34 -13.83
C VAL I 136 18.22 -13.40 -12.97
N ILE I 137 16.98 -13.76 -13.30
CA ILE I 137 16.29 -14.81 -12.58
C ILE I 137 16.76 -16.08 -13.28
N SER I 138 17.38 -16.98 -12.54
CA SER I 138 17.84 -18.18 -13.19
C SER I 138 17.42 -19.47 -12.51
N GLN I 139 17.49 -20.53 -13.29
CA GLN I 139 17.18 -21.87 -12.84
C GLN I 139 15.93 -22.11 -12.02
N VAL I 140 14.75 -21.71 -12.49
CA VAL I 140 13.54 -22.06 -11.74
C VAL I 140 13.35 -23.55 -12.02
N ARG I 141 13.38 -24.39 -10.99
CA ARG I 141 13.25 -25.82 -11.23
C ARG I 141 12.59 -26.60 -10.10
N LEU I 142 12.14 -27.81 -10.43
CA LEU I 142 11.50 -28.68 -9.46
C LEU I 142 12.53 -29.58 -8.80
N LEU I 143 12.37 -29.78 -7.49
CA LEU I 143 13.27 -30.61 -6.72
C LEU I 143 12.67 -31.94 -6.31
N HIS I 144 11.41 -31.91 -5.89
CA HIS I 144 10.74 -33.13 -5.45
C HIS I 144 9.21 -33.08 -5.63
N LYS I 145 8.65 -34.24 -5.97
CA LYS I 145 7.20 -34.40 -6.19
C LYS I 145 6.75 -35.75 -5.65
N ALA I 146 5.61 -35.78 -4.95
CA ALA I 146 5.11 -37.03 -4.38
C ALA I 146 3.60 -37.13 -4.24
N GLY I 147 3.08 -38.33 -4.41
CA GLY I 147 1.65 -38.56 -4.30
C GLY I 147 1.05 -38.99 -5.62
N GLY I 148 -0.22 -39.38 -5.59
CA GLY I 148 -0.89 -39.79 -6.81
C GLY I 148 -0.56 -41.18 -7.29
N LYS I 149 0.08 -41.29 -8.45
CA LYS I 149 0.44 -42.59 -8.99
C LYS I 149 1.88 -42.78 -9.41
N SER I 150 2.45 -41.78 -10.08
CA SER I 150 3.84 -41.87 -10.56
C SER I 150 4.82 -42.01 -9.38
N GLY I 151 4.32 -41.84 -8.17
CA GLY I 151 5.17 -41.98 -6.99
C GLY I 151 6.05 -40.75 -6.82
N GLU I 152 7.02 -40.85 -5.91
CA GLU I 152 7.91 -39.73 -5.66
C GLU I 152 8.73 -39.42 -6.91
N TRP I 153 9.40 -38.28 -6.89
CA TRP I 153 10.26 -37.81 -7.97
C TRP I 153 11.30 -36.92 -7.29
N ARG I 154 12.56 -37.07 -7.68
CA ARG I 154 13.63 -36.26 -7.10
C ARG I 154 14.54 -35.74 -8.20
N ARG I 155 15.24 -34.66 -7.92
CA ARG I 155 16.13 -34.09 -8.91
C ARG I 155 17.51 -34.74 -8.85
N GLU I 156 18.30 -34.48 -9.88
CA GLU I 156 19.65 -35.01 -10.02
C GLU I 156 20.58 -34.58 -8.87
PG GTP J . 24.63 46.42 11.48
O1G GTP J . 24.78 45.30 10.35
O2G GTP J . 23.21 46.87 11.56
O3G GTP J . 25.12 45.74 12.84
O3B GTP J . 25.63 47.62 11.07
PB GTP J . 25.84 48.98 11.93
O1B GTP J . 27.25 49.38 11.83
O2B GTP J . 25.35 48.73 13.30
O3A GTP J . 24.93 50.14 11.28
PA GTP J . 25.10 50.72 9.79
O1A GTP J . 24.09 51.78 9.63
O2A GTP J . 24.97 49.56 8.88
O5' GTP J . 26.62 51.30 9.68
C5' GTP J . 27.09 52.41 10.46
C4' GTP J . 28.17 53.25 9.75
O4' GTP J . 27.64 53.85 8.53
C3' GTP J . 28.65 54.42 10.63
O3' GTP J . 29.85 54.06 11.34
C2' GTP J . 28.90 55.51 9.60
O2' GTP J . 30.17 55.15 8.99
C1' GTP J . 27.73 55.32 8.62
N9 GTP J . 26.31 55.73 9.03
C8 GTP J . 25.57 55.42 10.12
N7 GTP J . 24.35 55.96 10.03
C5 GTP J . 24.30 56.62 8.89
C6 GTP J . 23.29 57.37 8.25
O6 GTP J . 22.19 57.48 8.81
N1 GTP J . 23.57 57.98 6.98
C2 GTP J . 24.84 57.80 6.38
N2 GTP J . 25.13 58.35 5.20
N3 GTP J . 25.79 57.07 7.02
C4 GTP J . 25.55 56.48 8.23
CAC FLC K . 22.39 54.96 12.57
CA FLC K . 21.43 53.75 12.52
CB FLC K . 20.41 53.69 13.70
CBC FLC K . 21.11 54.03 15.04
CG FLC K . 19.80 52.27 13.79
CGC FLC K . 19.07 51.84 12.51
OA1 FLC K . 21.86 56.10 12.50
OA2 FLC K . 23.62 54.71 12.65
OB1 FLC K . 21.75 53.11 15.57
OB2 FLC K . 20.99 55.19 15.51
OG1 FLC K . 19.73 51.28 11.62
OG2 FLC K . 17.67 52.12 12.49
OHB FLC K . 19.33 54.60 13.42
C1 GOL L . 6.70 45.57 -7.27
O1 GOL L . 6.66 46.80 -6.53
C2 GOL L . 5.91 44.42 -6.57
O2 GOL L . 6.85 43.35 -6.34
C3 GOL L . 5.27 44.85 -5.23
O3 GOL L . 4.57 43.76 -4.61
C1 GOL M . -7.47 29.77 -2.03
O1 GOL M . -6.84 28.51 -2.30
C2 GOL M . -6.46 30.96 -2.01
O2 GOL M . -6.57 31.54 -0.70
C3 GOL M . -4.99 30.58 -2.28
O3 GOL M . -4.13 31.74 -2.25
C1 EDO N . 3.40 39.33 10.07
O1 EDO N . 3.10 39.00 11.45
C2 EDO N . 4.83 38.86 9.75
O2 EDO N . 5.78 39.90 9.99
C1 EDO O . 0.92 23.63 1.20
O1 EDO O . 2.21 23.06 0.90
C2 EDO O . 0.51 24.58 0.06
O2 EDO O . -0.38 25.60 0.52
C1 PEG P . 22.43 37.07 15.40
O1 PEG P . 21.61 36.49 14.68
C2 PEG P . 22.13 37.03 16.90
O2 PEG P . 23.21 37.75 17.53
C3 PEG P . 23.99 36.90 18.40
C4 PEG P . 25.20 36.35 17.64
O4 PEG P . 25.68 35.15 18.26
C1 PEG Q . 3.05 27.62 7.51
O1 PEG Q . 2.55 28.34 6.61
C2 PEG Q . 2.32 27.64 8.87
O2 PEG Q . 3.02 26.74 9.76
C3 PEG Q . 2.36 25.48 9.89
C4 PEG Q . 2.70 24.83 11.24
O4 PEG Q . 2.09 23.54 11.31
PG GTP R . 11.92 30.38 25.84
O1G GTP R . 12.28 28.98 25.18
O2G GTP R . 12.18 30.36 27.30
O3G GTP R . 12.86 31.45 25.11
O3B GTP R . 10.37 30.64 25.46
PB GTP R . 9.49 31.94 25.87
O1B GTP R . 8.52 32.16 24.79
O2B GTP R . 10.41 33.06 26.14
O3A GTP R . 8.66 31.58 27.20
PA GTP R . 7.56 30.39 27.29
O1A GTP R . 7.02 30.41 28.68
O2A GTP R . 8.23 29.13 26.87
O5' GTP R . 6.41 30.77 26.21
C5' GTP R . 5.60 31.96 26.36
C4' GTP R . 4.29 31.90 25.56
O4' GTP R . 3.43 30.80 26.04
C3' GTP R . 3.46 33.17 25.72
O3' GTP R . 3.77 34.11 24.66
C2' GTP R . 2.03 32.64 25.63
O2' GTP R . 1.84 32.34 24.22
C1' GTP R . 2.14 31.36 26.47
N9 GTP R . 2.26 31.47 27.99
C8 GTP R . 3.02 32.27 28.79
N7 GTP R . 2.80 32.01 30.06
C5 GTP R . 1.89 31.04 30.14
C6 GTP R . 1.27 30.37 31.20
O6 GTP R . 1.57 30.66 32.37
N1 GTP R . 0.30 29.35 30.91
C2 GTP R . -0.02 29.04 29.55
N2 GTP R . -0.91 28.09 29.25
N3 GTP R . 0.61 29.72 28.55
C4 GTP R . 1.53 30.70 28.81
CAC FLC S . 31.29 -1.17 17.74
CA FLC S . 31.61 -1.83 16.38
CB FLC S . 32.29 -0.97 15.24
CBC FLC S . 33.68 -1.60 14.97
CG FLC S . 32.48 0.57 15.51
CGC FLC S . 31.20 1.43 15.76
OA1 FLC S . 30.12 -0.72 17.86
OA2 FLC S . 32.20 -1.13 18.60
OB1 FLC S . 34.17 -2.34 15.85
OB2 FLC S . 34.23 -1.33 13.88
OG1 FLC S . 30.09 1.02 15.32
OG2 FLC S . 31.41 2.65 16.47
OHB FLC S . 31.47 -1.10 14.07
C1 EDO T . 10.89 7.16 12.16
O1 EDO T . 10.80 7.38 10.75
C2 EDO T . 11.81 5.97 12.42
O2 EDO T . 13.08 6.20 11.79
C1 EDO U . -2.16 18.29 16.41
O1 EDO U . -1.16 17.95 17.39
C2 EDO U . -3.23 19.18 17.06
O2 EDO U . -4.05 19.80 16.07
C1 EDO V . 26.08 24.42 15.28
O1 EDO V . 25.55 25.57 14.62
C2 EDO V . 25.43 24.30 16.68
O2 EDO V . 26.07 25.16 17.64
C1 PEG W . 27.85 16.49 12.56
O1 PEG W . 26.71 16.14 12.85
C2 PEG W . 28.44 15.87 11.28
O2 PEG W . 29.77 16.43 11.12
C3 PEG W . 29.89 17.27 9.96
C4 PEG W . 29.93 18.75 10.38
O4 PEG W . 30.59 18.94 11.64
PG GTP X . -25.52 -22.06 -7.98
O1G GTP X . -25.16 -20.74 -8.81
O2G GTP X . -25.66 -23.20 -8.89
O3G GTP X . -24.30 -22.29 -6.97
O3B GTP X . -26.91 -21.70 -7.18
PB GTP X . -27.72 -22.69 -6.15
O1B GTP X . -28.51 -21.86 -5.23
O2B GTP X . -26.66 -23.55 -5.55
O3A GTP X . -28.74 -23.62 -7.00
PA GTP X . -30.08 -23.08 -7.77
O1A GTP X . -30.70 -24.25 -8.42
O2A GTP X . -29.65 -21.97 -8.66
O5' GTP X . -31.07 -22.51 -6.61
C5' GTP X . -31.60 -23.37 -5.57
C4' GTP X . -32.67 -22.67 -4.71
O4' GTP X . -33.85 -22.29 -5.49
C3' GTP X . -33.21 -23.56 -3.58
O3' GTP X . -32.40 -23.46 -2.41
C2' GTP X . -34.60 -22.97 -3.38
O2' GTP X . -34.38 -21.66 -2.79
C1' GTP X . -35.06 -22.86 -4.85
N9 GTP X . -35.42 -24.16 -5.62
C8 GTP X . -34.87 -25.41 -5.59
N7 GTP X . -35.52 -26.22 -6.43
C5 GTP X . -36.49 -25.52 -7.01
C6 GTP X . -37.48 -25.83 -7.97
O6 GTP X . -37.56 -26.97 -8.43
N1 GTP X . -38.39 -24.81 -8.38
C2 GTP X . -38.28 -23.51 -7.83
N2 GTP X . -39.11 -22.53 -8.19
N3 GTP X . -37.31 -23.25 -6.92
C4 GTP X . -36.43 -24.20 -6.50
CAC FLC Y . -9.41 1.01 -29.97
CA FLC Y . -10.10 0.84 -31.34
CB FLC Y . -10.90 2.10 -31.83
CBC FLC Y . -9.92 3.26 -32.14
CG FLC Y . -11.99 2.57 -30.82
CGC FLC Y . -13.04 1.51 -30.48
OA1 FLC Y . -10.01 0.54 -28.98
OA2 FLC Y . -8.31 1.61 -29.94
OB1 FLC Y . -9.75 3.53 -33.34
OB2 FLC Y . -9.36 3.87 -31.18
OG1 FLC Y . -12.86 0.79 -29.48
OG2 FLC Y . -14.15 1.44 -31.37
OHB FLC Y . -11.59 1.70 -33.03
C1 GOL Z . -28.61 7.27 -18.18
O1 GOL Z . -27.89 8.15 -17.31
C2 GOL Z . -27.85 7.01 -19.50
O2 GOL Z . -28.71 7.48 -20.55
C3 GOL Z . -26.50 7.74 -19.60
O3 GOL Z . -25.87 7.46 -20.86
C1 EDO AA . -29.31 2.80 -20.58
O1 EDO AA . -29.50 3.87 -19.66
C2 EDO AA . -28.08 2.00 -20.15
O2 EDO AA . -26.88 2.76 -20.31
C1 PEG BA . -11.33 -2.33 -17.05
O1 PEG BA . -12.57 -2.43 -17.16
C2 PEG BA . -10.79 -2.39 -15.61
O2 PEG BA . -9.36 -2.26 -15.68
C3 PEG BA . -8.68 -3.52 -15.52
C4 PEG BA . -7.82 -3.48 -14.25
O4 PEG BA . -8.00 -4.67 -13.45
PG GTP CA . -7.38 -19.98 8.69
O1G GTP CA . -7.66 -18.41 8.60
O2G GTP CA . -8.60 -20.68 9.13
O3G GTP CA . -6.94 -20.46 7.22
O3B GTP CA . -6.14 -20.14 9.71
PB GTP CA . -5.47 -21.55 10.12
O1B GTP CA . -4.01 -21.39 9.97
O2B GTP CA . -6.12 -22.60 9.31
O3A GTP CA . -5.78 -21.79 11.69
PA GTP CA . -5.22 -20.84 12.85
O1A GTP CA . -5.70 -21.37 14.14
O2A GTP CA . -5.65 -19.46 12.51
O5' GTP CA . -3.61 -20.94 12.77
C5' GTP CA . -2.92 -22.19 13.02
C4' GTP CA . -1.52 -21.96 13.60
O4' GTP CA . -1.58 -21.31 14.90
C3' GTP CA . -0.77 -23.30 13.84
O3' GTP CA . 0.08 -23.60 12.72
C2' GTP CA . 0.05 -23.00 15.08
O2' GTP CA . 1.15 -22.19 14.58
C1' GTP CA . -0.94 -22.16 15.92
N9 GTP CA . -2.10 -22.86 16.62
C8 GTP CA . -3.00 -23.79 16.20
N7 GTP CA . -3.84 -24.10 17.18
C5 GTP CA . -3.51 -23.37 18.25
C6 GTP CA . -4.01 -23.26 19.58
O6 GTP CA . -4.99 -23.94 19.92
N1 GTP CA . -3.38 -22.35 20.48
C2 GTP CA . -2.26 -21.59 20.05
N2 GTP CA . -1.64 -20.74 20.87
N3 GTP CA . -1.80 -21.73 18.78
C4 GTP CA . -2.39 -22.59 17.89
CAC FLC DA . -14.83 12.16 -4.43
CA FLC DA . -13.84 13.29 -4.06
CB FLC DA . -14.50 14.66 -3.73
CBC FLC DA . -15.40 14.49 -2.47
CG FLC DA . -15.30 15.26 -4.93
CGC FLC DA . -14.46 15.48 -6.24
OA1 FLC DA . -14.95 11.23 -3.59
OA2 FLC DA . -15.42 12.24 -5.53
OB1 FLC DA . -16.55 14.98 -2.52
OB2 FLC DA . -14.92 13.89 -1.48
OG1 FLC DA . -13.96 14.48 -6.79
OG2 FLC DA . -14.36 16.83 -6.70
OHB FLC DA . -13.44 15.58 -3.44
C1 EDO EA . 1.90 6.38 6.93
O1 EDO EA . 2.26 7.43 6.03
C2 EDO EA . 0.50 5.86 6.56
O2 EDO EA . -0.47 6.88 6.81
C1 EDO FA . -5.66 -0.25 -14.20
O1 EDO FA . -6.90 0.25 -13.66
C2 EDO FA . -4.49 0.53 -13.58
O2 EDO FA . -4.81 1.92 -13.54
PG GTP GA . 31.63 8.29 17.72
O1G GTP GA . 30.84 9.27 18.68
O2G GTP GA . 30.69 7.32 17.15
O3G GTP GA . 32.30 9.21 16.61
O3B GTP GA . 32.76 7.61 18.63
PB GTP GA . 33.86 6.55 18.11
O1B GTP GA . 35.12 6.87 18.81
O2B GTP GA . 33.90 6.67 16.64
O3A GTP GA . 33.45 5.04 18.48
PA GTP GA . 33.29 4.48 19.98
O1A GTP GA . 32.99 3.04 19.85
O2A GTP GA . 32.22 5.26 20.64
O5' GTP GA . 34.70 4.75 20.74
C5' GTP GA . 35.95 4.16 20.29
C4' GTP GA . 36.95 3.84 21.44
O4' GTP GA . 36.40 2.83 22.34
C3' GTP GA . 38.26 3.24 20.88
O3' GTP GA . 39.27 4.27 20.75
C2' GTP GA . 38.63 2.22 21.94
O2' GTP GA . 39.19 3.02 23.01
C1' GTP GA . 37.26 1.64 22.34
N9 GTP GA . 36.55 0.69 21.37
C8 GTP GA . 36.27 0.81 20.06
N7 GTP GA . 35.62 -0.26 19.62
C5 GTP GA . 35.47 -1.09 20.64
C6 GTP GA . 34.88 -2.36 20.79
O6 GTP GA . 34.35 -2.89 19.80
N1 GTP GA . 34.90 -2.98 22.06
C2 GTP GA . 35.52 -2.31 23.16
N2 GTP GA . 35.56 -2.88 24.36
N3 GTP GA . 36.09 -1.10 22.98
C4 GTP GA . 36.08 -0.49 21.77
CAC FLC HA . 9.93 32.58 30.59
CA FLC HA . 9.95 32.05 32.04
CB FLC HA . 9.34 33.00 33.14
CBC FLC HA . 8.44 34.13 32.53
CG FLC HA . 10.47 33.62 34.01
CGC FLC HA . 11.42 32.60 34.68
OA1 FLC HA . 10.73 33.49 30.32
OA2 FLC HA . 9.12 32.04 29.80
OB1 FLC HA . 8.90 35.31 32.60
OB2 FLC HA . 7.33 33.82 32.03
OG1 FLC HA . 12.52 32.39 34.15
OG2 FLC HA . 10.93 32.00 35.89
OHB FLC HA . 8.55 32.17 33.99
C1 PEG IA . 21.78 31.48 24.10
O1 PEG IA . 21.91 30.60 24.98
C2 PEG IA . 22.89 31.53 23.04
O2 PEG IA . 22.58 32.60 22.12
C3 PEG IA . 23.45 33.73 22.28
C4 PEG IA . 23.29 34.66 21.09
O4 PEG IA . 22.88 35.98 21.50
PG GTP JA . -16.06 6.37 -5.06
O1G GTP JA . -16.20 5.00 -4.28
O2G GTP JA . -15.16 7.29 -4.34
O3G GTP JA . -15.48 5.99 -6.50
O3B GTP JA . -17.56 6.94 -5.19
PB GTP JA . -17.97 8.31 -5.92
O1B GTP JA . -19.31 8.14 -6.49
O2B GTP JA . -16.88 8.61 -6.86
O3A GTP JA . -18.00 9.50 -4.83
PA GTP JA . -19.06 9.60 -3.62
O1A GTP JA . -18.73 10.83 -2.86
O2A GTP JA . -18.99 8.33 -2.87
O5' GTP JA . -20.52 9.73 -4.32
C5' GTP JA . -20.91 10.84 -5.16
C4' GTP JA . -22.43 10.87 -5.41
O4' GTP JA . -23.17 11.12 -4.15
C3' GTP JA . -22.90 12.01 -6.35
O3' GTP JA . -22.92 11.56 -7.73
C2' GTP JA . -24.30 12.30 -5.81
O2' GTP JA . -25.10 11.16 -6.22
C1' GTP JA . -24.03 12.29 -4.30
N9 GTP JA . -23.29 13.49 -3.70
C8 GTP JA . -22.23 14.22 -4.17
N7 GTP JA . -21.94 15.19 -3.29
C5 GTP JA . -22.78 15.10 -2.28
C6 GTP JA . -22.96 15.84 -1.10
O6 GTP JA . -22.22 16.78 -0.86
N1 GTP JA . -23.99 15.48 -0.19
C2 GTP JA . -24.84 14.37 -0.49
N2 GTP JA . -25.82 13.99 0.34
N3 GTP JA . -24.64 13.68 -1.65
C4 GTP JA . -23.65 14.02 -2.52
CAC FLC KA . -9.26 -22.94 13.34
CA FLC KA . -8.65 -24.27 13.85
CB FLC KA . -9.27 -24.88 15.15
CBC FLC KA . -10.78 -25.15 14.93
CG FLC KA . -9.07 -23.97 16.40
CGC FLC KA . -7.60 -23.61 16.69
OA1 FLC KA . -10.27 -22.47 13.92
OA2 FLC KA . -8.68 -22.42 12.38
OB1 FLC KA . -11.06 -25.82 13.92
OB2 FLC KA . -11.61 -24.67 15.74
OG1 FLC KA . -7.23 -22.47 16.36
OG2 FLC KA . -6.81 -24.62 17.33
OHB FLC KA . -8.58 -26.11 15.38
C1 GOL LA . -35.44 -0.19 13.59
O1 GOL LA . -35.39 1.11 13.00
C2 GOL LA . -34.82 -0.23 15.00
O2 GOL LA . -33.74 -1.16 14.95
C3 GOL LA . -34.28 1.15 15.49
O3 GOL LA . -33.70 1.06 16.80
C1 EDO MA . -28.29 -14.46 9.92
O1 EDO MA . -28.32 -15.88 9.69
C2 EDO MA . -27.16 -13.86 9.10
O2 EDO MA . -25.89 -14.29 9.62
C1 EDO NA . -32.63 2.00 2.65
O1 EDO NA . -32.99 3.34 2.34
C2 EDO NA . -33.89 1.15 2.85
O2 EDO NA . -33.75 -0.14 2.23
C1 PEG OA . -10.66 -20.17 -4.84
O1 PEG OA . -9.99 -19.18 -4.49
C2 PEG OA . -11.99 -20.40 -4.11
O2 PEG OA . -12.59 -21.58 -4.66
C3 PEG OA . -12.52 -22.68 -3.75
C4 PEG OA . -12.72 -23.99 -4.54
O4 PEG OA . -11.46 -24.62 -4.80
PG GTP PA . -9.81 -3.52 -27.10
O1G GTP PA . -10.54 -4.86 -26.65
O2G GTP PA . -10.82 -2.47 -27.33
O3G GTP PA . -8.82 -3.12 -25.89
O3B GTP PA . -8.96 -3.90 -28.45
PB GTP PA . -8.00 -2.89 -29.30
O1B GTP PA . -6.81 -3.63 -29.73
O2B GTP PA . -7.75 -1.71 -28.44
O3A GTP PA . -8.81 -2.38 -30.65
PA GTP PA . -9.29 -3.30 -31.92
O1A GTP PA . -9.98 -2.40 -32.86
O2A GTP PA . -10.13 -4.39 -31.34
O5' GTP PA . -7.95 -3.93 -32.63
C5' GTP PA . -6.95 -3.09 -33.26
C4' GTP PA . -5.96 -3.87 -34.18
O4' GTP PA . -6.64 -4.51 -35.30
C3' GTP PA . -4.90 -2.95 -34.81
O3' GTP PA . -3.68 -2.93 -34.05
C2' GTP PA . -4.68 -3.58 -36.18
O2' GTP PA . -3.83 -4.73 -35.94
C1' GTP PA . -6.11 -3.98 -36.56
N9 GTP PA . -7.12 -2.91 -36.92
C8 GTP PA . -7.15 -1.58 -36.64
N7 GTP PA . -8.27 -1.03 -37.12
C5 GTP PA . -8.97 -2.00 -37.71
C6 GTP PA . -10.21 -2.03 -38.39
O6 GTP PA . -10.87 -1.00 -38.48
N1 GTP PA . -10.69 -3.27 -38.93
C2 GTP PA . -9.91 -4.44 -38.79
N2 GTP PA . -10.32 -5.60 -39.29
N3 GTP PA . -8.71 -4.38 -38.13
C4 GTP PA . -8.23 -3.20 -37.61
CAC FLC QA . -32.49 -28.27 -9.55
CA FLC QA . -31.21 -28.20 -8.67
CB FLC QA . -30.31 -29.48 -8.64
CBC FLC QA . -30.44 -30.07 -7.22
CG FLC QA . -28.83 -29.14 -8.94
CGC FLC QA . -28.57 -28.58 -10.35
OA1 FLC QA . -32.93 -27.18 -9.96
OA2 FLC QA . -33.01 -29.39 -9.77
OB1 FLC QA . -29.42 -30.02 -6.48
OB2 FLC QA . -31.55 -30.57 -6.90
OG1 FLC QA . -29.16 -27.54 -10.71
OG2 FLC QA . -27.64 -29.33 -11.13
OHB FLC QA . -30.73 -30.42 -9.63
C1 EDO RA . -17.33 -29.95 -26.67
O1 EDO RA . -16.09 -30.64 -26.85
C2 EDO RA . -17.75 -30.07 -25.20
O2 EDO RA . -17.91 -31.45 -24.84
C1 EDO SA . -15.88 -21.39 -10.28
O1 EDO SA . -15.16 -20.15 -10.36
C2 EDO SA . -15.19 -22.32 -9.28
O2 EDO SA . -15.09 -21.71 -7.98
C1 EDO TA . -31.94 -29.56 -29.80
O1 EDO TA . -31.52 -28.19 -29.85
C2 EDO TA . -32.22 -30.06 -31.22
O2 EDO TA . -31.99 -31.47 -31.33
C1 EDO UA . -10.71 -16.03 -8.64
O1 EDO UA . -10.85 -17.45 -8.48
C2 EDO UA . -10.87 -15.67 -10.13
O2 EDO UA . -10.68 -14.27 -10.36
PG GTP VA . -2.08 -29.45 -13.67
O1G GTP VA . -1.41 -28.05 -14.09
O2G GTP VA . -1.30 -30.09 -12.60
O3G GTP VA . -3.56 -29.08 -13.17
O3B GTP VA . -2.14 -30.32 -15.04
PB GTP VA . -2.75 -31.82 -15.15
O1B GTP VA . -3.41 -31.96 -16.45
O2B GTP VA . -3.59 -32.01 -13.94
O3A GTP VA . -1.47 -32.82 -15.10
PA GTP VA . -0.32 -32.94 -16.25
O1A GTP VA . 0.66 -33.95 -15.77
O2A GTP VA . 0.22 -31.58 -16.49
O5' GTP VA . -1.05 -33.53 -17.59
C5' GTP VA . -1.69 -34.83 -17.57
C4' GTP VA . -2.12 -35.35 -18.96
O4' GTP VA . -0.98 -35.57 -19.87
C3' GTP VA . -2.84 -36.72 -18.90
O3' GTP VA . -4.26 -36.56 -18.73
C2' GTP VA . -2.49 -37.33 -20.26
O2' GTP VA . -3.29 -36.60 -21.21
C1' GTP VA . -0.99 -36.97 -20.36
N9 GTP VA . 0.00 -37.75 -19.48
C8 GTP VA . -0.10 -38.19 -18.20
N7 GTP VA . 1.02 -38.83 -17.84
C5 GTP VA . 1.86 -38.81 -18.88
C6 GTP VA . 3.16 -39.30 -19.09
O6 GTP VA . 3.73 -39.91 -18.18
N1 GTP VA . 3.78 -39.10 -20.36
C2 GTP VA . 3.08 -38.39 -21.38
N2 GTP VA . 3.65 -38.19 -22.57
N3 GTP VA . 1.83 -37.92 -21.15
C4 GTP VA . 1.21 -38.11 -19.93
CAC FLC WA . 12.07 2.89 -14.47
CA FLC WA . 12.78 3.57 -13.30
CB FLC WA . 13.56 4.86 -13.70
CBC FLC WA . 15.05 4.67 -13.32
CG FLC WA . 12.99 6.11 -12.97
CGC FLC WA . 11.51 6.42 -13.30
OA1 FLC WA . 12.46 1.74 -14.75
OA2 FLC WA . 11.17 3.51 -15.04
OB1 FLC WA . 15.29 4.33 -12.13
OB2 FLC WA . 15.90 4.84 -14.20
OG1 FLC WA . 10.62 5.78 -12.69
OG2 FLC WA . 11.28 7.43 -14.29
OHB FLC WA . 13.43 5.10 -15.12
C1 GOL XA . 1.50 -19.04 -30.59
O1 GOL XA . 0.88 -18.21 -31.59
C2 GOL XA . 2.86 -18.47 -30.14
O2 GOL XA . 3.85 -19.49 -30.42
C3 GOL XA . 3.25 -17.17 -30.86
O3 GOL XA . 4.52 -16.70 -30.40
C1 EDO YA . 7.60 -8.89 -29.68
O1 EDO YA . 7.40 -10.24 -29.24
C2 EDO YA . 8.91 -8.36 -29.07
O2 EDO YA . 9.11 -8.89 -27.75
C1 EDO ZA . 4.87 -26.21 -30.96
O1 EDO ZA . 3.52 -26.66 -30.91
C2 EDO ZA . 5.67 -27.04 -31.99
O2 EDO ZA . 5.91 -26.29 -33.18
C1 PEG AB . -0.91 -4.10 -14.02
O1 PEG AB . -0.08 -4.57 -14.82
C2 PEG AB . -2.20 -3.58 -14.64
O2 PEG AB . -3.01 -3.09 -13.57
C3 PEG AB . -4.14 -3.95 -13.32
C4 PEG AB . -4.23 -4.26 -11.82
O4 PEG AB . -4.51 -3.07 -11.06
PG GTP BB . 7.27 -0.59 -9.70
O1G GTP BB . 7.16 -2.11 -9.23
O2G GTP BB . 7.76 -0.54 -11.09
O3G GTP BB . 5.80 0.04 -9.59
O3B GTP BB . 8.28 0.11 -8.63
PB GTP BB . 8.70 1.67 -8.60
O1B GTP BB . 8.82 2.09 -7.19
O2B GTP BB . 7.70 2.37 -9.42
O3A GTP BB . 10.16 1.84 -9.31
PA GTP BB . 11.55 1.24 -8.72
O1A GTP BB . 12.63 1.65 -9.67
O2A GTP BB . 11.36 -0.21 -8.54
O5' GTP BB . 11.80 1.93 -7.25
C5' GTP BB . 12.00 3.35 -7.05
C4' GTP BB . 12.45 3.64 -5.60
O4' GTP BB . 13.73 3.02 -5.27
C3' GTP BB . 12.64 5.14 -5.28
O3' GTP BB . 11.43 5.75 -4.83
C2' GTP BB . 13.70 5.08 -4.19
O2' GTP BB . 13.00 4.59 -3.01
C1' GTP BB . 14.66 4.04 -4.78
N9 GTP BB . 15.54 4.45 -5.97
C8 GTP BB . 15.30 5.27 -7.02
N7 GTP BB . 16.38 5.36 -7.80
C5 GTP BB . 17.33 4.60 -7.27
C6 GTP BB . 18.66 4.31 -7.64
O6 GTP BB . 19.14 4.81 -8.66
N1 GTP BB . 19.44 3.43 -6.82
C2 GTP BB . 18.86 2.87 -5.65
N2 GTP BB . 19.57 2.05 -4.87
N3 GTP BB . 17.57 3.18 -5.32
C4 GTP BB . 16.81 4.02 -6.09
CAC FLC CB . -1.43 -35.78 -12.02
CA FLC CB . -1.05 -37.11 -11.33
CB FLC CB . 0.47 -37.46 -11.40
CBC FLC CB . 0.57 -38.80 -12.14
CG FLC CB . 1.09 -37.60 -9.99
CGC FLC CB . 1.11 -36.32 -9.10
OA1 FLC CB . -1.99 -34.93 -11.29
OA2 FLC CB . -1.17 -35.65 -13.24
OB1 FLC CB . 0.29 -39.83 -11.47
OB2 FLC CB . 0.91 -38.78 -13.35
OG1 FLC CB . 0.24 -35.44 -9.29
OG2 FLC CB . 2.13 -36.28 -8.11
OHB FLC CB . 1.20 -36.42 -12.09
C1 EDO DB . 10.11 -24.94 3.07
O1 EDO DB . 9.24 -25.60 3.99
C2 EDO DB . 10.79 -26.00 2.19
O2 EDO DB . 10.79 -25.59 0.82
C1 EDO EB . 17.92 -8.19 3.66
O1 EDO EB . 17.47 -6.84 3.52
C2 EDO EB . 18.68 -8.33 4.98
O2 EDO EB . 17.82 -8.88 5.99
#